data_8AYH
#
_entry.id   8AYH
#
_cell.length_a   1.00
_cell.length_b   1.00
_cell.length_c   1.00
_cell.angle_alpha   90.00
_cell.angle_beta   90.00
_cell.angle_gamma   90.00
#
_symmetry.space_group_name_H-M   'P 1'
#
loop_
_entity.id
_entity.type
_entity.pdbx_description
1 polymer 'Complement C5 beta chain'
2 polymer 'Complement C5 alpha chain'
3 polymer 'Cobra venom factor'
4 non-polymer '5-methoxy-2-[[(1~{S})-1-(2-methoxyphenyl)ethyl]carbamoylamino]-4-(4-methylpentoxy)benzoic acid'
5 non-polymer 'MAGNESIUM ION'
#
loop_
_entity_poly.entity_id
_entity_poly.type
_entity_poly.pdbx_seq_one_letter_code
_entity_poly.pdbx_strand_id
1 'polypeptide(L)'
;QEQTYVISAPKIFRVGASENIVIQVYGYTEAFDATISIKSYPDKKFSYSSGHVHLSSENKFQNSAILTIQPKQLPGGQNP
VSYVYLEVVSKHFSKSKRMPITYDNGFLFIHTDKPVYTPDQSVKVRVYSLNDDLKPAKRETVLTFIDPEGSEVDMVEEID
HIGIISFPDFKIPSNPRYGMWTIKAKYKEDFSTTGTAYFEVKEYVLPHFSVSIEPEYNFIGYKNFKNFEITIKARYFYNK
VVTEADVYITFGIREDLKDDQKEMMQTAMQNTMLINGIAQVTFDSETAVKELSYYSLEDLNNKYLYIAVTVIESTGGFSE
EAEIPGIKYVLSPYKLNLVATPLFLKPGIPYPIKVQVKDSLDQLVGGVPVTLNAQTIDVNQETSDLDPSKSVTRVDDGVA
SFVLNLPSGVTVLEFNVKTDAPDLPEENQAREGYRAIAYSSLSQSYLYIDWTDNHKALLVGEHLNIIVTPKSPYIDKITH
YNYLILSKGKIIHFGTREKFSDASYQSINIPVTQNMVPSSRLLVYYIVTGEQTAELVSDSVWLNIEEKCGNQLQVHLSPD
ADAYSPGQTVSLNMATGMDSWVALAAVDSAVYGVQRGAKKPLERVFQFLEKSDLGCGAGGGLNNANVFHLAGLTFLTNAN
ADDSQENDEPCKEILRP
;
C
2 'polypeptide(L)'
;TLQKKIEEIAAKYKHSVVKKCCYDGACVNNDETCEQRAARISLGPRCIKAFTECCVVASQLRANISHKDMQLGRLHMKTL
LPVSKPEIRSYFPESWLWEVHLVPRRKQLQFALPDSLTTWEIQGVGISNTGICVADTVKAKVFKDVFLEMNIPYSVVRGE
QIQLKGTVYNYRTSGMQFCVKMSAVEGICTSESPVIDHQGTKSSKCVRQKVEGSSSHLVTFTVLPLEIGLHNINFSLETW
FGKEILVKTLRVVPEGVKRESYSGVTLDPRGIYGTISRRKEFPYRIPLDLVPKTEIKRILSVKGLLVGEILSAVLSQEGI
NILTHLPKGSAEAELMSVVPVFYVFHYLETGNHWNIFHSDPLIEKQKLKKKLKEGMLSIMSYRNADYSYSVWKGGSASTW
LTAFALRVLGQVNKYVEQNQNSICNSLLWLVENYQLDNGSFKENSQYQPIKLQGTLPVEARENSLYLTAFTVIGIRKAFD
ICPLVKIDTALIKADNFLLENTLPAQSTFTLAISAYALSLGDKTHPQFRSIVSALKREALVKGNPPIYRFWKDNLQHKDS
SVPNTGTARMVETTAYALLTSLNLKDINYVNPVIKWLSEEQRYGGGFYSTQDTINAIEGLTEYSLLVKQLRLSMDIDVSY
KHKGALHNYKMTDKNFLGRPVEVLLNDDLIVSTGFGSGLATVHVTTVVHKTSTSEEVCSFYLKIDTQDIEASHYRGYGNS
DYKRIVACASYKPSREESSSGSSHAVMDISLPTGISANEEDLKALVEGVDQLFTDYQIKDGHVILQLNSIPSSDFLCVRF
RIFELFEVGFLSPATFTVYEYHRPDKQCTMFYSTSNIKIQKVCEGAACKCVEADCGQMQEELDLTISAETRKQTACKPEI
AYAYKVSITSITVENVFVKYKATLLDIYKTGEAVAEKDSEITFIKKVTCTNAELVKGRQYLIMGKEALQIKYNFSFRYIY
PLDSLTWIEYWPRDTTCSSCQAFLANLDEFAEDIFLNGC
;
A
3 'polypeptide(L)'
;MERMALYLVAALLIGFPGSSHGALYTLITPAVLRTDTEEQILVEAHGDSTPKQLDIFVHDFPRKQKTLFQTRVDMNPAGG
MLVTPTIEIPAKEVSTDSRQNQYVVVQVTGPQVRLEKVVLLSYQSSFLFIQTDKGIYTPGSPVLYRVFSMDHNTSKMNKT
VIVEFQTPEGILVSSNSVDLNFFWPYNLPDLVSLGTWRIVAKYEHSPENYTAYFDVRKYVLPSFEVRLQPSEKFFYIDGN
ENFHVSITARYLYGEEVEGVAFVLFGVKIDDAKKSIPDSLTRIPIIDGDGKATLKRDTFRSRFPNLNELVGHTLYASVTV
MTESGSDMVVTEQSGIHIVASPYQIHFTKTPKYFKPGMPYELTVYVTNPDGSPAAHVPVVSEAFHSMGTTLSDGTAKLIL
NIPLNAQSLPITVRTNHGDLPRERQATKSMTAIAYQTQGGSGNYLHVAITSTEIKPGDNLPVNFNVKGNANSLKQIKYFT
YLILNKGKIFKVGRQPRRDGQNLVTMNLHITPDLIPSFRFVAYYQVGNNEIVADSVWVDVKDTCMGTLVVKGDNLIQMPG
AAMKIKLEGDPGARVGLVAVDKAVYVLNDKYKISQAKIWDTIEKSDFGCTAGSGQNNLGVFEDAGLALTTSTNLNTKQRS
AAKCPQPANRRRRSSVLLLDSNASKAAEFQDQDLRKCCEDVMHENPMGYTCEKRAKYIQEGDACKAAFLECCRYIKGVRD
ENQRESELFLARDDNEDGFIADSDIISRSDFPKSWLWLTKDLTEEPNSQGISSKTMSFYLRDSITTWVVLAVSFTPTKGI
CVAEPYEIRVMKVFFIDLQMPYSVVKNEQVEIRAILHNYVNEDIYVRVELLYNPAFCSASTKGQRYRQQFPIKALSSRAV
PFVIVPLEQGLHDVEIKASVQEALWSDGVRKKLKVVPEGVQKSIVTIVKLDPRAKGVGGTQLEVIKARKLDDRVPDTEIE
TKIIIQGDPVAQIIENSIDGSKLNHLIITPSGCGEQNMIRMAAPVIATYYLDTTEQWETLGINRRTEAVNQIVTGYAQQM
VYKKADHSYAAFTNRASSSWLTAYVVKVFAMAAKMVAGISHEIICGGVRWLILNRQQPDGAFKENAPVLSGTMQGGIQGA
EEEVYLTAFILVALLESKTICNDYVNSLDSSIKKATNYLLKKYEKLQRPYTTALTAYALAAADQLNDDRVLMAASTGRDH
WEEYNAHTHNIEGTSYALLALLKMKKFDQTGPIVRWLTDQNFYGETYGQTQATVMAFQALAEYEIQMPTHKDLNLDITIE
LPDREVPIRYRINYENALLARTVETKLNQDITVTASGDGKATMTILTFYNAQLQEKANVCNKFHLNVSVENIHLNAMGAK
GALMLKICTRYLGEVDSTMTIIDISMLTGFLPDAEDLTRLSKGVDRYISRYEVDNNMAQKVAVIIYLNKVSHSEDECLHF
KILKHFEVGFIQPGSVKVYSYYNLDEKCTKFYHPDKGTGLLNKICIGNVCRCAGETCSSLNHQERIDVPLQIEKACETNV
DYVYKTKLLRIEEQDGNDIYVMDVLEVIKQGTDENPRAKTHQYISQRKCQEALNLKVNDDYLIWGSRSDLLPTKDKISYI
ITKNTWIERWPHEDECQEEEFQKLCDDFAQFSYTLTEFGCPT
;
B
#
# COMPACT_ATOMS: atom_id res chain seq x y z
N GLU A 2 -60.22 6.33 14.08
CA GLU A 2 -59.34 6.57 15.22
C GLU A 2 -58.18 7.47 14.81
N GLN A 3 -57.85 8.43 15.66
CA GLN A 3 -56.88 9.47 15.37
C GLN A 3 -55.66 9.28 16.26
N THR A 4 -54.56 8.82 15.68
CA THR A 4 -53.29 8.66 16.37
C THR A 4 -52.19 9.36 15.59
N TYR A 5 -51.01 9.41 16.21
CA TYR A 5 -49.87 10.09 15.64
C TYR A 5 -48.62 9.47 16.23
N VAL A 6 -47.56 9.44 15.43
CA VAL A 6 -46.24 9.02 15.89
C VAL A 6 -45.27 10.14 15.54
N ILE A 7 -44.61 10.68 16.55
CA ILE A 7 -43.64 11.75 16.35
C ILE A 7 -42.26 11.22 16.69
N SER A 8 -41.46 10.94 15.68
CA SER A 8 -40.22 10.20 15.84
C SER A 8 -39.05 11.16 15.89
N ALA A 9 -38.28 11.08 16.95
CA ALA A 9 -37.09 11.89 17.17
C ALA A 9 -35.91 10.97 17.41
N PRO A 10 -34.68 11.42 17.16
CA PRO A 10 -33.51 10.64 17.57
C PRO A 10 -33.42 10.51 19.08
N LYS A 11 -32.73 9.46 19.50
CA LYS A 11 -32.75 9.06 20.90
C LYS A 11 -32.07 10.08 21.80
N ILE A 12 -31.06 10.77 21.28
CA ILE A 12 -30.26 11.73 22.03
C ILE A 12 -30.02 12.92 21.11
N PHE A 13 -30.46 14.10 21.55
CA PHE A 13 -30.16 15.31 20.80
C PHE A 13 -28.69 15.65 20.92
N ARG A 14 -28.09 16.07 19.82
CA ARG A 14 -26.70 16.52 19.83
C ARG A 14 -26.68 18.03 19.75
N VAL A 15 -25.88 18.65 20.62
CA VAL A 15 -25.82 20.10 20.70
C VAL A 15 -25.06 20.63 19.50
N GLY A 16 -25.68 21.52 18.74
CA GLY A 16 -25.08 22.05 17.54
C GLY A 16 -25.47 21.32 16.27
N ALA A 17 -26.19 20.21 16.38
CA ALA A 17 -26.61 19.44 15.22
C ALA A 17 -27.85 20.05 14.60
N SER A 18 -28.44 19.33 13.65
CA SER A 18 -29.70 19.72 13.02
C SER A 18 -30.56 18.46 13.00
N GLU A 19 -31.32 18.25 14.07
CA GLU A 19 -32.05 17.01 14.23
C GLU A 19 -33.38 17.08 13.51
N ASN A 20 -33.68 16.04 12.74
CA ASN A 20 -34.91 15.95 11.97
C ASN A 20 -35.98 15.28 12.82
N ILE A 21 -37.11 15.96 13.01
CA ILE A 21 -38.21 15.45 13.81
C ILE A 21 -39.38 15.16 12.88
N VAL A 22 -39.71 13.88 12.75
CA VAL A 22 -40.71 13.43 11.79
C VAL A 22 -42.01 13.19 12.53
N ILE A 23 -43.08 13.84 12.08
CA ILE A 23 -44.42 13.63 12.62
C ILE A 23 -45.30 13.05 11.53
N GLN A 24 -46.01 11.97 11.86
CA GLN A 24 -46.93 11.30 10.93
C GLN A 24 -48.24 11.11 11.68
N VAL A 25 -49.33 11.65 11.15
CA VAL A 25 -50.64 11.50 11.78
C VAL A 25 -51.52 10.66 10.87
N TYR A 26 -52.45 9.92 11.48
CA TYR A 26 -53.31 9.01 10.75
C TYR A 26 -54.75 9.15 11.23
N GLY A 27 -55.68 8.89 10.32
CA GLY A 27 -57.08 8.99 10.66
C GLY A 27 -57.57 10.41 10.77
N TYR A 28 -57.17 11.26 9.83
CA TYR A 28 -57.62 12.64 9.80
C TYR A 28 -58.16 12.96 8.41
N THR A 29 -58.97 14.02 8.34
CA THR A 29 -59.48 14.51 7.07
C THR A 29 -59.27 16.00 6.90
N GLU A 30 -59.44 16.78 7.96
CA GLU A 30 -59.26 18.23 7.92
C GLU A 30 -57.79 18.54 8.15
N ALA A 31 -57.16 19.20 7.19
CA ALA A 31 -55.74 19.54 7.29
C ALA A 31 -55.52 20.57 8.38
N PHE A 32 -54.31 20.54 8.95
CA PHE A 32 -54.02 21.33 10.13
C PHE A 32 -52.50 21.51 10.22
N ASP A 33 -52.04 22.05 11.35
CA ASP A 33 -50.64 22.36 11.53
C ASP A 33 -50.24 22.10 12.97
N ALA A 34 -48.94 21.95 13.19
CA ALA A 34 -48.39 21.68 14.50
C ALA A 34 -47.07 22.41 14.65
N THR A 35 -46.72 22.71 15.89
CA THR A 35 -45.48 23.41 16.22
C THR A 35 -44.62 22.51 17.08
N ILE A 36 -43.56 21.96 16.49
CA ILE A 36 -42.59 21.17 17.23
C ILE A 36 -41.54 22.12 17.77
N SER A 37 -41.36 22.14 19.09
CA SER A 37 -40.47 23.11 19.70
C SER A 37 -39.72 22.45 20.85
N ILE A 38 -38.42 22.72 20.93
CA ILE A 38 -37.61 22.25 22.05
C ILE A 38 -37.57 23.36 23.09
N LYS A 39 -38.12 23.07 24.26
CA LYS A 39 -38.12 23.99 25.38
C LYS A 39 -37.14 23.50 26.44
N SER A 40 -36.85 24.34 27.41
CA SER A 40 -35.84 24.02 28.40
C SER A 40 -36.42 23.13 29.48
N TYR A 41 -35.59 22.81 30.47
CA TYR A 41 -35.92 21.87 31.52
C TYR A 41 -35.32 22.33 32.82
N PRO A 42 -36.04 22.14 33.95
CA PRO A 42 -37.45 21.76 34.05
C PRO A 42 -38.39 22.94 34.19
N ASP A 43 -38.51 23.79 33.17
CA ASP A 43 -39.34 24.98 33.33
C ASP A 43 -40.25 25.26 32.14
N LYS A 44 -39.85 24.78 30.95
CA LYS A 44 -40.44 25.13 29.66
C LYS A 44 -40.52 26.64 29.43
N LYS A 45 -39.57 27.40 29.95
CA LYS A 45 -39.54 28.85 29.76
C LYS A 45 -38.74 29.23 28.53
N PHE A 46 -37.46 28.87 28.50
CA PHE A 46 -36.58 29.24 27.41
C PHE A 46 -36.74 28.24 26.27
N SER A 47 -37.21 28.73 25.12
CA SER A 47 -37.39 27.90 23.94
C SER A 47 -36.14 28.00 23.07
N TYR A 48 -35.48 26.86 22.85
CA TYR A 48 -34.24 26.87 22.10
C TYR A 48 -34.48 27.06 20.62
N SER A 49 -35.32 26.22 20.03
CA SER A 49 -35.74 26.39 18.65
C SER A 49 -37.13 25.81 18.48
N SER A 50 -37.83 26.26 17.46
CA SER A 50 -39.15 25.76 17.13
C SER A 50 -39.24 25.48 15.64
N GLY A 51 -40.35 24.86 15.24
CA GLY A 51 -40.60 24.58 13.85
C GLY A 51 -42.08 24.63 13.58
N HIS A 52 -42.43 24.64 12.30
CA HIS A 52 -43.82 24.67 11.88
C HIS A 52 -44.01 23.65 10.76
N VAL A 53 -44.90 22.70 10.97
CA VAL A 53 -45.16 21.67 9.98
C VAL A 53 -46.60 21.76 9.52
N HIS A 54 -46.81 21.46 8.25
CA HIS A 54 -48.14 21.44 7.66
C HIS A 54 -48.52 20.01 7.36
N LEU A 55 -49.53 19.51 8.07
CA LEU A 55 -49.99 18.14 7.93
C LEU A 55 -51.25 18.19 7.08
N SER A 56 -51.06 18.15 5.76
CA SER A 56 -52.15 18.26 4.81
C SER A 56 -52.26 17.00 3.97
N SER A 57 -53.26 16.97 3.10
CA SER A 57 -53.57 15.76 2.36
C SER A 57 -52.54 15.47 1.27
N GLU A 58 -51.94 16.51 0.70
CA GLU A 58 -50.97 16.28 -0.37
C GLU A 58 -49.67 15.71 0.18
N ASN A 59 -49.36 15.98 1.45
CA ASN A 59 -48.19 15.42 2.11
C ASN A 59 -48.44 14.03 2.66
N LYS A 60 -49.61 13.45 2.42
CA LYS A 60 -50.11 12.22 3.04
C LYS A 60 -50.07 12.30 4.55
N PHE A 61 -50.34 13.51 5.08
CA PHE A 61 -50.35 13.82 6.52
C PHE A 61 -49.01 13.50 7.18
N GLN A 62 -47.91 13.87 6.55
CA GLN A 62 -46.58 13.57 7.05
C GLN A 62 -45.66 14.73 6.72
N ASN A 63 -44.96 15.24 7.72
CA ASN A 63 -44.02 16.32 7.49
C ASN A 63 -42.91 16.23 8.52
N SER A 64 -41.91 17.10 8.39
CA SER A 64 -40.76 17.05 9.27
C SER A 64 -40.16 18.44 9.42
N ALA A 65 -39.91 18.83 10.66
CA ALA A 65 -39.21 20.07 10.96
C ALA A 65 -37.82 19.74 11.44
N ILE A 66 -36.87 20.61 11.12
CA ILE A 66 -35.48 20.43 11.53
C ILE A 66 -35.18 21.39 12.68
N LEU A 67 -34.88 20.82 13.84
CA LEU A 67 -34.61 21.57 15.05
C LEU A 67 -33.12 21.61 15.31
N THR A 68 -32.70 22.52 16.19
CA THR A 68 -31.28 22.74 16.42
C THR A 68 -31.09 23.40 17.78
N ILE A 69 -30.24 22.81 18.62
CA ILE A 69 -29.83 23.41 19.88
C ILE A 69 -28.42 23.96 19.68
N GLN A 70 -28.29 25.28 19.63
CA GLN A 70 -26.97 25.85 19.49
C GLN A 70 -26.24 25.84 20.83
N PRO A 71 -24.91 25.75 20.83
CA PRO A 71 -24.17 25.74 22.11
C PRO A 71 -24.18 27.07 22.83
N LYS A 72 -24.52 28.17 22.16
CA LYS A 72 -24.50 29.49 22.79
C LYS A 72 -25.76 29.78 23.59
N GLN A 73 -26.71 28.85 23.64
CA GLN A 73 -27.94 29.03 24.40
C GLN A 73 -28.04 28.10 25.60
N LEU A 74 -26.93 27.49 26.02
CA LEU A 74 -26.96 26.54 27.11
C LEU A 74 -26.07 27.01 28.25
N PRO A 75 -26.54 26.95 29.51
CA PRO A 75 -25.70 27.37 30.63
C PRO A 75 -24.58 26.38 30.94
N GLY A 76 -23.36 26.75 30.55
CA GLY A 76 -22.19 25.94 30.83
C GLY A 76 -21.52 26.39 32.11
N GLY A 77 -20.30 25.90 32.31
CA GLY A 77 -19.58 26.29 33.50
C GLY A 77 -19.89 25.41 34.68
N GLN A 78 -20.86 25.87 35.49
CA GLN A 78 -21.21 25.18 36.73
C GLN A 78 -21.84 23.81 36.48
N ASN A 79 -22.42 23.61 35.31
CA ASN A 79 -23.01 22.34 34.93
C ASN A 79 -23.13 22.28 33.42
N PRO A 80 -23.27 21.09 32.86
CA PRO A 80 -23.87 20.97 31.54
C PRO A 80 -25.36 20.72 31.65
N VAL A 81 -26.07 21.04 30.58
CA VAL A 81 -27.49 20.73 30.51
C VAL A 81 -27.63 19.25 30.21
N SER A 82 -28.47 18.55 30.96
CA SER A 82 -28.60 17.12 30.80
C SER A 82 -29.92 16.69 30.19
N TYR A 83 -30.94 17.55 30.18
CA TYR A 83 -32.23 17.17 29.62
C TYR A 83 -32.87 18.39 28.98
N VAL A 84 -33.70 18.13 27.96
CA VAL A 84 -34.56 19.14 27.37
C VAL A 84 -35.96 18.53 27.25
N TYR A 85 -36.88 19.33 26.76
CA TYR A 85 -38.22 18.89 26.44
C TYR A 85 -38.48 19.01 24.96
N LEU A 86 -38.75 17.89 24.31
CA LEU A 86 -39.29 17.89 22.95
C LEU A 86 -40.79 18.01 23.12
N GLU A 87 -41.31 19.20 22.85
CA GLU A 87 -42.72 19.49 23.09
C GLU A 87 -43.42 19.74 21.76
N VAL A 88 -44.59 19.13 21.59
CA VAL A 88 -45.40 19.31 20.40
C VAL A 88 -46.76 19.83 20.84
N VAL A 89 -47.28 20.83 20.12
CA VAL A 89 -48.59 21.41 20.39
C VAL A 89 -49.31 21.58 19.05
N SER A 90 -50.54 21.10 18.99
CA SER A 90 -51.44 21.46 17.90
C SER A 90 -52.84 21.56 18.47
N LYS A 91 -53.83 21.69 17.59
CA LYS A 91 -55.21 21.76 18.05
C LYS A 91 -55.80 20.40 18.34
N HIS A 92 -55.08 19.32 18.06
CA HIS A 92 -55.54 17.97 18.35
C HIS A 92 -54.71 17.25 19.41
N PHE A 93 -53.51 17.74 19.73
CA PHE A 93 -52.67 17.06 20.68
C PHE A 93 -51.66 18.03 21.27
N SER A 94 -51.23 17.75 22.50
CA SER A 94 -50.18 18.52 23.17
C SER A 94 -49.43 17.56 24.09
N LYS A 95 -48.27 17.12 23.63
CA LYS A 95 -47.44 16.20 24.40
C LYS A 95 -46.04 16.78 24.56
N SER A 96 -45.27 16.18 25.45
CA SER A 96 -43.89 16.59 25.70
C SER A 96 -43.14 15.43 26.32
N LYS A 97 -41.86 15.32 25.98
CA LYS A 97 -41.03 14.22 26.46
C LYS A 97 -39.67 14.75 26.87
N ARG A 98 -39.17 14.24 28.00
CA ARG A 98 -37.83 14.61 28.46
C ARG A 98 -36.78 13.89 27.64
N MET A 99 -35.92 14.67 26.99
CA MET A 99 -34.93 14.12 26.06
C MET A 99 -33.54 14.42 26.57
N PRO A 100 -32.66 13.42 26.69
CA PRO A 100 -31.27 13.71 27.05
C PRO A 100 -30.55 14.37 25.89
N ILE A 101 -29.58 15.21 26.22
CA ILE A 101 -28.75 15.83 25.21
C ILE A 101 -27.30 15.46 25.50
N THR A 102 -26.49 15.48 24.45
CA THR A 102 -25.06 15.27 24.59
C THR A 102 -24.33 16.35 23.82
N TYR A 103 -23.05 16.51 24.14
CA TYR A 103 -22.21 17.49 23.50
C TYR A 103 -21.24 16.86 22.52
N ASP A 104 -21.27 15.53 22.39
CA ASP A 104 -20.34 14.80 21.55
C ASP A 104 -20.66 15.04 20.09
N ASN A 105 -20.17 16.15 19.55
CA ASN A 105 -20.47 16.60 18.20
C ASN A 105 -19.24 16.42 17.34
N GLY A 106 -19.37 15.62 16.29
CA GLY A 106 -18.37 15.57 15.25
C GLY A 106 -17.34 14.48 15.44
N PHE A 107 -16.32 14.54 14.59
CA PHE A 107 -15.25 13.56 14.57
C PHE A 107 -13.92 14.27 14.41
N LEU A 108 -12.88 13.65 14.97
CA LEU A 108 -11.52 14.15 14.84
C LEU A 108 -10.62 12.97 14.49
N PHE A 109 -10.13 12.93 13.26
CA PHE A 109 -9.18 11.91 12.84
C PHE A 109 -7.80 12.54 12.82
N ILE A 110 -6.92 12.05 13.67
CA ILE A 110 -5.54 12.46 13.67
C ILE A 110 -4.75 11.48 12.83
N HIS A 111 -3.93 11.98 11.92
CA HIS A 111 -3.20 11.13 10.98
C HIS A 111 -1.74 11.55 10.98
N THR A 112 -0.92 10.80 11.70
CA THR A 112 0.53 10.92 11.57
C THR A 112 1.00 10.06 10.42
N ASP A 113 2.12 10.44 9.81
CA ASP A 113 2.59 9.72 8.63
C ASP A 113 3.08 8.31 8.99
N LYS A 114 4.09 8.22 9.83
CA LYS A 114 4.63 6.94 10.20
C LYS A 114 4.13 6.54 11.58
N PRO A 115 3.90 5.26 11.82
CA PRO A 115 3.51 4.82 13.17
C PRO A 115 4.68 4.76 14.14
N VAL A 116 5.88 4.47 13.65
CA VAL A 116 7.05 4.29 14.49
C VAL A 116 8.08 5.34 14.10
N TYR A 117 8.57 6.09 15.08
CA TYR A 117 9.59 7.10 14.87
C TYR A 117 10.87 6.73 15.60
N THR A 118 11.96 7.34 15.16
CA THR A 118 13.28 7.26 15.76
C THR A 118 13.67 8.65 16.26
N PRO A 119 14.65 8.75 17.16
CA PRO A 119 15.10 10.08 17.64
C PRO A 119 15.62 10.98 16.54
N ASP A 120 15.46 12.29 16.78
CA ASP A 120 15.76 13.37 15.83
C ASP A 120 15.02 13.18 14.51
N GLN A 121 13.74 12.88 14.60
CA GLN A 121 12.84 12.87 13.46
C GLN A 121 11.61 13.69 13.81
N SER A 122 10.93 14.16 12.77
CA SER A 122 9.79 15.05 12.96
C SER A 122 8.48 14.27 12.84
N VAL A 123 7.62 14.41 13.83
CA VAL A 123 6.29 13.81 13.78
C VAL A 123 5.39 14.77 13.00
N LYS A 124 5.06 14.40 11.77
CA LYS A 124 4.09 15.15 11.00
C LYS A 124 2.71 14.73 11.44
N VAL A 125 1.78 15.68 11.48
CA VAL A 125 0.46 15.43 12.04
C VAL A 125 -0.51 16.42 11.44
N ARG A 126 -1.68 15.92 11.02
CA ARG A 126 -2.78 16.79 10.64
C ARG A 126 -4.08 16.14 11.04
N VAL A 127 -5.08 16.97 11.29
CA VAL A 127 -6.34 16.55 11.88
C VAL A 127 -7.44 16.79 10.84
N TYR A 128 -8.19 15.74 10.53
CA TYR A 128 -9.35 15.84 9.65
C TYR A 128 -10.57 16.05 10.53
N SER A 129 -11.05 17.29 10.59
CA SER A 129 -12.14 17.64 11.49
C SER A 129 -13.44 17.74 10.72
N LEU A 130 -14.46 17.01 11.19
CA LEU A 130 -15.78 17.06 10.63
C LEU A 130 -16.79 17.24 11.75
N ASN A 131 -17.97 17.77 11.42
CA ASN A 131 -19.04 17.84 12.40
C ASN A 131 -19.95 16.63 12.22
N ASP A 132 -21.07 16.62 12.93
CA ASP A 132 -21.90 15.43 12.94
C ASP A 132 -22.84 15.33 11.75
N ASP A 133 -22.88 16.34 10.89
CA ASP A 133 -23.45 16.18 9.57
C ASP A 133 -22.40 15.94 8.52
N LEU A 134 -21.17 15.58 8.94
CA LEU A 134 -20.10 15.02 8.12
C LEU A 134 -19.62 16.04 7.08
N LYS A 135 -19.41 17.26 7.55
CA LYS A 135 -18.97 18.38 6.73
C LYS A 135 -17.84 19.06 7.50
N PRO A 136 -17.00 19.85 6.82
CA PRO A 136 -15.89 20.52 7.52
C PRO A 136 -16.35 21.44 8.65
N ALA A 137 -15.90 21.11 9.86
CA ALA A 137 -16.47 21.69 11.07
C ALA A 137 -16.06 23.13 11.27
N LYS A 138 -14.86 23.49 10.80
CA LYS A 138 -14.31 24.85 10.87
C LYS A 138 -14.23 25.36 12.31
N ARG A 139 -13.91 24.48 13.24
CA ARG A 139 -13.73 24.82 14.64
C ARG A 139 -12.26 24.68 15.01
N GLU A 140 -11.86 25.41 16.05
CA GLU A 140 -10.47 25.35 16.48
C GLU A 140 -10.21 24.08 17.28
N THR A 141 -9.05 23.48 17.05
CA THR A 141 -8.70 22.19 17.62
C THR A 141 -7.41 22.35 18.41
N VAL A 142 -7.35 21.74 19.59
CA VAL A 142 -6.23 21.90 20.50
C VAL A 142 -5.57 20.54 20.67
N LEU A 143 -4.52 20.29 19.90
CA LEU A 143 -3.76 19.05 20.03
C LEU A 143 -2.99 19.02 21.33
N THR A 144 -2.82 17.82 21.86
CA THR A 144 -2.04 17.61 23.08
C THR A 144 -1.10 16.45 22.84
N PHE A 145 0.16 16.60 23.24
CA PHE A 145 1.15 15.55 23.08
C PHE A 145 1.43 14.92 24.44
N ILE A 146 1.11 13.65 24.57
CA ILE A 146 1.26 12.90 25.81
C ILE A 146 2.39 11.89 25.61
N ASP A 147 3.40 11.98 26.46
CA ASP A 147 4.56 11.10 26.43
C ASP A 147 4.17 9.77 27.09
N PRO A 148 5.09 8.79 27.19
CA PRO A 148 4.80 7.62 28.04
C PRO A 148 4.59 7.95 29.51
N GLU A 149 5.10 9.07 30.01
CA GLU A 149 4.93 9.45 31.39
C GLU A 149 3.64 10.23 31.64
N GLY A 150 2.74 10.28 30.68
CA GLY A 150 1.47 10.95 30.85
C GLY A 150 1.56 12.46 31.00
N SER A 151 2.60 13.08 30.47
CA SER A 151 2.83 14.49 30.66
C SER A 151 2.36 15.28 29.46
N GLU A 152 1.86 16.48 29.71
CA GLU A 152 1.55 17.43 28.65
C GLU A 152 2.85 18.04 28.14
N VAL A 153 3.56 17.34 27.26
CA VAL A 153 4.86 17.84 26.83
C VAL A 153 4.73 18.96 25.81
N ASP A 154 3.58 19.07 25.13
CA ASP A 154 3.35 20.10 24.13
C ASP A 154 1.86 20.14 23.85
N MET A 155 1.26 21.32 23.95
CA MET A 155 -0.16 21.51 23.64
C MET A 155 -0.27 22.64 22.62
N VAL A 156 -0.43 22.27 21.36
CA VAL A 156 -0.52 23.21 20.26
C VAL A 156 -1.98 23.29 19.82
N GLU A 157 -2.42 24.49 19.46
CA GLU A 157 -3.76 24.70 18.96
C GLU A 157 -3.71 25.40 17.61
N GLU A 158 -4.79 25.24 16.85
CA GLU A 158 -4.81 25.72 15.48
C GLU A 158 -6.25 25.95 15.06
N ILE A 159 -6.47 26.93 14.19
CA ILE A 159 -7.79 27.28 13.70
C ILE A 159 -8.03 26.47 12.42
N ASP A 160 -9.29 26.17 12.12
CA ASP A 160 -9.65 25.44 10.91
C ASP A 160 -10.40 26.37 9.95
N HIS A 161 -10.17 26.15 8.66
CA HIS A 161 -10.88 26.89 7.62
C HIS A 161 -11.44 25.93 6.57
N ILE A 162 -10.79 24.79 6.39
CA ILE A 162 -11.04 23.93 5.24
C ILE A 162 -11.46 22.52 5.62
N GLY A 163 -11.32 22.11 6.88
CA GLY A 163 -11.57 20.75 7.30
C GLY A 163 -10.32 19.94 7.56
N ILE A 164 -9.17 20.37 7.03
CA ILE A 164 -7.90 19.71 7.25
C ILE A 164 -7.01 20.69 8.01
N ILE A 165 -6.66 20.32 9.24
CA ILE A 165 -5.97 21.21 10.15
C ILE A 165 -4.51 20.76 10.20
N SER A 166 -3.67 21.38 9.39
CA SER A 166 -2.25 21.05 9.38
C SER A 166 -1.58 21.69 10.58
N PHE A 167 -0.88 20.90 11.35
CA PHE A 167 -0.17 21.34 12.53
C PHE A 167 1.32 21.44 12.24
N PRO A 168 2.08 22.18 13.05
CA PRO A 168 3.54 22.10 12.96
C PRO A 168 4.05 20.71 13.32
N ASP A 169 5.22 20.39 12.79
CA ASP A 169 5.80 19.07 12.96
C ASP A 169 6.40 18.95 14.35
N PHE A 170 5.99 17.92 15.07
CA PHE A 170 6.52 17.67 16.41
C PHE A 170 7.90 17.04 16.29
N LYS A 171 8.90 17.68 16.90
CA LYS A 171 10.28 17.24 16.80
C LYS A 171 10.60 16.32 17.96
N ILE A 172 10.79 15.04 17.66
CA ILE A 172 11.34 14.09 18.63
C ILE A 172 12.76 14.53 18.99
N PRO A 173 13.14 14.60 20.27
CA PRO A 173 14.46 15.12 20.62
C PRO A 173 15.61 14.20 20.20
N SER A 174 16.84 14.69 20.42
CA SER A 174 18.03 13.86 20.22
C SER A 174 18.12 12.76 21.26
N ASN A 175 17.48 12.94 22.41
CA ASN A 175 17.34 11.91 23.43
C ASN A 175 15.91 11.96 23.94
N PRO A 176 15.01 11.14 23.41
CA PRO A 176 13.61 11.14 23.85
C PRO A 176 13.33 10.07 24.89
N ARG A 177 12.10 10.10 25.39
CA ARG A 177 11.58 9.06 26.27
C ARG A 177 10.92 8.00 25.41
N TYR A 178 11.56 6.84 25.31
CA TYR A 178 11.09 5.80 24.40
C TYR A 178 9.86 5.10 24.95
N GLY A 179 8.92 4.83 24.07
CA GLY A 179 7.70 4.15 24.44
C GLY A 179 6.53 4.69 23.65
N MET A 180 5.33 4.26 24.02
CA MET A 180 4.12 4.66 23.32
C MET A 180 3.76 6.09 23.71
N TRP A 181 3.67 6.96 22.72
CA TRP A 181 3.15 8.30 22.92
C TRP A 181 1.68 8.34 22.51
N THR A 182 1.07 9.50 22.72
CA THR A 182 -0.37 9.64 22.48
C THR A 182 -0.66 11.08 22.13
N ILE A 183 -1.39 11.30 21.05
CA ILE A 183 -1.84 12.62 20.63
C ILE A 183 -3.33 12.70 20.87
N LYS A 184 -3.78 13.70 21.62
CA LYS A 184 -5.18 13.83 21.99
C LYS A 184 -5.75 15.12 21.40
N ALA A 185 -6.61 14.99 20.40
CA ALA A 185 -7.24 16.16 19.82
C ALA A 185 -8.51 16.52 20.59
N LYS A 186 -8.89 17.79 20.46
CA LYS A 186 -9.92 18.37 21.32
C LYS A 186 -10.40 19.69 20.74
N TYR A 187 -11.71 19.86 20.61
CA TYR A 187 -12.23 21.19 20.29
C TYR A 187 -12.08 22.09 21.50
N LYS A 188 -11.71 23.36 21.26
CA LYS A 188 -11.39 24.25 22.36
C LYS A 188 -12.63 24.66 23.16
N GLU A 189 -13.83 24.56 22.59
CA GLU A 189 -15.02 25.11 23.20
C GLU A 189 -16.24 24.27 22.85
N ASP A 190 -17.19 24.23 23.80
CA ASP A 190 -18.58 23.82 23.63
C ASP A 190 -18.82 22.34 23.37
N PHE A 191 -17.79 21.56 23.14
CA PHE A 191 -17.96 20.19 22.67
C PHE A 191 -17.01 19.27 23.41
N SER A 192 -17.49 18.06 23.69
CA SER A 192 -16.69 17.04 24.34
C SER A 192 -16.23 16.00 23.34
N THR A 193 -15.97 16.42 22.10
CA THR A 193 -15.46 15.52 21.07
C THR A 193 -13.96 15.35 21.29
N THR A 194 -13.49 14.12 21.21
CA THR A 194 -12.08 13.80 21.36
C THR A 194 -11.63 12.84 20.26
N GLY A 195 -10.40 13.01 19.84
CA GLY A 195 -9.75 12.05 18.96
C GLY A 195 -8.42 11.65 19.56
N THR A 196 -8.01 10.43 19.28
CA THR A 196 -6.80 9.89 19.87
C THR A 196 -5.99 9.16 18.81
N ALA A 197 -4.71 9.50 18.70
CA ALA A 197 -3.80 8.79 17.81
C ALA A 197 -2.57 8.36 18.59
N TYR A 198 -2.13 7.14 18.32
CA TYR A 198 -0.99 6.55 18.99
C TYR A 198 0.17 6.46 18.01
N PHE A 199 1.37 6.73 18.50
CA PHE A 199 2.58 6.38 17.77
C PHE A 199 3.61 5.89 18.77
N GLU A 200 4.73 5.42 18.23
CA GLU A 200 5.77 4.79 19.03
C GLU A 200 7.10 5.43 18.72
N VAL A 201 7.92 5.62 19.74
CA VAL A 201 9.27 6.13 19.58
C VAL A 201 10.23 5.03 19.98
N LYS A 202 11.07 4.61 19.04
CA LYS A 202 11.98 3.50 19.25
C LYS A 202 13.40 3.94 18.94
N GLU A 203 14.34 3.43 19.73
CA GLU A 203 15.74 3.81 19.55
C GLU A 203 16.35 3.08 18.36
N TYR A 204 17.08 3.81 17.54
CA TYR A 204 17.68 3.23 16.33
C TYR A 204 19.06 2.68 16.65
N VAL A 205 19.21 1.37 16.55
CA VAL A 205 20.52 0.72 16.52
C VAL A 205 20.57 -0.17 15.29
N LEU A 206 21.73 -0.22 14.64
CA LEU A 206 21.69 -1.05 13.45
C LEU A 206 22.49 -2.33 13.66
N PRO A 207 21.98 -3.46 13.19
CA PRO A 207 22.65 -4.72 13.47
C PRO A 207 23.73 -5.03 12.45
N HIS A 208 24.58 -6.00 12.81
CA HIS A 208 25.47 -6.58 11.83
C HIS A 208 24.71 -7.44 10.85
N PHE A 209 23.64 -8.08 11.32
CA PHE A 209 22.76 -8.85 10.46
C PHE A 209 21.39 -8.88 11.13
N SER A 210 20.34 -8.86 10.34
CA SER A 210 19.00 -8.81 10.90
C SER A 210 18.50 -10.24 11.11
N VAL A 211 18.29 -10.61 12.37
CA VAL A 211 17.76 -11.92 12.71
C VAL A 211 16.26 -11.82 12.83
N SER A 212 15.55 -12.68 12.12
CA SER A 212 14.11 -12.81 12.27
C SER A 212 13.78 -14.19 12.81
N ILE A 213 12.67 -14.28 13.54
CA ILE A 213 12.14 -15.55 14.01
C ILE A 213 10.75 -15.65 13.41
N GLU A 214 10.58 -16.49 12.41
CA GLU A 214 9.28 -16.66 11.79
C GLU A 214 8.76 -18.07 12.09
N PRO A 215 7.90 -18.24 13.07
CA PRO A 215 7.45 -19.58 13.46
C PRO A 215 6.39 -20.10 12.52
N GLU A 216 5.86 -21.27 12.87
CA GLU A 216 4.92 -22.00 12.03
C GLU A 216 3.58 -21.29 11.98
N TYR A 217 2.91 -21.20 13.12
CA TYR A 217 1.65 -20.48 13.27
C TYR A 217 1.78 -19.52 14.43
N ASN A 218 0.92 -18.51 14.45
CA ASN A 218 0.95 -17.49 15.49
C ASN A 218 0.08 -17.83 16.68
N PHE A 219 -0.26 -19.10 16.86
CA PHE A 219 -1.01 -19.59 18.00
C PHE A 219 -0.85 -21.10 18.08
N ILE A 220 -0.88 -21.68 19.27
CA ILE A 220 -0.62 -23.11 19.42
C ILE A 220 -1.84 -23.79 20.03
N GLY A 221 -2.49 -24.66 19.26
CA GLY A 221 -3.52 -25.50 19.83
C GLY A 221 -3.67 -26.88 19.21
N TYR A 222 -3.44 -27.90 20.03
CA TYR A 222 -3.71 -29.32 19.83
C TYR A 222 -2.91 -30.00 18.70
N LYS A 223 -2.30 -29.22 17.83
CA LYS A 223 -1.50 -29.81 16.77
C LYS A 223 -0.05 -29.37 16.83
N ASN A 224 0.19 -28.16 17.31
CA ASN A 224 1.52 -27.71 17.64
C ASN A 224 1.79 -27.86 19.13
N PHE A 225 0.90 -28.53 19.86
CA PHE A 225 1.12 -28.81 21.27
C PHE A 225 2.04 -30.02 21.46
N LYS A 226 2.32 -30.75 20.38
CA LYS A 226 3.29 -31.83 20.40
C LYS A 226 4.54 -31.52 19.58
N ASN A 227 4.44 -30.72 18.54
CA ASN A 227 5.60 -30.33 17.76
C ASN A 227 5.34 -29.00 17.09
N PHE A 228 6.27 -28.06 17.28
CA PHE A 228 6.10 -26.68 16.83
C PHE A 228 7.37 -26.25 16.09
N GLU A 229 7.31 -26.24 14.76
CA GLU A 229 8.48 -25.96 13.95
C GLU A 229 8.72 -24.45 13.88
N ILE A 230 9.87 -24.01 14.38
CA ILE A 230 10.23 -22.60 14.40
C ILE A 230 11.42 -22.41 13.46
N THR A 231 11.37 -21.38 12.63
CA THR A 231 12.40 -21.11 11.63
C THR A 231 13.07 -19.78 11.94
N ILE A 232 14.41 -19.78 11.88
CA ILE A 232 15.22 -18.63 12.24
C ILE A 232 16.05 -18.24 11.01
N LYS A 233 15.98 -16.97 10.63
CA LYS A 233 16.64 -16.46 9.44
C LYS A 233 17.48 -15.25 9.79
N ALA A 234 18.66 -15.15 9.18
CA ALA A 234 19.58 -14.05 9.45
C ALA A 234 20.32 -13.69 8.17
N ARG A 235 20.42 -12.39 7.89
CA ARG A 235 21.10 -11.92 6.70
C ARG A 235 21.67 -10.54 6.97
N TYR A 236 22.80 -10.24 6.31
CA TYR A 236 23.45 -8.96 6.52
C TYR A 236 22.65 -7.82 5.89
N PHE A 237 22.33 -7.97 4.61
CA PHE A 237 21.81 -6.88 3.81
C PHE A 237 20.74 -7.47 2.90
N TYR A 238 20.53 -6.80 1.76
CA TYR A 238 19.61 -7.24 0.71
C TYR A 238 19.67 -8.73 0.42
N ASN A 239 20.85 -9.25 0.10
CA ASN A 239 21.01 -10.68 -0.15
C ASN A 239 22.22 -11.29 0.52
N LYS A 240 23.08 -10.49 1.16
CA LYS A 240 24.20 -11.06 1.88
C LYS A 240 23.69 -11.78 3.11
N VAL A 241 23.84 -13.10 3.13
CA VAL A 241 23.33 -13.94 4.19
C VAL A 241 24.52 -14.53 4.93
N VAL A 242 24.40 -14.63 6.27
CA VAL A 242 25.39 -15.32 7.09
C VAL A 242 25.52 -16.78 6.63
N THR A 243 26.74 -17.30 6.70
CA THR A 243 27.00 -18.65 6.23
C THR A 243 26.89 -19.67 7.36
N GLU A 244 27.73 -19.55 8.38
CA GLU A 244 27.56 -20.31 9.60
C GLU A 244 27.29 -19.35 10.74
N ALA A 245 26.55 -19.85 11.72
CA ALA A 245 26.35 -19.13 12.97
C ALA A 245 25.99 -20.15 14.05
N ASP A 246 25.84 -19.65 15.27
CA ASP A 246 25.53 -20.48 16.43
C ASP A 246 24.24 -19.96 17.05
N VAL A 247 23.27 -20.85 17.21
CA VAL A 247 21.93 -20.47 17.65
C VAL A 247 21.68 -21.07 19.03
N TYR A 248 21.24 -20.23 19.96
CA TYR A 248 20.77 -20.66 21.28
C TYR A 248 19.38 -20.10 21.48
N ILE A 249 18.44 -20.98 21.80
CA ILE A 249 17.04 -20.60 21.95
C ILE A 249 16.63 -20.88 23.38
N THR A 250 15.76 -20.04 23.92
CA THR A 250 15.12 -20.34 25.19
C THR A 250 13.64 -19.95 25.12
N PHE A 251 12.86 -20.59 25.99
CA PHE A 251 11.41 -20.50 25.94
C PHE A 251 10.89 -20.20 27.34
N GLY A 252 9.74 -19.58 27.40
CA GLY A 252 9.12 -19.26 28.68
C GLY A 252 7.63 -19.07 28.52
N ILE A 253 6.91 -19.31 29.61
CA ILE A 253 5.47 -19.14 29.64
C ILE A 253 5.16 -17.74 30.13
N ARG A 254 4.21 -17.08 29.47
CA ARG A 254 3.82 -15.73 29.81
C ARG A 254 2.31 -15.67 30.02
N GLU A 255 1.86 -14.78 30.88
CA GLU A 255 0.42 -14.64 31.12
C GLU A 255 -0.21 -13.79 30.02
N ASP A 256 0.20 -12.52 29.94
CA ASP A 256 -0.28 -11.62 28.90
C ASP A 256 0.82 -10.60 28.61
N LEU A 257 0.67 -9.90 27.49
CA LEU A 257 1.75 -9.09 26.95
C LEU A 257 1.96 -7.78 27.71
N LYS A 258 1.10 -7.45 28.66
CA LYS A 258 1.28 -6.26 29.46
C LYS A 258 2.01 -6.55 30.77
N ASP A 259 1.90 -7.78 31.27
CA ASP A 259 2.69 -8.19 32.42
C ASP A 259 4.01 -8.78 31.93
N ASP A 260 5.10 -8.07 32.18
CA ASP A 260 6.40 -8.42 31.61
C ASP A 260 7.23 -9.31 32.52
N GLN A 261 6.59 -10.15 33.32
CA GLN A 261 7.27 -11.19 34.08
C GLN A 261 7.07 -12.52 33.37
N LYS A 262 8.17 -13.25 33.17
CA LYS A 262 8.17 -14.47 32.37
C LYS A 262 8.88 -15.57 33.12
N GLU A 263 8.21 -16.71 33.23
CA GLU A 263 8.73 -17.83 34.00
C GLU A 263 9.36 -18.80 33.02
N MET A 264 10.69 -18.76 32.93
CA MET A 264 11.41 -19.52 31.93
C MET A 264 11.42 -21.01 32.25
N MET A 265 11.39 -21.82 31.20
CA MET A 265 11.49 -23.27 31.33
C MET A 265 12.97 -23.62 31.22
N GLN A 266 13.62 -23.85 32.35
CA GLN A 266 15.07 -24.06 32.36
C GLN A 266 15.43 -25.52 32.10
N THR A 267 14.82 -26.10 31.07
CA THR A 267 15.22 -27.40 30.56
C THR A 267 15.16 -27.43 29.05
N ALA A 268 14.52 -26.45 28.40
CA ALA A 268 14.25 -26.49 26.97
C ALA A 268 15.16 -25.55 26.20
N MET A 269 16.35 -25.28 26.74
CA MET A 269 17.31 -24.41 26.06
C MET A 269 18.02 -25.23 25.01
N GLN A 270 17.62 -25.06 23.75
CA GLN A 270 18.21 -25.80 22.66
C GLN A 270 19.52 -25.15 22.22
N ASN A 271 20.18 -25.79 21.26
CA ASN A 271 21.42 -25.28 20.69
C ASN A 271 21.58 -25.92 19.33
N THR A 272 21.44 -25.12 18.27
CA THR A 272 21.57 -25.61 16.91
C THR A 272 22.62 -24.80 16.17
N MET A 273 22.74 -25.07 14.87
CA MET A 273 23.74 -24.45 14.02
C MET A 273 23.05 -23.87 12.79
N LEU A 274 23.49 -22.69 12.36
CA LEU A 274 22.92 -22.04 11.19
C LEU A 274 23.70 -22.45 9.95
N ILE A 275 22.98 -22.79 8.89
CA ILE A 275 23.59 -23.28 7.64
C ILE A 275 23.09 -22.37 6.53
N ASN A 276 23.87 -21.32 6.21
CA ASN A 276 23.59 -20.36 5.13
C ASN A 276 22.26 -19.65 5.31
N GLY A 277 21.86 -19.42 6.56
CA GLY A 277 20.70 -18.59 6.84
C GLY A 277 19.58 -19.23 7.63
N ILE A 278 19.29 -20.50 7.40
CA ILE A 278 18.04 -21.11 7.84
C ILE A 278 18.34 -22.31 8.73
N ALA A 279 17.78 -22.30 9.94
CA ALA A 279 17.72 -23.46 10.82
C ALA A 279 16.28 -23.70 11.25
N GLN A 280 15.81 -24.93 11.08
CA GLN A 280 14.47 -25.30 11.50
C GLN A 280 14.57 -26.04 12.81
N VAL A 281 14.00 -25.47 13.87
CA VAL A 281 13.98 -26.11 15.17
C VAL A 281 12.54 -26.46 15.51
N THR A 282 12.39 -27.44 16.40
CA THR A 282 11.08 -27.86 16.87
C THR A 282 11.03 -27.74 18.39
N PHE A 283 9.82 -27.56 18.90
CA PHE A 283 9.59 -27.38 20.34
C PHE A 283 8.41 -28.26 20.75
N ASP A 284 8.70 -29.40 21.35
CA ASP A 284 7.67 -30.26 21.96
C ASP A 284 7.18 -29.53 23.20
N SER A 285 5.97 -28.98 23.13
CA SER A 285 5.51 -28.09 24.18
C SER A 285 5.06 -28.84 25.42
N GLU A 286 4.41 -30.00 25.24
CA GLU A 286 3.77 -30.67 26.38
C GLU A 286 4.80 -31.22 27.35
N THR A 287 5.86 -31.84 26.85
CA THR A 287 6.87 -32.39 27.73
C THR A 287 7.77 -31.31 28.31
N ALA A 288 7.75 -30.11 27.74
CA ALA A 288 8.63 -29.05 28.22
C ALA A 288 7.95 -28.16 29.25
N VAL A 289 6.62 -28.17 29.31
CA VAL A 289 5.93 -27.34 30.29
C VAL A 289 5.64 -28.17 31.53
N LYS A 290 6.27 -29.33 31.64
CA LYS A 290 6.01 -30.23 32.77
C LYS A 290 6.51 -29.65 34.08
N GLU A 291 7.57 -28.85 34.05
CA GLU A 291 7.84 -27.98 35.18
C GLU A 291 6.96 -26.75 35.09
N LEU A 292 6.56 -26.24 36.26
CA LEU A 292 5.39 -25.35 36.43
C LEU A 292 4.17 -26.02 35.81
N SER A 293 3.73 -27.11 36.45
CA SER A 293 3.18 -28.31 35.84
C SER A 293 2.26 -28.18 34.63
N TYR A 294 1.10 -27.58 34.81
CA TYR A 294 0.14 -27.18 33.76
C TYR A 294 -0.50 -28.32 32.95
N TYR A 295 0.18 -29.46 32.81
CA TYR A 295 -0.34 -30.81 32.61
C TYR A 295 -1.35 -31.05 31.47
N SER A 296 -1.73 -30.03 30.71
CA SER A 296 -2.86 -30.11 29.80
C SER A 296 -2.96 -28.87 28.91
N LEU A 297 -3.88 -28.94 27.96
CA LEU A 297 -4.24 -27.76 27.18
C LEU A 297 -5.49 -27.07 27.75
N GLU A 298 -6.16 -27.69 28.72
CA GLU A 298 -7.17 -26.97 29.49
C GLU A 298 -6.52 -25.85 30.30
N ASP A 299 -5.42 -26.16 30.98
CA ASP A 299 -4.53 -25.13 31.50
C ASP A 299 -3.65 -24.63 30.36
N LEU A 300 -2.81 -23.63 30.66
CA LEU A 300 -2.10 -22.78 29.68
C LEU A 300 -3.03 -22.04 28.75
N ASN A 301 -4.33 -21.95 29.07
CA ASN A 301 -5.29 -21.37 28.15
C ASN A 301 -5.21 -19.86 28.24
N ASN A 302 -5.20 -19.21 27.08
CA ASN A 302 -4.91 -17.77 26.93
C ASN A 302 -3.58 -17.39 27.60
N LYS A 303 -2.59 -18.25 27.50
CA LYS A 303 -1.24 -17.95 27.93
C LYS A 303 -0.33 -17.88 26.71
N TYR A 304 0.86 -17.35 26.90
CA TYR A 304 1.75 -17.03 25.80
C TYR A 304 3.04 -17.82 25.92
N LEU A 305 3.81 -17.80 24.82
CA LEU A 305 5.12 -18.42 24.75
C LEU A 305 6.12 -17.36 24.31
N TYR A 306 7.17 -17.17 25.10
CA TYR A 306 8.17 -16.15 24.84
C TYR A 306 9.43 -16.82 24.32
N ILE A 307 9.72 -16.64 23.03
CA ILE A 307 10.84 -17.29 22.37
C ILE A 307 11.94 -16.27 22.19
N ALA A 308 13.07 -16.48 22.88
CA ALA A 308 14.24 -15.64 22.75
C ALA A 308 15.31 -16.42 21.99
N VAL A 309 16.02 -15.73 21.11
CA VAL A 309 16.99 -16.32 20.20
C VAL A 309 18.21 -15.42 20.14
N THR A 310 19.39 -15.98 20.38
CA THR A 310 20.65 -15.28 20.16
C THR A 310 21.44 -16.04 19.11
N VAL A 311 21.62 -15.41 17.96
CA VAL A 311 22.38 -15.98 16.85
C VAL A 311 23.78 -15.37 16.90
N ILE A 312 24.79 -16.19 17.13
CA ILE A 312 26.17 -15.73 17.22
C ILE A 312 26.88 -16.11 15.94
N GLU A 313 27.38 -15.10 15.23
CA GLU A 313 28.03 -15.31 13.95
C GLU A 313 29.37 -16.01 14.14
N SER A 314 29.66 -16.97 13.26
CA SER A 314 30.89 -17.74 13.38
C SER A 314 32.10 -16.94 12.95
N THR A 315 31.99 -16.18 11.85
CA THR A 315 33.18 -15.58 11.25
C THR A 315 33.67 -14.38 12.05
N GLY A 316 32.86 -13.34 12.16
CA GLY A 316 33.29 -12.13 12.84
C GLY A 316 33.18 -12.21 14.34
N GLY A 317 32.26 -13.03 14.85
CA GLY A 317 32.03 -13.12 16.27
C GLY A 317 30.92 -12.25 16.80
N PHE A 318 30.06 -11.74 15.94
CA PHE A 318 28.97 -10.88 16.36
C PHE A 318 27.77 -11.70 16.79
N SER A 319 26.95 -11.13 17.66
CA SER A 319 25.89 -11.85 18.35
C SER A 319 24.64 -10.97 18.35
N GLU A 320 23.74 -11.22 17.41
CA GLU A 320 22.52 -10.44 17.31
C GLU A 320 21.36 -11.20 17.96
N GLU A 321 20.58 -10.48 18.75
CA GLU A 321 19.48 -11.06 19.51
C GLU A 321 18.15 -10.77 18.83
N ALA A 322 17.20 -11.67 19.02
CA ALA A 322 15.84 -11.46 18.57
C ALA A 322 14.89 -12.07 19.59
N GLU A 323 13.60 -11.83 19.40
CA GLU A 323 12.60 -12.31 20.34
C GLU A 323 11.24 -12.29 19.68
N ILE A 324 10.33 -13.09 20.24
CA ILE A 324 8.90 -13.02 19.96
C ILE A 324 8.21 -12.72 21.28
N PRO A 325 7.32 -11.73 21.35
CA PRO A 325 6.72 -11.42 22.64
C PRO A 325 5.70 -12.45 23.10
N GLY A 326 4.95 -13.04 22.17
CA GLY A 326 3.98 -14.03 22.57
C GLY A 326 3.33 -14.79 21.44
N ILE A 327 3.30 -16.10 21.57
CA ILE A 327 2.48 -16.98 20.75
C ILE A 327 1.45 -17.58 21.69
N LYS A 328 0.17 -17.31 21.43
CA LYS A 328 -0.88 -17.63 22.39
C LYS A 328 -1.15 -19.13 22.39
N TYR A 329 -1.02 -19.74 23.55
CA TYR A 329 -1.39 -21.15 23.73
C TYR A 329 -2.91 -21.22 23.77
N VAL A 330 -3.52 -21.57 22.65
CA VAL A 330 -4.96 -21.50 22.52
C VAL A 330 -5.55 -22.90 22.69
N LEU A 331 -6.74 -22.97 23.27
CA LEU A 331 -7.39 -24.26 23.50
C LEU A 331 -8.02 -24.78 22.22
N SER A 332 -8.97 -24.04 21.67
CA SER A 332 -9.62 -24.34 20.42
C SER A 332 -9.21 -23.32 19.37
N PRO A 333 -8.98 -23.75 18.12
CA PRO A 333 -8.45 -22.82 17.11
C PRO A 333 -9.47 -21.86 16.54
N TYR A 334 -10.69 -21.79 17.07
CA TYR A 334 -11.76 -20.99 16.49
C TYR A 334 -12.47 -20.17 17.55
N LYS A 335 -13.07 -19.07 17.11
CA LYS A 335 -13.98 -18.27 17.92
C LYS A 335 -15.26 -18.06 17.12
N LEU A 336 -16.39 -18.38 17.72
CA LEU A 336 -17.68 -18.27 17.06
C LEU A 336 -18.44 -17.05 17.56
N ASN A 337 -19.07 -16.34 16.63
CA ASN A 337 -19.95 -15.24 16.97
C ASN A 337 -21.13 -15.25 16.01
N LEU A 338 -22.02 -14.29 16.17
CA LEU A 338 -23.22 -14.19 15.34
C LEU A 338 -23.15 -12.94 14.48
N VAL A 339 -23.10 -13.13 13.17
CA VAL A 339 -23.07 -12.01 12.23
C VAL A 339 -24.50 -11.74 11.79
N ALA A 340 -24.99 -10.54 12.13
CA ALA A 340 -26.24 -9.98 11.64
C ALA A 340 -27.45 -10.85 11.96
N THR A 341 -27.48 -11.40 13.18
CA THR A 341 -28.66 -12.09 13.65
C THR A 341 -29.20 -11.33 14.84
N PRO A 342 -30.37 -10.73 14.76
CA PRO A 342 -31.01 -10.23 15.99
C PRO A 342 -31.47 -11.41 16.82
N LEU A 343 -31.34 -11.27 18.14
CA LEU A 343 -31.78 -12.34 19.03
C LEU A 343 -33.22 -12.12 19.47
N PHE A 344 -34.08 -11.87 18.50
CA PHE A 344 -35.51 -11.69 18.72
C PHE A 344 -36.26 -12.47 17.67
N LEU A 345 -37.32 -13.16 18.07
CA LEU A 345 -38.10 -13.97 17.18
C LEU A 345 -39.35 -13.23 16.73
N LYS A 346 -40.00 -13.80 15.72
CA LYS A 346 -41.35 -13.41 15.33
C LYS A 346 -42.12 -14.72 15.28
N PRO A 347 -43.24 -14.85 15.98
CA PRO A 347 -43.96 -16.13 16.02
C PRO A 347 -44.63 -16.43 14.68
N GLY A 348 -44.38 -17.64 14.18
CA GLY A 348 -44.89 -18.07 12.90
C GLY A 348 -44.03 -17.71 11.72
N ILE A 349 -42.87 -17.11 11.97
CA ILE A 349 -42.01 -16.53 10.94
C ILE A 349 -40.63 -17.15 11.10
N PRO A 350 -39.95 -17.53 10.02
CA PRO A 350 -38.67 -18.24 10.15
C PRO A 350 -37.57 -17.36 10.72
N TYR A 351 -36.61 -18.00 11.37
CA TYR A 351 -35.55 -17.31 12.08
C TYR A 351 -34.21 -17.59 11.43
N PRO A 352 -33.62 -16.63 10.72
CA PRO A 352 -32.34 -16.90 10.05
C PRO A 352 -31.16 -16.61 10.97
N ILE A 353 -30.27 -17.59 11.09
CA ILE A 353 -29.08 -17.50 11.93
C ILE A 353 -27.87 -17.60 11.03
N LYS A 354 -26.89 -16.73 11.26
CA LYS A 354 -25.65 -16.70 10.48
C LYS A 354 -24.50 -16.58 11.47
N VAL A 355 -23.79 -17.66 11.68
CA VAL A 355 -22.66 -17.65 12.59
C VAL A 355 -21.38 -17.48 11.77
N GLN A 356 -20.33 -17.06 12.45
CA GLN A 356 -19.06 -16.77 11.81
C GLN A 356 -17.95 -17.43 12.60
N VAL A 357 -17.10 -18.17 11.90
CA VAL A 357 -16.01 -18.90 12.52
C VAL A 357 -14.75 -18.08 12.27
N LYS A 358 -14.31 -17.36 13.28
CA LYS A 358 -13.04 -16.65 13.25
C LYS A 358 -12.00 -17.48 13.99
N ASP A 359 -10.80 -17.53 13.43
CA ASP A 359 -9.71 -18.20 14.13
C ASP A 359 -9.22 -17.28 15.26
N SER A 360 -8.29 -17.76 16.08
CA SER A 360 -7.94 -17.01 17.27
C SER A 360 -7.01 -15.84 17.01
N LEU A 361 -6.72 -15.51 15.75
CA LEU A 361 -6.16 -14.23 15.38
C LEU A 361 -6.96 -13.57 14.26
N ASP A 362 -8.29 -13.76 14.29
CA ASP A 362 -9.29 -13.06 13.49
C ASP A 362 -9.09 -13.22 11.98
N GLN A 363 -9.21 -14.44 11.49
CA GLN A 363 -9.30 -14.67 10.05
C GLN A 363 -10.56 -15.49 9.79
N LEU A 364 -11.10 -15.34 8.59
CA LEU A 364 -12.36 -16.01 8.23
C LEU A 364 -12.04 -17.41 7.69
N VAL A 365 -11.91 -18.34 8.62
CA VAL A 365 -11.56 -19.71 8.26
C VAL A 365 -12.76 -20.43 7.64
N GLY A 366 -12.68 -20.71 6.35
CA GLY A 366 -13.77 -21.38 5.68
C GLY A 366 -13.64 -22.88 5.69
N GLY A 367 -14.69 -23.55 5.23
CA GLY A 367 -14.71 -25.00 5.19
C GLY A 367 -14.78 -25.66 6.54
N VAL A 368 -15.37 -25.00 7.52
CA VAL A 368 -15.36 -25.45 8.91
C VAL A 368 -16.78 -25.85 9.29
N PRO A 369 -17.07 -27.12 9.50
CA PRO A 369 -18.46 -27.55 9.70
C PRO A 369 -18.99 -27.16 11.07
N VAL A 370 -20.13 -26.46 11.08
CA VAL A 370 -20.76 -25.94 12.28
C VAL A 370 -22.10 -26.64 12.43
N THR A 371 -22.43 -27.02 13.66
CA THR A 371 -23.65 -27.76 13.96
C THR A 371 -24.52 -26.92 14.88
N LEU A 372 -25.82 -26.87 14.58
CA LEU A 372 -26.78 -26.08 15.35
C LEU A 372 -27.81 -27.00 16.00
N ASN A 373 -27.92 -26.91 17.31
CA ASN A 373 -28.98 -27.57 18.06
C ASN A 373 -29.85 -26.50 18.69
N ALA A 374 -31.16 -26.73 18.72
CA ALA A 374 -32.11 -25.72 19.15
C ALA A 374 -33.11 -26.32 20.12
N GLN A 375 -33.79 -25.44 20.86
CA GLN A 375 -34.79 -25.85 21.85
C GLN A 375 -35.90 -24.81 21.90
N THR A 376 -37.13 -25.24 21.64
CA THR A 376 -38.29 -24.38 21.75
C THR A 376 -38.86 -24.45 23.15
N ILE A 377 -38.78 -23.33 23.87
CA ILE A 377 -39.47 -23.18 25.15
C ILE A 377 -40.67 -22.29 24.91
N ASP A 378 -41.85 -22.88 24.83
CA ASP A 378 -43.05 -22.11 24.51
C ASP A 378 -43.55 -21.40 25.77
N VAL A 379 -44.79 -20.88 25.70
CA VAL A 379 -45.33 -20.05 26.77
C VAL A 379 -45.56 -20.83 28.07
N ASN A 380 -45.88 -22.12 27.98
CA ASN A 380 -46.19 -22.94 29.13
C ASN A 380 -44.97 -23.61 29.74
N GLN A 381 -43.77 -23.10 29.43
CA GLN A 381 -42.48 -23.61 29.93
C GLN A 381 -42.31 -25.09 29.61
N GLU A 382 -42.51 -25.43 28.36
CA GLU A 382 -42.43 -26.82 27.89
C GLU A 382 -41.35 -26.85 26.81
N THR A 383 -40.17 -27.34 27.16
CA THR A 383 -39.07 -27.43 26.22
C THR A 383 -39.33 -28.50 25.17
N SER A 384 -39.28 -28.08 23.90
CA SER A 384 -39.40 -29.01 22.79
C SER A 384 -38.12 -28.96 21.98
N ASP A 385 -37.59 -30.12 21.64
CA ASP A 385 -36.32 -30.21 20.93
C ASP A 385 -36.54 -30.15 19.42
N LEU A 386 -35.60 -29.53 18.72
CA LEU A 386 -35.63 -29.45 17.27
C LEU A 386 -34.65 -30.46 16.68
N ASP A 387 -34.74 -30.62 15.37
CA ASP A 387 -33.78 -31.43 14.66
C ASP A 387 -32.47 -30.66 14.53
N PRO A 388 -31.33 -31.32 14.72
CA PRO A 388 -30.04 -30.64 14.51
C PRO A 388 -29.77 -30.43 13.02
N SER A 389 -29.13 -29.31 12.71
CA SER A 389 -28.81 -28.99 11.32
C SER A 389 -27.37 -28.52 11.24
N LYS A 390 -26.63 -29.07 10.30
CA LYS A 390 -25.23 -28.73 10.08
C LYS A 390 -25.10 -27.94 8.78
N SER A 391 -24.02 -27.17 8.69
CA SER A 391 -23.74 -26.41 7.49
C SER A 391 -22.24 -26.17 7.42
N VAL A 392 -21.78 -25.64 6.29
CA VAL A 392 -20.35 -25.45 6.07
C VAL A 392 -20.04 -23.97 6.01
N THR A 393 -19.06 -23.54 6.79
CA THR A 393 -18.56 -22.19 6.73
C THR A 393 -17.91 -21.92 5.38
N ARG A 394 -18.41 -20.93 4.66
CA ARG A 394 -17.88 -20.66 3.33
C ARG A 394 -16.67 -19.73 3.41
N VAL A 395 -15.76 -19.88 2.45
CA VAL A 395 -14.43 -19.30 2.59
C VAL A 395 -14.37 -17.82 2.24
N ASP A 396 -15.43 -17.27 1.65
CA ASP A 396 -15.36 -15.91 1.14
C ASP A 396 -15.51 -14.89 2.26
N ASP A 397 -16.44 -15.14 3.18
CA ASP A 397 -16.64 -14.27 4.31
C ASP A 397 -16.63 -14.97 5.66
N GLY A 398 -16.44 -16.29 5.68
CA GLY A 398 -16.36 -17.01 6.93
C GLY A 398 -17.66 -17.16 7.68
N VAL A 399 -18.79 -17.17 6.97
CA VAL A 399 -20.10 -17.15 7.61
C VAL A 399 -20.89 -18.38 7.18
N ALA A 400 -21.26 -19.21 8.15
CA ALA A 400 -22.17 -20.30 7.91
C ALA A 400 -23.61 -19.81 8.04
N SER A 401 -24.54 -20.57 7.47
CA SER A 401 -25.92 -20.11 7.37
C SER A 401 -26.87 -21.21 7.83
N PHE A 402 -27.82 -20.83 8.69
CA PHE A 402 -28.85 -21.73 9.17
C PHE A 402 -30.18 -21.02 9.12
N VAL A 403 -31.26 -21.79 9.11
CA VAL A 403 -32.62 -21.29 9.18
C VAL A 403 -33.44 -22.25 10.03
N LEU A 404 -34.13 -21.72 11.02
CA LEU A 404 -35.01 -22.51 11.87
C LEU A 404 -36.43 -22.08 11.55
N ASN A 405 -37.28 -23.04 11.21
CA ASN A 405 -38.70 -22.75 11.07
C ASN A 405 -39.40 -23.07 12.37
N LEU A 406 -39.73 -22.08 13.09
CA LEU A 406 -40.21 -22.22 14.46
C LEU A 406 -41.70 -22.50 14.48
N PRO A 407 -42.15 -23.25 15.48
CA PRO A 407 -43.60 -23.44 15.67
C PRO A 407 -44.30 -22.14 16.04
N SER A 408 -45.62 -22.16 15.94
CA SER A 408 -46.43 -20.95 16.03
C SER A 408 -46.46 -20.34 17.43
N GLY A 409 -46.20 -21.11 18.47
CA GLY A 409 -46.35 -20.58 19.81
C GLY A 409 -45.04 -20.50 20.57
N VAL A 410 -43.96 -20.16 19.87
CA VAL A 410 -42.64 -20.08 20.48
C VAL A 410 -42.58 -18.85 21.37
N THR A 411 -41.80 -18.95 22.46
CA THR A 411 -41.56 -17.82 23.33
C THR A 411 -40.08 -17.54 23.53
N VAL A 412 -39.27 -18.57 23.74
CA VAL A 412 -37.84 -18.44 23.97
C VAL A 412 -37.15 -19.57 23.22
N LEU A 413 -36.22 -19.23 22.34
CA LEU A 413 -35.41 -20.19 21.63
C LEU A 413 -34.04 -20.26 22.28
N GLU A 414 -33.63 -21.45 22.67
CA GLU A 414 -32.32 -21.67 23.27
C GLU A 414 -31.51 -22.51 22.28
N PHE A 415 -30.73 -21.85 21.45
CA PHE A 415 -29.94 -22.53 20.44
C PHE A 415 -28.46 -22.43 20.79
N ASN A 416 -27.73 -23.52 20.53
CA ASN A 416 -26.32 -23.62 20.86
C ASN A 416 -25.57 -24.08 19.62
N VAL A 417 -24.65 -23.26 19.15
CA VAL A 417 -23.81 -23.61 18.03
C VAL A 417 -22.57 -24.31 18.54
N LYS A 418 -21.95 -25.11 17.68
CA LYS A 418 -20.80 -25.93 18.04
C LYS A 418 -20.13 -26.41 16.78
N THR A 419 -18.82 -26.21 16.71
CA THR A 419 -18.03 -26.65 15.59
C THR A 419 -17.94 -28.17 15.54
N ASP A 420 -17.91 -28.71 14.31
CA ASP A 420 -17.85 -30.15 14.08
C ASP A 420 -16.67 -30.47 13.16
N ALA A 421 -15.50 -29.93 13.51
CA ALA A 421 -14.28 -30.14 12.74
C ALA A 421 -13.86 -31.60 12.81
N PRO A 422 -13.23 -32.16 11.76
CA PRO A 422 -13.03 -33.62 11.73
C PRO A 422 -11.89 -34.11 12.60
N ASP A 423 -10.90 -33.29 12.89
CA ASP A 423 -9.67 -33.76 13.53
C ASP A 423 -9.38 -32.96 14.79
N LEU A 424 -10.39 -32.80 15.63
CA LEU A 424 -10.25 -32.19 16.95
C LEU A 424 -11.14 -32.96 17.90
N PRO A 425 -10.77 -33.03 19.18
CA PRO A 425 -11.67 -33.65 20.16
C PRO A 425 -12.80 -32.69 20.51
N GLU A 426 -13.87 -33.25 21.06
CA GLU A 426 -15.03 -32.42 21.39
C GLU A 426 -14.88 -31.71 22.74
N GLU A 427 -13.68 -31.64 23.30
CA GLU A 427 -13.37 -30.65 24.32
C GLU A 427 -12.48 -29.54 23.79
N ASN A 428 -11.94 -29.70 22.58
CA ASN A 428 -11.22 -28.66 21.88
C ASN A 428 -11.98 -28.14 20.66
N GLN A 429 -13.30 -28.33 20.62
CA GLN A 429 -14.12 -27.69 19.61
C GLN A 429 -14.73 -26.41 20.17
N ALA A 430 -14.75 -25.36 19.38
CA ALA A 430 -15.31 -24.09 19.81
C ALA A 430 -16.82 -24.16 19.82
N ARG A 431 -17.43 -23.71 20.92
CA ARG A 431 -18.87 -23.72 21.06
C ARG A 431 -19.33 -22.40 21.66
N GLU A 432 -20.57 -22.03 21.35
CA GLU A 432 -21.21 -20.86 21.93
C GLU A 432 -22.68 -21.16 22.15
N GLY A 433 -23.27 -20.46 23.10
CA GLY A 433 -24.69 -20.63 23.41
C GLY A 433 -25.37 -19.28 23.53
N TYR A 434 -26.56 -19.17 22.93
CA TYR A 434 -27.31 -17.93 22.93
C TYR A 434 -28.75 -18.24 23.29
N ARG A 435 -29.58 -17.20 23.31
CA ARG A 435 -30.97 -17.33 23.72
C ARG A 435 -31.77 -16.21 23.10
N ALA A 436 -32.73 -16.55 22.25
CA ALA A 436 -33.53 -15.56 21.54
C ALA A 436 -34.95 -15.52 22.10
N ILE A 437 -35.47 -14.32 22.29
CA ILE A 437 -36.74 -14.08 22.98
C ILE A 437 -37.73 -13.53 21.99
N ALA A 438 -38.97 -14.03 22.04
CA ALA A 438 -39.97 -13.60 21.07
C ALA A 438 -40.45 -12.18 21.35
N TYR A 439 -40.88 -11.52 20.29
CA TYR A 439 -41.43 -10.17 20.35
C TYR A 439 -42.80 -10.27 21.04
N SER A 440 -43.00 -9.45 22.06
CA SER A 440 -44.25 -9.51 22.82
C SER A 440 -45.19 -8.41 22.40
N SER A 441 -46.47 -8.75 22.27
CA SER A 441 -47.48 -7.77 21.90
C SER A 441 -48.83 -8.23 22.40
N LEU A 442 -49.57 -7.31 23.03
CA LEU A 442 -50.96 -7.57 23.37
C LEU A 442 -51.79 -7.61 22.09
N SER A 443 -52.76 -8.53 22.05
CA SER A 443 -53.54 -8.85 20.86
C SER A 443 -52.60 -9.24 19.70
N GLN A 444 -52.01 -10.43 19.88
CA GLN A 444 -50.72 -10.81 19.31
C GLN A 444 -50.64 -10.67 17.80
N SER A 445 -49.89 -9.65 17.37
CA SER A 445 -49.84 -9.20 15.99
C SER A 445 -48.44 -8.66 15.74
N TYR A 446 -47.83 -9.08 14.65
CA TYR A 446 -46.40 -8.92 14.44
C TYR A 446 -46.14 -8.31 13.06
N LEU A 447 -44.91 -7.86 12.87
CA LEU A 447 -44.46 -7.37 11.57
C LEU A 447 -43.08 -7.97 11.29
N TYR A 448 -42.86 -8.41 10.06
CA TYR A 448 -41.59 -8.98 9.65
C TYR A 448 -41.19 -8.37 8.32
N ILE A 449 -40.23 -7.46 8.33
CA ILE A 449 -39.75 -6.87 7.10
C ILE A 449 -38.48 -7.59 6.67
N ASP A 450 -38.38 -7.92 5.39
CA ASP A 450 -37.38 -8.84 4.89
C ASP A 450 -36.64 -8.19 3.72
N TRP A 451 -35.37 -7.91 3.93
CA TRP A 451 -34.51 -7.38 2.89
C TRP A 451 -34.24 -8.46 1.85
N THR A 452 -34.34 -8.09 0.56
CA THR A 452 -34.35 -9.08 -0.51
C THR A 452 -32.96 -9.66 -0.77
N ASP A 453 -32.00 -8.81 -1.11
CA ASP A 453 -30.63 -9.27 -1.36
C ASP A 453 -29.80 -9.02 -0.10
N ASN A 454 -29.87 -9.97 0.82
CA ASN A 454 -29.15 -9.81 2.07
C ASN A 454 -27.66 -10.06 1.89
N HIS A 455 -27.28 -10.85 0.88
CA HIS A 455 -25.91 -11.31 0.81
C HIS A 455 -24.97 -10.24 0.28
N LYS A 456 -25.42 -9.39 -0.63
CA LYS A 456 -24.53 -8.40 -1.20
C LYS A 456 -24.93 -7.00 -0.79
N ALA A 457 -23.94 -6.12 -0.78
CA ALA A 457 -24.08 -4.76 -0.29
C ALA A 457 -24.84 -3.90 -1.29
N LEU A 458 -25.54 -2.91 -0.75
CA LEU A 458 -26.44 -2.09 -1.56
C LEU A 458 -25.67 -1.02 -2.31
N LEU A 459 -26.03 -0.84 -3.58
CA LEU A 459 -25.34 0.13 -4.43
C LEU A 459 -26.11 1.44 -4.48
N VAL A 460 -25.40 2.55 -4.32
CA VAL A 460 -26.02 3.86 -4.29
C VAL A 460 -26.49 4.24 -5.68
N GLY A 461 -27.69 4.80 -5.75
CA GLY A 461 -28.35 5.11 -7.01
C GLY A 461 -29.34 4.07 -7.45
N GLU A 462 -29.21 2.85 -6.96
CA GLU A 462 -30.13 1.76 -7.27
C GLU A 462 -31.34 1.80 -6.36
N HIS A 463 -32.11 0.72 -6.30
CA HIS A 463 -33.36 0.71 -5.56
C HIS A 463 -33.40 -0.47 -4.62
N LEU A 464 -33.71 -0.20 -3.35
CA LEU A 464 -33.90 -1.25 -2.37
C LEU A 464 -35.32 -1.81 -2.49
N ASN A 465 -35.43 -3.12 -2.45
CA ASN A 465 -36.70 -3.81 -2.54
C ASN A 465 -36.90 -4.59 -1.26
N ILE A 466 -37.93 -4.26 -0.49
CA ILE A 466 -38.15 -4.86 0.81
C ILE A 466 -39.55 -5.47 0.83
N ILE A 467 -39.64 -6.69 1.34
CA ILE A 467 -40.89 -7.43 1.38
C ILE A 467 -41.42 -7.43 2.81
N VAL A 468 -42.64 -6.94 2.97
CA VAL A 468 -43.25 -6.65 4.26
C VAL A 468 -44.39 -7.64 4.48
N THR A 469 -44.32 -8.41 5.57
CA THR A 469 -45.37 -9.38 5.91
C THR A 469 -45.90 -9.07 7.31
N PRO A 470 -47.20 -8.83 7.47
CA PRO A 470 -47.78 -8.84 8.81
C PRO A 470 -48.26 -10.23 9.20
N LYS A 471 -48.34 -10.45 10.49
CA LYS A 471 -48.80 -11.72 11.05
C LYS A 471 -49.81 -11.46 12.15
N SER A 472 -50.78 -10.63 11.82
CA SER A 472 -51.80 -10.16 12.75
C SER A 472 -52.99 -11.11 12.75
N PRO A 473 -53.88 -11.03 13.73
CA PRO A 473 -55.22 -11.58 13.58
C PRO A 473 -56.23 -10.57 13.05
N TYR A 474 -55.82 -9.31 12.91
CA TYR A 474 -56.65 -8.25 12.38
C TYR A 474 -55.99 -7.70 11.12
N ILE A 475 -55.60 -8.60 10.20
CA ILE A 475 -54.83 -8.22 9.02
C ILE A 475 -55.62 -7.27 8.13
N ASP A 476 -56.91 -7.52 7.97
CA ASP A 476 -57.74 -6.68 7.12
C ASP A 476 -58.15 -5.37 7.77
N LYS A 477 -57.64 -5.06 8.97
CA LYS A 477 -57.79 -3.74 9.56
C LYS A 477 -56.61 -2.85 9.28
N ILE A 478 -55.50 -3.39 8.79
CA ILE A 478 -54.31 -2.59 8.50
C ILE A 478 -54.56 -1.79 7.23
N THR A 479 -54.20 -0.51 7.25
CA THR A 479 -54.41 0.36 6.12
C THR A 479 -53.13 0.86 5.48
N HIS A 480 -52.13 1.23 6.27
CA HIS A 480 -50.91 1.81 5.74
C HIS A 480 -49.72 1.11 6.36
N TYR A 481 -48.64 0.99 5.59
CA TYR A 481 -47.32 0.70 6.13
C TYR A 481 -46.53 1.99 6.14
N ASN A 482 -45.99 2.34 7.30
CA ASN A 482 -45.25 3.58 7.46
C ASN A 482 -43.83 3.23 7.82
N TYR A 483 -42.87 3.93 7.22
CA TYR A 483 -41.48 3.59 7.47
C TYR A 483 -40.68 4.84 7.82
N LEU A 484 -39.48 4.59 8.35
CA LEU A 484 -38.51 5.61 8.68
C LEU A 484 -37.16 5.06 8.29
N ILE A 485 -36.30 5.89 7.71
CA ILE A 485 -34.95 5.48 7.34
C ILE A 485 -33.97 6.32 8.13
N LEU A 486 -33.11 5.67 8.88
CA LEU A 486 -32.13 6.34 9.73
C LEU A 486 -30.74 6.13 9.17
N SER A 487 -29.90 7.14 9.29
CA SER A 487 -28.50 7.01 8.92
C SER A 487 -27.69 7.99 9.75
N LYS A 488 -26.69 7.46 10.45
CA LYS A 488 -25.84 8.21 11.39
C LYS A 488 -26.67 8.89 12.46
N GLY A 489 -27.68 8.17 12.96
CA GLY A 489 -28.53 8.66 14.02
C GLY A 489 -29.41 9.82 13.63
N LYS A 490 -29.71 9.96 12.35
CA LYS A 490 -30.54 11.06 11.88
C LYS A 490 -31.57 10.49 10.93
N ILE A 491 -32.84 10.85 11.12
CA ILE A 491 -33.89 10.40 10.22
C ILE A 491 -33.74 11.10 8.89
N ILE A 492 -33.48 10.34 7.84
CA ILE A 492 -33.23 10.93 6.53
C ILE A 492 -34.39 10.70 5.56
N HIS A 493 -35.27 9.75 5.79
CA HIS A 493 -36.42 9.54 4.94
C HIS A 493 -37.60 9.11 5.80
N PHE A 494 -38.78 9.18 5.20
CA PHE A 494 -39.98 8.61 5.78
C PHE A 494 -40.97 8.44 4.63
N GLY A 495 -42.11 7.85 4.94
CA GLY A 495 -43.07 7.64 3.89
C GLY A 495 -44.20 6.75 4.36
N THR A 496 -45.08 6.43 3.41
CA THR A 496 -46.29 5.69 3.69
C THR A 496 -46.71 5.01 2.39
N ARG A 497 -46.56 3.69 2.33
CA ARG A 497 -47.17 2.93 1.27
C ARG A 497 -48.44 2.30 1.79
N GLU A 498 -49.51 2.40 1.01
CA GLU A 498 -50.78 1.82 1.41
C GLU A 498 -50.73 0.32 1.26
N LYS A 499 -51.56 -0.36 2.04
CA LYS A 499 -51.58 -1.82 2.04
C LYS A 499 -52.53 -2.32 0.97
N PHE A 500 -52.04 -3.23 0.13
CA PHE A 500 -52.91 -3.87 -0.85
C PHE A 500 -53.89 -4.77 -0.14
N SER A 501 -55.18 -4.49 -0.36
CA SER A 501 -56.30 -4.82 0.53
C SER A 501 -56.37 -6.27 1.00
N ASP A 502 -56.17 -7.23 0.11
CA ASP A 502 -56.29 -8.62 0.51
C ASP A 502 -55.12 -9.47 0.01
N ALA A 503 -54.01 -8.82 -0.28
CA ALA A 503 -52.74 -9.51 -0.52
C ALA A 503 -52.10 -9.73 0.84
N SER A 504 -51.74 -10.98 1.13
CA SER A 504 -51.28 -11.39 2.45
C SER A 504 -49.93 -10.76 2.82
N TYR A 505 -49.16 -10.37 1.82
CA TYR A 505 -47.90 -9.68 2.03
C TYR A 505 -47.56 -8.88 0.78
N GLN A 506 -46.87 -7.76 0.94
CA GLN A 506 -46.60 -6.91 -0.20
C GLN A 506 -45.16 -6.41 -0.11
N SER A 507 -44.71 -5.78 -1.19
CA SER A 507 -43.33 -5.35 -1.31
C SER A 507 -43.28 -3.83 -1.42
N ILE A 508 -42.31 -3.23 -0.73
CA ILE A 508 -42.10 -1.79 -0.73
C ILE A 508 -40.82 -1.52 -1.51
N ASN A 509 -40.84 -0.50 -2.36
CA ASN A 509 -39.69 -0.15 -3.17
C ASN A 509 -39.13 1.18 -2.69
N ILE A 510 -37.84 1.23 -2.40
CA ILE A 510 -37.21 2.34 -1.71
C ILE A 510 -35.92 2.69 -2.44
N PRO A 511 -35.71 3.94 -2.84
CA PRO A 511 -34.43 4.31 -3.47
C PRO A 511 -33.33 4.52 -2.46
N VAL A 512 -32.13 4.01 -2.74
CA VAL A 512 -30.99 4.20 -1.85
C VAL A 512 -30.11 5.33 -2.37
N THR A 513 -29.91 6.34 -1.54
CA THR A 513 -29.27 7.58 -1.97
C THR A 513 -27.94 7.78 -1.25
N GLN A 514 -27.30 8.92 -1.49
CA GLN A 514 -26.03 9.30 -0.90
C GLN A 514 -26.18 9.83 0.53
N ASN A 515 -27.38 9.83 1.09
CA ASN A 515 -27.49 10.15 2.51
C ASN A 515 -27.00 8.98 3.35
N MET A 516 -27.33 7.76 2.93
CA MET A 516 -27.13 6.55 3.72
C MET A 516 -25.92 5.76 3.24
N VAL A 517 -24.74 6.38 3.25
CA VAL A 517 -23.60 5.72 2.60
C VAL A 517 -22.98 4.57 3.40
N PRO A 518 -22.53 4.71 4.70
CA PRO A 518 -21.87 3.57 5.32
C PRO A 518 -22.82 2.43 5.62
N SER A 519 -23.93 2.75 6.28
CA SER A 519 -25.02 1.81 6.53
C SER A 519 -26.25 2.63 6.90
N SER A 520 -27.34 1.93 7.16
CA SER A 520 -28.60 2.58 7.47
C SER A 520 -29.54 1.57 8.13
N ARG A 521 -30.53 2.09 8.82
CA ARG A 521 -31.60 1.28 9.39
C ARG A 521 -32.92 1.69 8.78
N LEU A 522 -33.87 0.77 8.76
CA LEU A 522 -35.18 1.02 8.19
C LEU A 522 -36.22 0.47 9.14
N LEU A 523 -37.00 1.33 9.77
CA LEU A 523 -38.00 0.94 10.75
C LEU A 523 -39.36 1.09 10.12
N VAL A 524 -40.03 -0.03 9.87
CA VAL A 524 -41.37 -0.05 9.31
C VAL A 524 -42.34 -0.39 10.43
N TYR A 525 -43.54 0.19 10.39
CA TYR A 525 -44.55 -0.15 11.37
C TYR A 525 -45.94 0.02 10.75
N TYR A 526 -46.94 -0.51 11.45
CA TYR A 526 -48.33 -0.26 11.13
C TYR A 526 -49.11 -0.12 12.43
N ILE A 527 -50.38 0.27 12.31
CA ILE A 527 -51.22 0.56 13.46
C ILE A 527 -52.46 -0.33 13.39
N VAL A 528 -52.62 -1.20 14.37
CA VAL A 528 -53.83 -2.00 14.43
C VAL A 528 -54.71 -1.49 15.57
N THR A 529 -55.83 -0.90 15.21
CA THR A 529 -56.72 -0.28 16.19
C THR A 529 -57.90 -1.20 16.49
N GLY A 530 -58.15 -1.41 17.78
CA GLY A 530 -59.36 -2.08 18.20
C GLY A 530 -60.28 -1.12 18.94
N GLU A 531 -61.20 -1.67 19.75
CA GLU A 531 -62.01 -0.82 20.60
C GLU A 531 -61.22 -0.29 21.79
N GLN A 532 -60.09 -0.90 22.10
CA GLN A 532 -59.17 -0.40 23.11
C GLN A 532 -58.32 0.72 22.55
N THR A 533 -57.26 1.07 23.26
CA THR A 533 -56.23 1.93 22.69
C THR A 533 -55.54 1.19 21.55
N ALA A 534 -55.12 1.95 20.54
CA ALA A 534 -54.40 1.40 19.40
C ALA A 534 -53.01 0.93 19.81
N GLU A 535 -52.30 0.34 18.87
CA GLU A 535 -50.93 -0.09 19.11
C GLU A 535 -50.12 -0.08 17.82
N LEU A 536 -48.89 0.43 17.92
CA LEU A 536 -47.98 0.36 16.81
C LEU A 536 -47.31 -1.00 16.83
N VAL A 537 -47.21 -1.63 15.67
CA VAL A 537 -46.54 -2.92 15.54
C VAL A 537 -45.38 -2.70 14.58
N SER A 538 -44.17 -2.81 15.08
CA SER A 538 -43.00 -2.34 14.36
C SER A 538 -41.94 -3.42 14.27
N ASP A 539 -41.05 -3.25 13.29
CA ASP A 539 -39.87 -4.07 13.12
C ASP A 539 -38.87 -3.25 12.33
N SER A 540 -37.59 -3.59 12.48
CA SER A 540 -36.54 -2.87 11.77
C SER A 540 -35.44 -3.81 11.31
N VAL A 541 -34.73 -3.39 10.27
CA VAL A 541 -33.56 -4.09 9.77
C VAL A 541 -32.40 -3.11 9.72
N TRP A 542 -31.21 -3.64 9.55
CA TRP A 542 -30.00 -2.86 9.38
C TRP A 542 -29.47 -3.13 7.97
N LEU A 543 -29.21 -2.07 7.22
CA LEU A 543 -28.81 -2.20 5.83
C LEU A 543 -27.29 -2.08 5.70
N ASN A 544 -26.80 -2.38 4.51
CA ASN A 544 -25.37 -2.55 4.25
C ASN A 544 -24.96 -1.83 2.98
N ILE A 545 -25.25 -0.54 2.90
CA ILE A 545 -25.01 0.20 1.67
C ILE A 545 -23.51 0.40 1.44
N GLU A 546 -23.09 0.31 0.18
CA GLU A 546 -21.68 0.29 -0.21
C GLU A 546 -20.97 1.60 0.08
N GLU A 547 -19.65 1.55 0.02
CA GLU A 547 -18.80 2.69 0.33
C GLU A 547 -18.51 3.46 -0.95
N LYS A 548 -19.34 4.46 -1.23
CA LYS A 548 -19.17 5.32 -2.40
C LYS A 548 -19.18 6.75 -1.92
N CYS A 549 -18.01 7.37 -1.85
CA CYS A 549 -17.91 8.74 -1.34
C CYS A 549 -18.55 9.72 -2.31
N GLY A 550 -18.89 10.90 -1.79
CA GLY A 550 -19.75 11.83 -2.50
C GLY A 550 -19.11 12.46 -3.72
N ASN A 551 -17.79 12.57 -3.75
CA ASN A 551 -17.06 12.93 -4.96
C ASN A 551 -15.81 12.05 -5.02
N GLN A 552 -15.83 11.11 -5.97
CA GLN A 552 -14.90 9.98 -5.97
C GLN A 552 -13.50 10.46 -6.34
N LEU A 553 -12.66 10.59 -5.33
CA LEU A 553 -11.25 10.88 -5.53
C LEU A 553 -10.54 9.63 -6.02
N GLN A 554 -9.68 9.80 -7.02
CA GLN A 554 -8.72 8.75 -7.32
C GLN A 554 -7.39 9.38 -7.70
N VAL A 555 -6.31 8.75 -7.25
CA VAL A 555 -4.96 9.18 -7.56
C VAL A 555 -4.29 8.11 -8.40
N HIS A 556 -3.40 8.56 -9.29
CA HIS A 556 -2.62 7.67 -10.14
C HIS A 556 -1.22 8.24 -10.29
N LEU A 557 -0.30 7.39 -10.70
CA LEU A 557 1.07 7.79 -11.00
C LEU A 557 1.30 7.63 -12.50
N SER A 558 1.94 8.62 -13.11
CA SER A 558 2.25 8.57 -14.54
C SER A 558 3.74 8.71 -14.73
N PRO A 559 4.43 7.75 -15.36
CA PRO A 559 3.90 6.51 -15.93
C PRO A 559 3.67 5.41 -14.90
N ASP A 560 2.65 4.60 -15.09
CA ASP A 560 2.33 3.53 -14.15
C ASP A 560 3.13 2.30 -14.57
N ALA A 561 4.24 2.09 -13.89
CA ALA A 561 5.07 0.91 -14.09
C ALA A 561 5.11 0.10 -12.80
N ASP A 562 5.56 -1.14 -12.91
CA ASP A 562 5.72 -2.00 -11.73
C ASP A 562 7.10 -1.90 -11.13
N ALA A 563 7.93 -0.97 -11.60
CA ALA A 563 9.26 -0.75 -11.07
C ALA A 563 9.70 0.63 -11.52
N TYR A 564 10.29 1.39 -10.60
CA TYR A 564 10.75 2.73 -10.90
C TYR A 564 12.26 2.83 -10.70
N SER A 565 12.80 4.00 -10.98
CA SER A 565 14.21 4.26 -10.75
C SER A 565 14.37 5.18 -9.55
N PRO A 566 15.40 4.98 -8.75
CA PRO A 566 15.67 5.92 -7.66
C PRO A 566 16.14 7.26 -8.20
N GLY A 567 15.24 8.25 -8.17
CA GLY A 567 15.49 9.53 -8.78
C GLY A 567 14.59 9.85 -9.96
N GLN A 568 13.65 8.96 -10.29
CA GLN A 568 12.79 9.15 -11.46
C GLN A 568 11.70 10.16 -11.15
N THR A 569 11.58 11.18 -12.00
CA THR A 569 10.52 12.16 -11.85
C THR A 569 9.22 11.60 -12.41
N VAL A 570 8.22 11.43 -11.56
CA VAL A 570 6.90 10.97 -11.97
C VAL A 570 5.90 12.08 -11.64
N SER A 571 4.71 11.93 -12.20
CA SER A 571 3.63 12.90 -12.01
C SER A 571 2.45 12.20 -11.35
N LEU A 572 1.90 12.84 -10.32
CA LEU A 572 0.76 12.31 -9.59
C LEU A 572 -0.50 12.93 -10.16
N ASN A 573 -1.42 12.10 -10.62
CA ASN A 573 -2.61 12.53 -11.34
C ASN A 573 -3.83 12.36 -10.45
N MET A 574 -4.18 13.42 -9.71
CA MET A 574 -5.39 13.44 -8.91
C MET A 574 -6.57 13.89 -9.76
N ALA A 575 -7.74 13.34 -9.47
CA ALA A 575 -8.94 13.67 -10.24
C ALA A 575 -10.15 13.37 -9.38
N THR A 576 -10.84 14.42 -8.94
CA THR A 576 -12.03 14.28 -8.11
C THR A 576 -13.28 14.47 -8.95
N GLY A 577 -14.42 14.47 -8.28
CA GLY A 577 -15.69 14.67 -8.97
C GLY A 577 -16.17 16.11 -8.91
N MET A 578 -15.81 16.79 -7.82
CA MET A 578 -16.12 18.20 -7.64
C MET A 578 -14.94 18.83 -6.94
N ASP A 579 -15.11 20.08 -6.50
CA ASP A 579 -14.03 20.79 -5.83
C ASP A 579 -13.80 20.21 -4.45
N SER A 580 -12.53 19.96 -4.11
CA SER A 580 -12.21 19.34 -2.84
C SER A 580 -10.81 19.74 -2.43
N TRP A 581 -10.52 19.59 -1.15
CA TRP A 581 -9.17 19.75 -0.62
C TRP A 581 -8.60 18.36 -0.40
N VAL A 582 -7.57 18.02 -1.16
CA VAL A 582 -6.99 16.69 -1.14
C VAL A 582 -5.73 16.71 -0.31
N ALA A 583 -5.64 15.78 0.65
CA ALA A 583 -4.51 15.67 1.55
C ALA A 583 -3.67 14.47 1.13
N LEU A 584 -2.36 14.67 0.98
CA LEU A 584 -1.48 13.67 0.41
C LEU A 584 -0.47 13.17 1.42
N ALA A 585 -0.16 11.88 1.35
CA ALA A 585 0.78 11.25 2.27
C ALA A 585 1.45 10.09 1.55
N ALA A 586 2.77 10.15 1.41
CA ALA A 586 3.56 9.07 0.82
C ALA A 586 4.40 8.45 1.92
N VAL A 587 3.95 7.30 2.44
CA VAL A 587 4.58 6.65 3.58
C VAL A 587 5.27 5.38 3.09
N ASP A 588 6.52 5.20 3.49
CA ASP A 588 7.26 3.98 3.27
C ASP A 588 6.53 2.80 3.90
N SER A 589 6.05 1.88 3.07
CA SER A 589 5.12 0.86 3.50
C SER A 589 5.76 -0.29 4.25
N ALA A 590 7.06 -0.24 4.53
CA ALA A 590 7.70 -1.27 5.32
C ALA A 590 7.52 -1.06 6.82
N VAL A 591 6.88 0.05 7.22
CA VAL A 591 6.63 0.31 8.65
C VAL A 591 5.49 -0.53 9.19
N TYR A 592 4.62 -1.04 8.33
CA TYR A 592 3.37 -1.64 8.81
C TYR A 592 3.54 -3.10 9.18
N GLY A 593 4.48 -3.81 8.57
CA GLY A 593 4.82 -5.16 8.97
C GLY A 593 3.78 -6.23 8.68
N LEU A 602 -3.20 3.27 10.69
CA LEU A 602 -3.80 3.03 9.38
C LEU A 602 -4.73 4.19 9.01
N GLU A 603 -5.67 3.92 8.08
CA GLU A 603 -6.71 4.87 7.73
C GLU A 603 -8.07 4.20 7.51
N ARG A 604 -8.38 3.14 8.23
CA ARG A 604 -9.74 2.60 8.21
C ARG A 604 -10.62 3.58 9.00
N VAL A 605 -11.68 4.05 8.35
CA VAL A 605 -12.41 5.22 8.81
C VAL A 605 -13.91 4.93 8.96
N PHE A 606 -14.50 4.20 8.02
CA PHE A 606 -15.93 3.94 8.02
C PHE A 606 -16.34 2.98 9.13
N GLN A 607 -15.38 2.22 9.65
CA GLN A 607 -15.63 1.42 10.84
C GLN A 607 -15.49 2.24 12.12
N PHE A 608 -15.12 3.51 12.03
CA PHE A 608 -15.13 4.44 13.15
C PHE A 608 -16.08 5.61 12.94
N LEU A 609 -16.25 6.05 11.70
CA LEU A 609 -17.20 7.10 11.37
C LEU A 609 -18.64 6.63 11.50
N GLU A 610 -18.87 5.32 11.55
CA GLU A 610 -20.19 4.76 11.77
C GLU A 610 -20.57 4.72 13.25
N LYS A 611 -19.68 5.15 14.14
CA LYS A 611 -20.00 5.16 15.57
C LYS A 611 -20.84 6.35 15.99
N SER A 612 -21.29 7.18 15.04
CA SER A 612 -22.36 8.14 15.30
C SER A 612 -23.73 7.49 15.28
N ASP A 613 -23.83 6.23 14.87
CA ASP A 613 -25.12 5.56 14.82
C ASP A 613 -25.56 5.20 16.23
N LEU A 614 -26.79 5.57 16.56
CA LEU A 614 -27.38 5.28 17.86
C LEU A 614 -28.13 3.97 17.79
N GLY A 615 -28.06 3.18 18.85
CA GLY A 615 -28.71 1.89 18.86
C GLY A 615 -27.95 0.82 18.11
N CYS A 616 -27.97 -0.41 18.60
CA CYS A 616 -27.16 -1.46 18.04
C CYS A 616 -27.97 -2.71 17.76
N GLY A 617 -27.28 -3.74 17.31
CA GLY A 617 -27.91 -4.94 16.83
C GLY A 617 -28.38 -4.80 15.40
N ALA A 618 -28.88 -5.91 14.85
CA ALA A 618 -29.46 -5.90 13.53
C ALA A 618 -30.96 -5.68 13.53
N GLY A 619 -31.49 -5.00 14.53
CA GLY A 619 -32.90 -4.68 14.60
C GLY A 619 -33.63 -5.48 15.66
N GLY A 620 -34.95 -5.50 15.52
CA GLY A 620 -35.80 -6.25 16.42
C GLY A 620 -35.93 -5.61 17.78
N GLY A 621 -36.78 -6.21 18.60
CA GLY A 621 -36.99 -5.73 19.95
C GLY A 621 -37.91 -6.66 20.71
N LEU A 622 -37.93 -6.46 22.02
CA LEU A 622 -38.79 -7.30 22.87
C LEU A 622 -40.25 -6.89 22.75
N ASN A 623 -40.51 -5.59 22.68
CA ASN A 623 -41.85 -5.09 22.47
C ASN A 623 -41.76 -4.04 21.39
N ASN A 624 -42.79 -3.21 21.27
CA ASN A 624 -42.82 -2.17 20.24
C ASN A 624 -41.73 -1.13 20.48
N ALA A 625 -41.64 -0.64 21.70
CA ALA A 625 -40.75 0.47 21.96
C ALA A 625 -39.30 0.06 21.97
N ASN A 626 -39.02 -1.22 22.17
CA ASN A 626 -37.64 -1.68 22.08
C ASN A 626 -37.15 -1.68 20.65
N VAL A 627 -38.05 -1.83 19.69
CA VAL A 627 -37.66 -1.73 18.28
C VAL A 627 -37.27 -0.31 17.95
N PHE A 628 -38.05 0.66 18.41
CA PHE A 628 -37.70 2.06 18.22
C PHE A 628 -36.44 2.43 18.98
N HIS A 629 -36.25 1.87 20.18
CA HIS A 629 -35.11 2.24 20.99
C HIS A 629 -33.81 1.67 20.45
N LEU A 630 -33.83 0.40 20.03
CA LEU A 630 -32.63 -0.22 19.50
C LEU A 630 -32.28 0.25 18.11
N ALA A 631 -33.17 0.96 17.43
CA ALA A 631 -32.82 1.59 16.17
C ALA A 631 -32.21 2.96 16.36
N GLY A 632 -32.21 3.48 17.58
CA GLY A 632 -31.71 4.81 17.84
C GLY A 632 -32.79 5.86 17.64
N LEU A 633 -33.97 5.57 18.16
CA LEU A 633 -35.10 6.48 18.05
C LEU A 633 -35.84 6.53 19.36
N THR A 634 -36.61 7.58 19.54
CA THR A 634 -37.66 7.63 20.53
C THR A 634 -38.86 8.31 19.90
N PHE A 635 -39.97 8.30 20.61
CA PHE A 635 -41.24 8.67 20.00
C PHE A 635 -42.25 8.97 21.10
N LEU A 636 -43.37 9.55 20.68
CA LEU A 636 -44.46 9.84 21.60
C LEU A 636 -45.77 9.74 20.85
N THR A 637 -46.66 8.88 21.35
CA THR A 637 -47.89 8.53 20.65
C THR A 637 -49.09 8.66 21.56
N ASN A 638 -50.25 8.21 21.08
CA ASN A 638 -51.34 7.78 21.95
C ASN A 638 -51.30 6.29 22.20
N ALA A 639 -50.92 5.54 21.18
CA ALA A 639 -51.05 4.08 21.13
C ALA A 639 -50.20 3.37 22.15
N ASN A 640 -48.90 3.65 22.16
CA ASN A 640 -47.99 3.01 23.09
C ASN A 640 -47.06 4.06 23.69
N ALA A 641 -46.39 3.71 24.77
CA ALA A 641 -45.42 4.59 25.39
C ALA A 641 -44.02 4.03 25.13
N ASP A 642 -43.01 4.88 25.33
CA ASP A 642 -41.64 4.43 25.14
C ASP A 642 -41.16 3.62 26.34
N ASP A 643 -41.24 4.20 27.54
CA ASP A 643 -40.88 3.61 28.85
C ASP A 643 -39.53 2.88 28.85
N SER A 644 -38.59 3.37 28.05
CA SER A 644 -37.32 2.70 27.81
C SER A 644 -36.26 3.29 28.72
N GLN A 645 -35.60 2.44 29.50
CA GLN A 645 -34.56 2.90 30.40
C GLN A 645 -33.33 3.33 29.60
N GLU A 646 -32.92 4.58 29.77
CA GLU A 646 -31.83 5.17 29.02
C GLU A 646 -30.47 4.94 29.68
N ASN A 647 -30.17 3.67 29.92
CA ASN A 647 -28.95 3.27 30.63
C ASN A 647 -27.77 3.23 29.66
N ASP A 648 -26.67 2.63 30.10
CA ASP A 648 -25.44 2.61 29.32
C ASP A 648 -25.48 1.57 28.20
N GLU A 649 -25.63 0.28 28.56
CA GLU A 649 -25.69 -0.88 27.67
C GLU A 649 -24.49 -0.97 26.72
N PRO A 650 -23.31 -1.39 27.20
CA PRO A 650 -22.17 -1.53 26.29
C PRO A 650 -22.30 -2.74 25.37
N CYS A 651 -23.13 -2.62 24.34
CA CYS A 651 -23.43 -3.76 23.47
C CYS A 651 -22.30 -3.97 22.46
N LYS A 652 -22.14 -5.24 22.06
CA LYS A 652 -20.96 -5.66 21.31
C LYS A 652 -21.27 -6.36 19.99
N GLU A 653 -22.37 -6.02 19.32
CA GLU A 653 -22.77 -6.75 18.12
C GLU A 653 -21.87 -6.47 16.93
N ILE A 654 -21.96 -7.32 15.90
CA ILE A 654 -20.95 -7.40 14.86
C ILE A 654 -21.41 -6.77 13.55
N LEU A 655 -22.51 -7.26 12.98
CA LEU A 655 -23.24 -6.75 11.81
C LEU A 655 -22.51 -6.93 10.48
N ARG A 656 -21.26 -7.35 10.50
CA ARG A 656 -20.55 -7.37 9.23
C ARG A 656 -19.51 -8.47 9.21
N PRO A 657 -19.32 -9.14 8.07
CA PRO A 657 -18.20 -10.08 7.93
C PRO A 657 -16.86 -9.36 7.81
N THR B 1 23.86 -29.23 29.69
CA THR B 1 23.83 -27.78 29.72
C THR B 1 23.49 -27.23 31.10
N LEU B 2 23.83 -25.95 31.32
CA LEU B 2 23.59 -25.22 32.56
C LEU B 2 24.19 -25.93 33.76
N GLN B 3 25.53 -26.07 33.77
CA GLN B 3 26.27 -27.18 34.38
C GLN B 3 25.83 -27.61 35.76
N LYS B 4 26.09 -26.79 36.77
CA LYS B 4 25.34 -26.87 38.02
C LYS B 4 25.03 -25.48 38.54
N LYS B 5 26.00 -24.58 38.40
CA LYS B 5 25.99 -23.34 39.17
C LYS B 5 25.15 -22.27 38.49
N ILE B 6 25.03 -22.35 37.17
CA ILE B 6 24.38 -21.29 36.39
C ILE B 6 22.90 -21.20 36.73
N GLU B 7 22.27 -22.36 36.97
CA GLU B 7 20.87 -22.38 37.37
C GLU B 7 20.66 -21.87 38.79
N GLU B 8 21.64 -22.07 39.67
CA GLU B 8 21.48 -21.67 41.06
C GLU B 8 21.91 -20.22 41.30
N ILE B 9 22.93 -19.73 40.59
CA ILE B 9 23.41 -18.39 40.84
C ILE B 9 22.52 -17.35 40.18
N ALA B 10 21.67 -17.76 39.24
CA ALA B 10 20.74 -16.82 38.60
C ALA B 10 19.37 -16.83 39.25
N ALA B 11 18.92 -17.99 39.75
CA ALA B 11 17.66 -18.05 40.47
C ALA B 11 17.72 -17.34 41.82
N LYS B 12 18.91 -17.28 42.43
CA LYS B 12 19.09 -16.51 43.66
C LYS B 12 18.83 -15.03 43.42
N TYR B 13 19.28 -14.51 42.28
CA TYR B 13 19.03 -13.14 41.86
C TYR B 13 17.94 -13.07 40.80
N LYS B 14 16.92 -13.90 40.92
CA LYS B 14 15.82 -13.84 39.97
C LYS B 14 14.86 -12.70 40.30
N HIS B 15 14.66 -12.44 41.60
CA HIS B 15 13.77 -11.40 42.07
C HIS B 15 14.47 -10.50 43.06
N SER B 16 15.75 -10.25 42.80
CA SER B 16 16.54 -9.39 43.65
C SER B 16 16.41 -7.93 43.21
N VAL B 17 16.75 -7.03 44.12
CA VAL B 17 16.76 -5.62 43.77
C VAL B 17 18.06 -5.27 43.06
N VAL B 18 19.09 -6.10 43.23
CA VAL B 18 20.40 -5.86 42.66
C VAL B 18 20.75 -6.97 41.69
N LYS B 19 19.74 -7.50 40.99
CA LYS B 19 19.99 -8.54 40.01
C LYS B 19 20.79 -8.03 38.82
N LYS B 20 20.61 -6.75 38.47
CA LYS B 20 21.37 -6.17 37.38
C LYS B 20 22.84 -5.99 37.75
N CYS B 21 23.14 -5.80 39.03
CA CYS B 21 24.54 -5.75 39.46
C CYS B 21 25.23 -7.09 39.28
N CYS B 22 24.51 -8.19 39.44
CA CYS B 22 25.08 -9.50 39.17
C CYS B 22 25.23 -9.74 37.68
N TYR B 23 24.35 -9.17 36.87
CA TYR B 23 24.32 -9.46 35.43
C TYR B 23 25.56 -8.91 34.73
N ASP B 24 25.94 -7.68 35.03
CA ASP B 24 27.13 -7.10 34.43
C ASP B 24 28.39 -7.40 35.23
N GLY B 25 28.29 -8.24 36.27
CA GLY B 25 29.49 -8.79 36.87
C GLY B 25 30.04 -9.95 36.08
N ALA B 26 29.17 -10.71 35.42
CA ALA B 26 29.57 -11.88 34.67
C ALA B 26 29.95 -11.54 33.23
N CYS B 27 30.01 -10.26 32.87
CA CYS B 27 30.46 -9.90 31.54
C CYS B 27 31.96 -10.04 31.42
N VAL B 28 32.42 -10.30 30.21
CA VAL B 28 33.84 -10.59 29.98
C VAL B 28 34.63 -9.28 29.98
N ASN B 29 35.42 -9.08 31.02
CA ASN B 29 36.44 -8.03 31.04
C ASN B 29 37.77 -8.75 31.26
N ASN B 30 38.54 -8.88 30.18
CA ASN B 30 39.73 -9.73 30.22
C ASN B 30 40.89 -9.02 30.89
N ASP B 31 40.98 -7.70 30.77
CA ASP B 31 42.14 -6.95 31.22
C ASP B 31 41.94 -6.29 32.57
N GLU B 32 40.88 -6.63 33.29
CA GLU B 32 40.65 -6.11 34.63
C GLU B 32 40.22 -7.26 35.52
N THR B 33 40.82 -7.36 36.70
CA THR B 33 40.46 -8.44 37.61
C THR B 33 39.17 -8.11 38.34
N CYS B 34 38.79 -9.00 39.25
CA CYS B 34 37.44 -8.94 39.81
C CYS B 34 37.30 -7.84 40.85
N GLU B 35 38.34 -7.61 41.65
CA GLU B 35 38.31 -6.52 42.61
C GLU B 35 38.77 -5.20 42.01
N GLN B 36 39.66 -5.25 41.02
CA GLN B 36 40.17 -4.10 40.30
C GLN B 36 39.07 -3.30 39.60
N ARG B 37 38.07 -3.99 39.08
CA ARG B 37 36.92 -3.34 38.45
C ARG B 37 35.76 -3.16 39.41
N ALA B 38 35.74 -3.85 40.55
CA ALA B 38 34.69 -3.63 41.52
C ALA B 38 34.87 -2.36 42.32
N ALA B 39 36.07 -1.78 42.30
CA ALA B 39 36.35 -0.59 43.11
C ALA B 39 35.65 0.64 42.54
N ARG B 40 35.44 0.67 41.23
CA ARG B 40 34.78 1.82 40.62
C ARG B 40 33.27 1.75 40.66
N ILE B 41 32.70 0.75 41.36
CA ILE B 41 31.25 0.71 41.53
C ILE B 41 30.85 1.66 42.64
N SER B 42 29.87 2.52 42.36
CA SER B 42 29.29 3.36 43.40
C SER B 42 27.78 3.24 43.36
N LEU B 43 27.25 2.17 43.95
CA LEU B 43 25.82 2.01 44.21
C LEU B 43 25.60 1.32 45.55
N GLY B 44 26.51 1.48 46.48
CA GLY B 44 26.38 0.89 47.79
C GLY B 44 27.01 -0.49 47.85
N PRO B 45 27.23 -1.00 49.07
CA PRO B 45 27.91 -2.29 49.22
C PRO B 45 27.04 -3.49 48.88
N ARG B 46 25.73 -3.32 48.85
CA ARG B 46 24.83 -4.42 48.48
C ARG B 46 24.99 -4.78 47.01
N CYS B 47 25.19 -3.77 46.16
CA CYS B 47 25.41 -4.02 44.73
C CYS B 47 26.82 -4.53 44.47
N ILE B 48 27.77 -4.20 45.34
CA ILE B 48 29.14 -4.69 45.16
C ILE B 48 29.22 -6.18 45.44
N LYS B 49 28.53 -6.66 46.48
CA LYS B 49 28.56 -8.08 46.80
C LYS B 49 27.79 -8.91 45.78
N ALA B 50 26.70 -8.36 45.23
CA ALA B 50 26.03 -9.04 44.13
C ALA B 50 26.87 -9.03 42.87
N PHE B 51 27.72 -8.03 42.70
CA PHE B 51 28.65 -7.99 41.58
C PHE B 51 29.73 -9.04 41.75
N THR B 52 30.46 -8.97 42.87
CA THR B 52 31.67 -9.76 43.05
C THR B 52 31.37 -11.25 43.16
N GLU B 53 30.28 -11.60 43.84
CA GLU B 53 29.92 -13.00 43.99
C GLU B 53 29.20 -13.56 42.78
N CYS B 54 28.99 -12.75 41.73
CA CYS B 54 28.68 -13.24 40.40
C CYS B 54 29.85 -13.08 39.45
N CYS B 55 30.86 -12.32 39.84
CA CYS B 55 32.08 -12.17 39.06
C CYS B 55 33.06 -13.31 39.31
N VAL B 56 33.20 -13.76 40.57
CA VAL B 56 34.17 -14.80 40.86
C VAL B 56 33.66 -16.17 40.39
N VAL B 57 32.33 -16.33 40.28
CA VAL B 57 31.77 -17.62 39.92
C VAL B 57 31.69 -17.83 38.43
N ALA B 58 32.08 -16.85 37.63
CA ALA B 58 32.17 -17.00 36.18
C ALA B 58 33.60 -17.16 35.69
N SER B 59 34.56 -16.51 36.35
CA SER B 59 35.96 -16.74 36.02
C SER B 59 36.39 -18.16 36.40
N GLN B 60 35.80 -18.72 37.45
CA GLN B 60 35.99 -20.13 37.74
C GLN B 60 35.26 -21.01 36.72
N LEU B 61 34.06 -20.60 36.32
CA LEU B 61 33.25 -21.35 35.35
C LEU B 61 33.60 -21.02 33.92
N ARG B 62 34.77 -20.46 33.65
CA ARG B 62 35.25 -20.31 32.28
C ARG B 62 36.56 -21.03 32.07
N ALA B 63 37.10 -21.66 33.11
CA ALA B 63 38.35 -22.42 32.97
C ALA B 63 38.09 -23.75 32.28
N ASN B 64 37.27 -24.61 32.87
CA ASN B 64 37.07 -25.97 32.41
C ASN B 64 35.63 -26.22 31.96
N ILE B 65 34.97 -25.20 31.42
CA ILE B 65 33.62 -25.31 30.88
C ILE B 65 33.69 -24.94 29.41
N SER B 66 32.79 -25.52 28.61
CA SER B 66 32.90 -25.46 27.17
C SER B 66 32.46 -24.10 26.64
N HIS B 67 32.88 -23.82 25.39
CA HIS B 67 32.41 -22.65 24.68
C HIS B 67 30.93 -22.76 24.36
N LYS B 68 30.51 -23.95 23.92
CA LYS B 68 29.10 -24.27 23.73
C LYS B 68 28.29 -24.19 25.01
N ASP B 69 28.91 -24.43 26.16
CA ASP B 69 28.19 -24.44 27.42
C ASP B 69 27.99 -23.03 27.97
N MET B 70 29.01 -22.18 27.90
CA MET B 70 28.91 -20.87 28.51
C MET B 70 28.05 -19.92 27.70
N GLN B 71 27.97 -20.10 26.39
CA GLN B 71 27.09 -19.28 25.57
C GLN B 71 25.65 -19.77 25.60
N LEU B 72 25.35 -20.83 26.32
CA LEU B 72 23.97 -21.12 26.71
C LEU B 72 23.64 -20.46 28.03
N GLY B 73 24.64 -20.30 28.89
CA GLY B 73 24.45 -19.58 30.13
C GLY B 73 24.41 -18.08 29.96
N ARG B 74 24.86 -17.58 28.81
CA ARG B 74 24.67 -16.16 28.51
C ARG B 74 23.21 -15.86 28.21
N LEU B 75 22.48 -16.86 27.71
CA LEU B 75 21.05 -16.69 27.49
C LEU B 75 20.24 -16.98 28.75
N HIS B 76 20.73 -17.84 29.62
CA HIS B 76 20.03 -18.05 30.88
C HIS B 76 20.15 -16.85 31.80
N MET B 77 21.23 -16.08 31.71
CA MET B 77 21.43 -14.91 32.52
C MET B 77 20.63 -13.71 32.02
N LYS B 78 19.93 -13.85 30.91
CA LYS B 78 19.19 -12.76 30.29
C LYS B 78 18.01 -12.29 31.12
N THR B 79 17.47 -13.13 31.99
CA THR B 79 16.31 -12.75 32.79
C THR B 79 16.68 -11.92 34.00
N LEU B 80 17.95 -11.68 34.24
CA LEU B 80 18.41 -10.79 35.29
C LEU B 80 18.41 -9.34 34.84
N LEU B 81 18.05 -9.08 33.62
CA LEU B 81 17.99 -7.78 32.98
C LEU B 81 16.64 -7.12 33.25
N PRO B 82 16.57 -5.79 33.14
CA PRO B 82 15.26 -5.16 32.95
C PRO B 82 14.70 -5.55 31.59
N VAL B 83 13.38 -5.42 31.41
CA VAL B 83 12.69 -5.96 30.25
C VAL B 83 13.13 -5.24 28.98
N SER B 84 12.86 -5.86 27.84
CA SER B 84 13.49 -5.61 26.52
C SER B 84 13.25 -4.15 26.13
N LYS B 85 14.29 -3.40 25.84
CA LYS B 85 14.20 -1.96 25.61
C LYS B 85 13.61 -1.74 24.23
N PRO B 86 12.79 -0.70 24.06
CA PRO B 86 12.17 -0.47 22.75
C PRO B 86 13.17 0.03 21.72
N GLU B 87 13.54 -0.86 20.80
CA GLU B 87 14.47 -0.53 19.74
C GLU B 87 13.94 -1.08 18.42
N ILE B 88 14.32 -0.40 17.34
CA ILE B 88 13.94 -0.83 16.01
C ILE B 88 15.22 -1.03 15.21
N ARG B 89 15.24 -2.08 14.41
CA ARG B 89 16.40 -2.38 13.56
C ARG B 89 15.94 -2.24 12.13
N SER B 90 15.87 -0.97 11.69
CA SER B 90 15.52 -0.43 10.39
C SER B 90 15.63 1.08 10.56
N TYR B 91 15.79 1.79 9.46
CA TYR B 91 15.69 3.24 9.48
C TYR B 91 14.76 3.66 8.36
N PHE B 92 13.59 4.13 8.72
CA PHE B 92 12.64 4.60 7.74
C PHE B 92 12.86 6.08 7.51
N PRO B 93 13.00 6.51 6.26
CA PRO B 93 13.33 7.91 5.99
C PRO B 93 12.15 8.82 6.26
N GLU B 94 12.44 10.12 6.26
CA GLU B 94 11.40 11.13 6.44
C GLU B 94 10.44 11.10 5.26
N SER B 95 9.15 10.99 5.58
CA SER B 95 8.12 10.78 4.58
C SER B 95 7.93 12.05 3.77
N TRP B 96 8.07 11.93 2.46
CA TRP B 96 7.83 13.01 1.52
C TRP B 96 6.35 13.04 1.12
N LEU B 97 6.01 14.06 0.34
CA LEU B 97 4.65 14.32 -0.14
C LEU B 97 3.66 14.46 1.02
N TRP B 98 3.92 15.46 1.85
CA TRP B 98 3.08 15.72 3.02
C TRP B 98 2.53 17.12 2.86
N GLU B 99 1.41 17.24 2.16
CA GLU B 99 0.84 18.54 1.86
C GLU B 99 -0.63 18.36 1.53
N VAL B 100 -1.36 19.47 1.54
CA VAL B 100 -2.74 19.50 1.10
C VAL B 100 -2.80 20.31 -0.19
N HIS B 101 -3.80 20.01 -1.00
CA HIS B 101 -3.95 20.67 -2.29
C HIS B 101 -5.43 20.84 -2.60
N LEU B 102 -5.75 21.96 -3.23
CA LEU B 102 -7.09 22.21 -3.72
C LEU B 102 -7.17 21.69 -5.15
N VAL B 103 -8.01 20.70 -5.38
CA VAL B 103 -8.07 20.07 -6.70
C VAL B 103 -9.38 20.42 -7.37
N PRO B 104 -9.36 21.24 -8.41
CA PRO B 104 -10.57 21.50 -9.18
C PRO B 104 -10.81 20.41 -10.22
N ARG B 105 -11.21 19.23 -9.73
CA ARG B 105 -11.70 18.06 -10.48
C ARG B 105 -10.63 17.34 -11.28
N ARG B 106 -9.43 17.91 -11.39
CA ARG B 106 -8.25 17.31 -12.00
C ARG B 106 -7.04 18.19 -11.70
N LYS B 107 -5.96 17.58 -11.23
CA LYS B 107 -4.74 18.31 -10.97
C LYS B 107 -3.56 17.36 -11.13
N GLN B 108 -2.50 17.88 -11.75
CA GLN B 108 -1.29 17.12 -11.96
C GLN B 108 -0.14 17.83 -11.25
N LEU B 109 0.67 17.06 -10.54
CA LEU B 109 1.87 17.59 -9.93
C LEU B 109 2.98 16.57 -10.02
N GLN B 110 4.19 17.06 -10.27
CA GLN B 110 5.34 16.23 -10.55
C GLN B 110 6.41 16.42 -9.49
N PHE B 111 7.16 15.35 -9.24
CA PHE B 111 8.17 15.31 -8.19
C PHE B 111 9.14 14.19 -8.48
N ALA B 112 10.34 14.31 -7.90
CA ALA B 112 11.34 13.27 -8.03
C ALA B 112 11.22 12.29 -6.87
N LEU B 113 11.10 11.01 -7.19
CA LEU B 113 11.14 9.97 -6.18
C LEU B 113 12.52 9.96 -5.52
N PRO B 114 12.59 9.69 -4.22
CA PRO B 114 13.88 9.81 -3.54
C PRO B 114 14.76 8.61 -3.80
N ASP B 115 16.08 8.82 -3.63
CA ASP B 115 17.07 7.79 -3.93
C ASP B 115 17.06 6.75 -2.81
N SER B 116 16.05 5.88 -2.86
CA SER B 116 15.90 4.81 -1.89
C SER B 116 15.17 3.66 -2.56
N LEU B 117 15.49 2.44 -2.15
CA LEU B 117 14.88 1.25 -2.70
C LEU B 117 13.84 0.74 -1.71
N THR B 118 12.63 1.28 -1.80
CA THR B 118 11.53 0.86 -0.94
C THR B 118 10.21 1.15 -1.63
N THR B 119 9.20 0.36 -1.27
CA THR B 119 7.90 0.42 -1.92
C THR B 119 6.98 1.40 -1.19
N TRP B 120 6.81 2.58 -1.77
CA TRP B 120 6.03 3.63 -1.16
C TRP B 120 4.54 3.32 -1.28
N GLU B 121 3.75 4.05 -0.49
CA GLU B 121 2.30 3.98 -0.56
C GLU B 121 1.76 5.39 -0.46
N ILE B 122 1.07 5.84 -1.51
CA ILE B 122 0.50 7.18 -1.56
C ILE B 122 -0.99 7.05 -1.33
N GLN B 123 -1.49 7.61 -0.24
CA GLN B 123 -2.92 7.63 0.04
C GLN B 123 -3.41 9.06 0.11
N GLY B 124 -4.67 9.25 -0.28
CA GLY B 124 -5.25 10.57 -0.35
C GLY B 124 -6.58 10.66 0.34
N VAL B 125 -6.78 11.71 1.14
CA VAL B 125 -7.99 11.92 1.91
C VAL B 125 -8.60 13.23 1.43
N GLY B 126 -9.82 13.18 0.91
CA GLY B 126 -10.43 14.36 0.35
C GLY B 126 -11.54 14.95 1.18
N ILE B 127 -11.28 16.07 1.79
CA ILE B 127 -12.26 16.75 2.62
C ILE B 127 -12.93 17.85 1.81
N SER B 128 -14.23 17.67 1.55
CA SER B 128 -15.01 18.64 0.79
C SER B 128 -16.35 18.81 1.49
N ASN B 129 -17.25 19.56 0.83
CA ASN B 129 -18.56 19.85 1.41
C ASN B 129 -19.44 18.63 1.49
N THR B 130 -19.17 17.59 0.71
CA THR B 130 -20.02 16.41 0.76
C THR B 130 -19.60 15.49 1.91
N GLY B 131 -18.30 15.45 2.20
CA GLY B 131 -17.82 14.60 3.28
C GLY B 131 -16.37 14.27 3.11
N ILE B 132 -16.01 13.08 3.57
CA ILE B 132 -14.64 12.60 3.52
C ILE B 132 -14.58 11.39 2.60
N CYS B 133 -13.54 11.31 1.78
CA CYS B 133 -13.38 10.20 0.84
C CYS B 133 -11.91 9.78 0.88
N VAL B 134 -11.66 8.65 1.54
CA VAL B 134 -10.33 8.04 1.54
C VAL B 134 -10.15 7.30 0.22
N ALA B 135 -9.18 7.74 -0.57
CA ALA B 135 -8.98 7.20 -1.90
C ALA B 135 -8.35 5.82 -1.83
N ASP B 136 -8.44 5.09 -2.94
CA ASP B 136 -7.76 3.82 -3.05
C ASP B 136 -6.27 4.05 -3.15
N THR B 137 -5.50 3.31 -2.36
CA THR B 137 -4.07 3.55 -2.27
C THR B 137 -3.35 3.09 -3.54
N VAL B 138 -2.27 3.77 -3.85
CA VAL B 138 -1.40 3.38 -4.95
C VAL B 138 -0.01 3.15 -4.40
N LYS B 139 0.75 2.30 -5.06
CA LYS B 139 2.12 2.00 -4.67
C LYS B 139 3.09 2.57 -5.69
N ALA B 140 4.30 2.81 -5.22
CA ALA B 140 5.35 3.43 -6.01
C ALA B 140 6.63 2.62 -5.87
N LYS B 141 6.51 1.32 -6.12
CA LYS B 141 7.57 0.36 -5.79
C LYS B 141 8.77 0.56 -6.69
N VAL B 142 9.66 1.45 -6.27
CA VAL B 142 10.94 1.57 -6.96
C VAL B 142 11.78 0.35 -6.61
N PHE B 143 12.13 -0.43 -7.63
CA PHE B 143 12.65 -1.77 -7.43
C PHE B 143 13.53 -2.10 -8.64
N LYS B 144 14.84 -2.02 -8.45
CA LYS B 144 15.77 -2.46 -9.48
C LYS B 144 16.12 -3.92 -9.25
N ASP B 145 16.25 -4.66 -10.35
CA ASP B 145 16.56 -6.09 -10.27
C ASP B 145 18.03 -6.33 -10.01
N VAL B 146 18.90 -5.72 -10.81
CA VAL B 146 20.34 -5.76 -10.58
C VAL B 146 20.80 -4.34 -10.34
N PHE B 147 21.46 -4.11 -9.22
CA PHE B 147 21.87 -2.77 -8.85
C PHE B 147 23.15 -2.87 -8.05
N LEU B 148 23.98 -1.85 -8.16
CA LEU B 148 25.13 -1.75 -7.29
C LEU B 148 24.89 -0.61 -6.31
N GLU B 149 25.62 -0.65 -5.21
CA GLU B 149 25.84 0.54 -4.40
C GLU B 149 27.25 0.46 -3.86
N MET B 150 27.91 1.60 -3.81
CA MET B 150 29.31 1.63 -3.42
C MET B 150 29.42 2.05 -1.96
N ASN B 151 30.41 1.49 -1.28
CA ASN B 151 30.71 1.88 0.09
C ASN B 151 31.81 2.95 0.05
N ILE B 152 31.40 4.14 -0.36
CA ILE B 152 32.28 5.30 -0.40
C ILE B 152 32.55 5.73 1.04
N PRO B 153 33.80 5.74 1.49
CA PRO B 153 34.09 6.21 2.85
C PRO B 153 33.85 7.71 2.96
N TYR B 154 33.59 8.14 4.19
CA TYR B 154 33.19 9.52 4.44
C TYR B 154 34.34 10.49 4.22
N SER B 155 35.58 10.08 4.51
CA SER B 155 36.69 11.01 4.60
C SER B 155 37.97 10.30 4.21
N VAL B 156 38.53 10.67 3.07
CA VAL B 156 39.72 10.06 2.52
C VAL B 156 40.87 11.05 2.65
N VAL B 157 41.97 10.61 3.27
CA VAL B 157 43.14 11.46 3.40
C VAL B 157 43.83 11.56 2.06
N ARG B 158 44.40 12.73 1.76
CA ARG B 158 45.12 12.92 0.51
C ARG B 158 46.40 12.11 0.50
N GLY B 159 46.54 11.27 -0.51
CA GLY B 159 47.73 10.48 -0.70
C GLY B 159 47.61 9.03 -0.29
N GLU B 160 46.44 8.42 -0.44
CA GLU B 160 46.23 7.04 -0.06
C GLU B 160 45.66 6.25 -1.23
N GLN B 161 46.08 5.00 -1.34
CA GLN B 161 45.59 4.11 -2.39
C GLN B 161 44.32 3.46 -1.87
N ILE B 162 43.22 4.16 -2.05
CA ILE B 162 41.94 3.73 -1.50
C ILE B 162 41.34 2.65 -2.38
N GLN B 163 40.96 1.53 -1.78
CA GLN B 163 40.21 0.49 -2.46
C GLN B 163 38.73 0.76 -2.22
N LEU B 164 38.01 1.10 -3.28
CA LEU B 164 36.60 1.44 -3.17
C LEU B 164 35.78 0.17 -3.32
N LYS B 165 35.38 -0.42 -2.20
CA LYS B 165 34.59 -1.63 -2.22
C LYS B 165 33.14 -1.31 -2.54
N GLY B 166 32.55 -2.11 -3.41
CA GLY B 166 31.13 -2.03 -3.71
C GLY B 166 30.65 -3.42 -4.06
N THR B 167 29.33 -3.57 -4.07
CA THR B 167 28.72 -4.88 -4.25
C THR B 167 27.53 -4.75 -5.17
N VAL B 168 27.48 -5.57 -6.22
CA VAL B 168 26.27 -5.66 -7.02
C VAL B 168 25.37 -6.72 -6.41
N TYR B 169 24.07 -6.50 -6.52
CA TYR B 169 23.11 -7.45 -6.02
C TYR B 169 22.21 -7.87 -7.16
N ASN B 170 21.75 -9.10 -7.10
CA ASN B 170 20.96 -9.67 -8.20
C ASN B 170 19.80 -10.38 -7.55
N TYR B 171 18.63 -9.76 -7.55
CA TYR B 171 17.45 -10.38 -6.97
C TYR B 171 16.87 -11.49 -7.82
N ARG B 172 17.22 -11.54 -9.10
CA ARG B 172 16.61 -12.48 -10.00
C ARG B 172 17.20 -13.87 -9.80
N THR B 173 16.35 -14.88 -10.00
CA THR B 173 16.74 -16.26 -9.74
C THR B 173 17.75 -16.76 -10.76
N SER B 174 17.68 -16.26 -11.98
CA SER B 174 18.63 -16.63 -13.01
C SER B 174 19.86 -15.75 -12.88
N GLY B 175 21.04 -16.38 -12.82
CA GLY B 175 22.26 -15.61 -12.73
C GLY B 175 22.56 -14.91 -14.04
N MET B 176 23.06 -13.68 -13.96
CA MET B 176 23.27 -12.93 -15.19
C MET B 176 24.60 -12.20 -15.22
N GLN B 177 24.75 -11.32 -16.20
CA GLN B 177 26.04 -10.74 -16.57
C GLN B 177 25.97 -9.23 -16.42
N PHE B 178 27.14 -8.63 -16.18
CA PHE B 178 27.21 -7.21 -15.86
C PHE B 178 28.64 -6.73 -16.05
N CYS B 179 28.80 -5.42 -16.13
CA CYS B 179 30.13 -4.83 -16.02
C CYS B 179 29.99 -3.44 -15.44
N VAL B 180 30.91 -3.09 -14.55
CA VAL B 180 30.91 -1.81 -13.86
C VAL B 180 32.14 -1.03 -14.29
N LYS B 181 31.93 0.25 -14.59
CA LYS B 181 33.01 1.13 -14.96
C LYS B 181 32.90 2.41 -14.16
N MET B 182 34.01 3.13 -14.07
CA MET B 182 34.14 4.25 -13.16
C MET B 182 34.55 5.51 -13.93
N SER B 183 33.87 6.62 -13.67
CA SER B 183 34.18 7.91 -14.28
C SER B 183 35.44 8.48 -13.64
N ALA B 184 36.56 8.36 -14.36
CA ALA B 184 37.80 8.97 -13.92
C ALA B 184 37.72 10.49 -14.03
N VAL B 185 38.25 11.18 -13.02
CA VAL B 185 38.26 12.63 -13.01
C VAL B 185 39.73 13.06 -13.04
N GLU B 186 39.98 14.37 -13.18
CA GLU B 186 41.35 14.87 -13.30
C GLU B 186 42.12 14.75 -11.98
N GLY B 187 41.40 14.74 -10.86
CA GLY B 187 42.06 14.61 -9.58
C GLY B 187 42.44 13.17 -9.28
N ILE B 188 41.51 12.25 -9.53
CA ILE B 188 41.69 10.85 -9.18
C ILE B 188 42.66 10.21 -10.16
N CYS B 189 43.73 9.61 -9.63
CA CYS B 189 44.68 8.87 -10.46
C CYS B 189 44.40 7.37 -10.33
N THR B 190 43.70 6.86 -11.33
CA THR B 190 43.24 5.48 -11.30
C THR B 190 44.24 4.55 -11.99
N SER B 191 44.49 3.42 -11.35
CA SER B 191 45.36 2.38 -11.92
C SER B 191 44.66 1.65 -13.06
N SER B 203 36.25 6.75 -22.53
CA SER B 203 37.03 5.57 -22.84
C SER B 203 37.29 4.72 -21.59
N SER B 204 36.61 3.59 -21.49
CA SER B 204 36.77 2.69 -20.36
C SER B 204 36.31 1.30 -20.79
N LYS B 205 37.15 0.30 -20.58
CA LYS B 205 36.85 -1.03 -21.08
C LYS B 205 35.82 -1.71 -20.20
N CYS B 206 34.94 -2.48 -20.83
CA CYS B 206 33.93 -3.26 -20.14
C CYS B 206 34.40 -4.71 -20.04
N VAL B 207 34.65 -5.17 -18.83
CA VAL B 207 35.07 -6.55 -18.58
C VAL B 207 33.91 -7.28 -17.93
N ARG B 208 33.50 -8.40 -18.53
CA ARG B 208 32.22 -9.01 -18.16
C ARG B 208 32.42 -9.96 -17.00
N GLN B 209 31.93 -9.56 -15.82
CA GLN B 209 31.82 -10.47 -14.70
C GLN B 209 30.40 -11.03 -14.69
N LYS B 210 30.08 -11.86 -13.69
CA LYS B 210 28.81 -12.57 -13.71
C LYS B 210 28.34 -12.83 -12.29
N VAL B 211 27.14 -12.38 -11.95
CA VAL B 211 26.57 -12.64 -10.63
C VAL B 211 25.80 -13.93 -10.70
N GLU B 212 25.88 -14.73 -9.64
CA GLU B 212 25.02 -15.89 -9.52
C GLU B 212 23.59 -15.44 -9.23
N GLY B 213 22.65 -16.36 -9.39
CA GLY B 213 21.25 -16.04 -9.17
C GLY B 213 20.95 -15.93 -7.69
N SER B 214 20.18 -14.89 -7.33
CA SER B 214 19.77 -14.58 -5.95
C SER B 214 20.98 -14.43 -5.03
N SER B 215 22.02 -13.78 -5.54
CA SER B 215 23.26 -13.68 -4.78
C SER B 215 23.85 -12.30 -5.01
N SER B 216 25.11 -12.13 -4.65
CA SER B 216 25.81 -10.87 -4.82
C SER B 216 27.18 -11.16 -5.46
N HIS B 217 27.91 -10.07 -5.70
CA HIS B 217 29.25 -10.17 -6.28
C HIS B 217 30.00 -8.90 -5.92
N LEU B 218 31.21 -9.04 -5.43
CA LEU B 218 32.00 -7.90 -5.00
C LEU B 218 32.54 -7.14 -6.20
N VAL B 219 32.68 -5.83 -6.04
CA VAL B 219 33.25 -4.97 -7.06
C VAL B 219 34.32 -4.13 -6.38
N THR B 220 35.55 -4.25 -6.86
CA THR B 220 36.69 -3.57 -6.26
C THR B 220 37.33 -2.68 -7.29
N PHE B 221 37.38 -1.39 -6.99
CA PHE B 221 38.19 -0.45 -7.73
C PHE B 221 39.38 -0.04 -6.89
N THR B 222 40.17 0.88 -7.41
CA THR B 222 41.25 1.47 -6.63
C THR B 222 41.50 2.87 -7.16
N VAL B 223 41.59 3.84 -6.25
CA VAL B 223 41.88 5.22 -6.61
C VAL B 223 43.12 5.65 -5.85
N LEU B 224 43.63 6.81 -6.20
CA LEU B 224 44.67 7.47 -5.41
C LEU B 224 44.45 8.97 -5.62
N PRO B 225 43.74 9.62 -4.72
CA PRO B 225 43.40 11.03 -4.92
C PRO B 225 44.59 11.95 -4.71
N LEU B 226 44.56 13.07 -5.41
CA LEU B 226 45.61 14.08 -5.30
C LEU B 226 45.08 15.44 -4.88
N GLU B 227 43.96 15.89 -5.44
CA GLU B 227 43.39 17.19 -5.13
C GLU B 227 42.47 17.07 -3.92
N ILE B 228 42.40 18.16 -3.15
CA ILE B 228 41.70 18.19 -1.88
C ILE B 228 40.38 18.93 -2.08
N GLY B 229 39.28 18.25 -1.77
CA GLY B 229 37.97 18.86 -1.91
C GLY B 229 36.91 17.79 -2.09
N LEU B 230 35.78 18.22 -2.66
CA LEU B 230 34.66 17.33 -2.92
C LEU B 230 34.65 17.01 -4.41
N HIS B 231 35.07 15.79 -4.74
CA HIS B 231 35.21 15.36 -6.12
C HIS B 231 33.91 14.73 -6.59
N ASN B 232 33.94 14.08 -7.75
CA ASN B 232 32.76 13.43 -8.31
C ASN B 232 33.20 12.18 -9.04
N ILE B 233 32.62 11.05 -8.68
CA ILE B 233 32.89 9.77 -9.32
C ILE B 233 31.54 9.15 -9.68
N ASN B 234 31.37 8.76 -10.93
CA ASN B 234 30.14 8.14 -11.39
C ASN B 234 30.37 6.66 -11.66
N PHE B 235 29.64 5.82 -10.95
CA PHE B 235 29.70 4.37 -11.14
C PHE B 235 28.50 3.98 -11.97
N SER B 236 28.76 3.43 -13.15
CA SER B 236 27.71 3.17 -14.13
C SER B 236 27.64 1.67 -14.37
N LEU B 237 26.77 1.00 -13.64
CA LEU B 237 26.50 -0.41 -13.86
C LEU B 237 25.65 -0.55 -15.10
N GLU B 238 26.14 -1.26 -16.10
CA GLU B 238 25.39 -1.52 -17.31
C GLU B 238 25.10 -3.02 -17.40
N THR B 239 23.98 -3.42 -16.85
CA THR B 239 23.59 -4.81 -16.87
C THR B 239 22.72 -5.08 -18.10
N TRP B 240 22.08 -6.23 -18.14
CA TRP B 240 21.15 -6.63 -19.17
C TRP B 240 19.89 -5.75 -19.21
N PHE B 241 19.59 -5.04 -18.14
CA PHE B 241 18.39 -4.22 -18.06
C PHE B 241 18.71 -2.73 -18.09
N GLY B 242 19.65 -2.36 -18.94
CA GLY B 242 19.94 -0.96 -19.17
C GLY B 242 21.19 -0.50 -18.47
N LYS B 243 21.40 0.80 -18.51
CA LYS B 243 22.56 1.43 -17.93
C LYS B 243 22.11 2.45 -16.90
N GLU B 244 22.61 2.30 -15.67
CA GLU B 244 22.26 3.17 -14.56
C GLU B 244 23.53 3.79 -14.00
N ILE B 245 23.57 5.11 -13.95
CA ILE B 245 24.71 5.84 -13.39
C ILE B 245 24.40 6.11 -11.91
N LEU B 246 25.33 5.72 -11.04
CA LEU B 246 25.25 6.02 -9.62
C LEU B 246 26.30 7.06 -9.29
N VAL B 247 25.86 8.24 -8.84
CA VAL B 247 26.72 9.42 -8.71
C VAL B 247 27.21 9.51 -7.26
N LYS B 248 28.52 9.45 -7.07
CA LYS B 248 29.11 9.44 -5.74
C LYS B 248 30.04 10.62 -5.56
N THR B 249 30.11 11.12 -4.33
CA THR B 249 30.94 12.25 -3.97
C THR B 249 32.00 11.77 -3.00
N LEU B 250 33.26 11.86 -3.40
CA LEU B 250 34.39 11.43 -2.58
C LEU B 250 35.08 12.69 -2.06
N ARG B 251 34.95 12.92 -0.75
CA ARG B 251 35.61 14.05 -0.12
C ARG B 251 37.06 13.69 0.19
N VAL B 252 38.00 14.54 -0.19
CA VAL B 252 39.41 14.33 0.05
C VAL B 252 39.90 15.37 1.03
N VAL B 253 40.61 14.91 2.07
CA VAL B 253 40.91 15.68 3.27
C VAL B 253 42.43 15.73 3.42
N PRO B 254 43.01 16.83 3.91
CA PRO B 254 44.46 16.86 4.18
C PRO B 254 44.85 15.93 5.33
N GLU B 255 46.14 15.93 5.62
CA GLU B 255 46.70 15.06 6.65
C GLU B 255 47.20 15.88 7.83
N GLY B 256 46.99 15.33 9.02
CA GLY B 256 47.44 15.94 10.25
C GLY B 256 46.29 16.61 11.00
N VAL B 257 46.65 17.19 12.15
CA VAL B 257 45.68 17.85 13.00
C VAL B 257 45.20 19.13 12.33
N LYS B 258 44.00 19.56 12.70
CA LYS B 258 43.43 20.81 12.22
C LYS B 258 43.40 21.77 13.41
N ARG B 259 44.17 22.85 13.31
CA ARG B 259 44.16 23.87 14.34
C ARG B 259 43.37 25.09 13.87
N GLU B 260 42.54 25.61 14.76
CA GLU B 260 41.69 26.75 14.43
C GLU B 260 42.04 27.87 15.40
N SER B 261 42.65 28.94 14.89
CA SER B 261 42.95 30.11 15.69
C SER B 261 42.02 31.25 15.33
N TYR B 262 41.80 32.15 16.28
CA TYR B 262 40.76 33.17 16.17
C TYR B 262 41.34 34.54 16.45
N SER B 263 40.57 35.57 16.07
CA SER B 263 40.95 36.96 16.25
C SER B 263 39.70 37.82 16.17
N GLY B 264 39.57 38.77 17.09
CA GLY B 264 38.40 39.63 17.13
C GLY B 264 38.70 41.11 17.32
N VAL B 265 37.97 41.98 16.60
CA VAL B 265 38.11 43.43 16.70
C VAL B 265 36.71 44.03 16.81
N THR B 266 36.55 45.02 17.69
CA THR B 266 35.32 45.79 17.79
C THR B 266 35.48 47.10 17.04
N LEU B 267 34.72 47.26 15.95
CA LEU B 267 34.70 48.52 15.23
C LEU B 267 33.87 49.55 16.00
N ASP B 268 34.46 50.71 16.22
CA ASP B 268 33.79 51.80 16.94
C ASP B 268 34.37 53.10 16.42
N PRO B 269 33.74 53.69 15.39
CA PRO B 269 34.28 54.92 14.80
C PRO B 269 34.21 56.14 15.71
N ARG B 270 33.34 56.14 16.72
CA ARG B 270 33.13 57.33 17.54
C ARG B 270 33.76 57.25 18.92
N GLY B 271 34.23 56.08 19.35
CA GLY B 271 34.93 55.92 20.61
C GLY B 271 34.11 56.25 21.84
N ILE B 272 32.98 55.57 21.99
CA ILE B 272 31.98 55.97 22.99
C ILE B 272 32.45 55.56 24.39
N TYR B 273 32.81 54.30 24.56
CA TYR B 273 33.00 53.69 25.87
C TYR B 273 34.47 53.39 26.16
N GLY B 274 35.36 54.14 25.55
CA GLY B 274 36.79 53.92 25.73
C GLY B 274 37.62 54.85 24.89
N THR B 275 38.62 54.30 24.20
CA THR B 275 39.48 55.07 23.32
C THR B 275 38.98 54.84 21.89
N ILE B 276 39.54 55.55 20.91
CA ILE B 276 39.09 55.42 19.53
C ILE B 276 39.60 54.11 18.93
N SER B 277 38.92 53.66 17.87
CA SER B 277 39.29 52.45 17.16
C SER B 277 38.76 52.58 15.73
N ARG B 278 39.63 52.94 14.80
CA ARG B 278 39.22 53.15 13.43
C ARG B 278 39.97 52.29 12.41
N ARG B 279 40.97 51.53 12.82
CA ARG B 279 41.76 50.73 11.88
C ARG B 279 42.24 49.46 12.56
N LYS B 280 42.41 48.41 11.75
CA LYS B 280 43.08 47.20 12.21
C LYS B 280 43.61 46.44 10.99
N GLU B 281 44.80 45.88 11.13
CA GLU B 281 45.39 44.98 10.14
C GLU B 281 45.28 43.55 10.65
N PHE B 282 45.38 42.59 9.73
CA PHE B 282 45.39 41.19 10.10
C PHE B 282 46.66 40.55 9.57
N PRO B 283 47.65 40.27 10.42
CA PRO B 283 48.92 39.74 9.95
C PRO B 283 48.80 38.29 9.48
N TYR B 284 49.34 38.03 8.30
CA TYR B 284 49.33 36.68 7.75
C TYR B 284 50.55 35.96 8.26
N ARG B 285 50.44 35.43 9.47
CA ARG B 285 51.51 34.65 10.08
C ARG B 285 51.38 33.20 9.66
N ILE B 286 52.26 32.76 8.77
CA ILE B 286 52.37 31.33 8.45
C ILE B 286 53.12 30.64 9.58
N PRO B 287 52.54 29.61 10.22
CA PRO B 287 53.21 28.98 11.37
C PRO B 287 54.40 28.11 10.97
N LEU B 288 55.01 27.46 11.95
CA LEU B 288 56.24 26.72 11.69
C LEU B 288 55.96 25.36 11.07
N ASP B 289 55.26 24.49 11.81
CA ASP B 289 55.15 23.08 11.42
C ASP B 289 53.87 22.85 10.63
N LEU B 290 53.84 23.44 9.45
CA LEU B 290 52.68 23.43 8.58
C LEU B 290 52.80 22.28 7.57
N VAL B 291 51.65 21.77 7.13
CA VAL B 291 51.67 20.81 6.02
C VAL B 291 51.91 21.56 4.71
N PRO B 292 52.59 20.97 3.73
CA PRO B 292 52.78 21.66 2.46
C PRO B 292 51.54 21.58 1.59
N LYS B 293 51.46 22.50 0.62
CA LYS B 293 50.56 22.48 -0.54
C LYS B 293 49.09 22.78 -0.16
N THR B 294 48.75 22.84 1.11
CA THR B 294 47.37 23.15 1.51
C THR B 294 47.33 24.61 1.93
N GLU B 295 46.35 25.34 1.39
CA GLU B 295 46.21 26.75 1.68
C GLU B 295 45.76 26.95 3.13
N ILE B 296 46.23 28.05 3.72
CA ILE B 296 45.72 28.50 5.01
C ILE B 296 44.40 29.23 4.74
N LYS B 297 43.30 28.66 5.21
CA LYS B 297 41.99 29.23 4.95
C LYS B 297 41.63 30.23 6.04
N ARG B 298 40.97 31.31 5.65
CA ARG B 298 40.47 32.29 6.59
C ARG B 298 39.00 32.56 6.27
N ILE B 299 38.27 33.00 7.30
CA ILE B 299 36.88 33.43 7.17
C ILE B 299 36.70 34.70 8.00
N LEU B 300 36.30 35.77 7.35
CA LEU B 300 36.00 37.03 8.02
C LEU B 300 34.50 37.16 8.21
N SER B 301 34.09 37.64 9.39
CA SER B 301 32.69 37.84 9.73
C SER B 301 32.53 39.22 10.35
N VAL B 302 31.57 40.00 9.83
CA VAL B 302 31.34 41.37 10.27
C VAL B 302 29.88 41.51 10.66
N LYS B 303 29.63 41.72 11.95
CA LYS B 303 28.27 41.68 12.49
C LYS B 303 27.93 43.01 13.14
N GLY B 304 26.65 43.38 13.04
CA GLY B 304 26.20 44.70 13.43
C GLY B 304 26.19 45.00 14.91
N LEU B 305 25.27 44.41 15.67
CA LEU B 305 25.16 44.77 17.07
C LEU B 305 26.19 44.01 17.90
N LEU B 306 26.12 44.18 19.22
CA LEU B 306 26.88 43.31 20.10
C LEU B 306 26.35 41.88 20.04
N VAL B 307 25.02 41.74 19.95
CA VAL B 307 24.41 40.43 19.81
C VAL B 307 24.31 39.99 18.36
N GLY B 308 24.93 40.73 17.43
CA GLY B 308 24.79 40.41 16.02
C GLY B 308 25.44 39.10 15.63
N GLU B 309 26.53 38.72 16.30
CA GLU B 309 27.08 37.39 16.12
C GLU B 309 26.13 36.32 16.69
N ILE B 310 25.38 36.67 17.74
CA ILE B 310 24.45 35.71 18.35
C ILE B 310 23.21 35.56 17.48
N LEU B 311 22.73 36.64 16.88
CA LEU B 311 21.54 36.58 16.04
C LEU B 311 21.78 35.72 14.80
N SER B 312 22.97 35.84 14.21
CA SER B 312 23.29 35.07 13.03
C SER B 312 23.45 33.58 13.30
N ALA B 313 23.59 33.18 14.57
CA ALA B 313 23.44 31.78 14.91
C ALA B 313 21.98 31.34 14.81
N VAL B 314 21.07 32.15 15.34
CA VAL B 314 19.69 31.73 15.51
C VAL B 314 18.85 32.00 14.26
N LEU B 315 19.13 33.10 13.56
CA LEU B 315 18.32 33.46 12.41
C LEU B 315 18.79 32.84 11.10
N SER B 316 20.00 32.29 11.04
CA SER B 316 20.45 31.57 9.86
C SER B 316 20.02 30.12 9.95
N GLN B 317 19.42 29.62 8.87
CA GLN B 317 18.86 28.28 8.82
C GLN B 317 19.88 27.21 8.47
N GLU B 318 21.18 27.50 8.61
CA GLU B 318 22.20 26.48 8.39
C GLU B 318 22.21 25.42 9.48
N GLY B 319 21.66 25.74 10.67
CA GLY B 319 21.61 24.79 11.75
C GLY B 319 22.95 24.59 12.42
N ILE B 320 23.49 25.64 13.04
CA ILE B 320 24.76 25.56 13.74
C ILE B 320 24.50 25.79 15.22
N ASN B 321 25.36 25.21 16.06
CA ASN B 321 25.35 25.41 17.50
C ASN B 321 26.53 26.28 17.89
N ILE B 322 26.52 26.76 19.13
CA ILE B 322 27.61 27.58 19.60
C ILE B 322 28.87 26.77 19.85
N LEU B 323 28.74 25.51 20.25
CA LEU B 323 29.83 24.67 20.69
C LEU B 323 29.87 23.39 19.88
N THR B 324 29.86 23.52 18.56
CA THR B 324 29.89 22.39 17.63
C THR B 324 31.17 21.57 17.76
N HIS B 325 32.26 22.17 18.24
CA HIS B 325 33.47 21.42 18.52
C HIS B 325 33.31 20.48 19.71
N LEU B 326 32.60 20.90 20.77
CA LEU B 326 32.44 20.06 21.95
C LEU B 326 31.41 18.97 21.69
N PRO B 327 31.62 17.76 22.20
CA PRO B 327 30.71 16.65 21.87
C PRO B 327 29.41 16.70 22.64
N LYS B 328 28.47 15.89 22.17
CA LYS B 328 27.16 15.76 22.80
C LYS B 328 27.23 14.69 23.89
N GLY B 329 26.06 14.23 24.33
CA GLY B 329 25.96 13.11 25.24
C GLY B 329 25.74 13.50 26.68
N SER B 330 26.19 14.68 27.08
CA SER B 330 25.87 15.19 28.39
C SER B 330 24.42 15.71 28.39
N ALA B 331 23.93 15.99 29.59
CA ALA B 331 22.69 16.76 29.67
C ALA B 331 22.97 18.23 29.52
N GLU B 332 24.18 18.65 29.86
CA GLU B 332 24.62 20.02 29.66
C GLU B 332 24.62 20.40 28.19
N ALA B 333 25.02 19.48 27.32
CA ALA B 333 25.00 19.73 25.89
C ALA B 333 23.60 19.78 25.31
N GLU B 334 22.58 19.35 26.06
CA GLU B 334 21.20 19.49 25.63
C GLU B 334 20.55 20.73 26.19
N LEU B 335 21.18 21.38 27.16
CA LEU B 335 20.75 22.70 27.61
C LEU B 335 21.38 23.83 26.81
N MET B 336 22.47 23.55 26.10
CA MET B 336 23.10 24.54 25.24
C MET B 336 22.47 24.61 23.86
N SER B 337 21.29 24.01 23.68
CA SER B 337 20.54 24.15 22.45
C SER B 337 19.31 25.02 22.63
N VAL B 338 19.14 25.61 23.81
CA VAL B 338 17.96 26.41 24.11
C VAL B 338 18.44 27.75 24.65
N VAL B 339 19.72 27.83 25.02
CA VAL B 339 20.32 29.06 25.54
C VAL B 339 20.46 30.16 24.48
N PRO B 340 21.08 29.95 23.30
CA PRO B 340 21.22 31.10 22.39
C PRO B 340 19.92 31.50 21.70
N VAL B 341 18.92 30.62 21.68
CA VAL B 341 17.59 31.06 21.28
C VAL B 341 17.00 31.96 22.35
N PHE B 342 17.33 31.71 23.61
CA PHE B 342 16.73 32.47 24.70
C PHE B 342 17.31 33.86 24.79
N TYR B 343 18.63 33.99 24.74
CA TYR B 343 19.25 35.29 24.88
C TYR B 343 19.09 36.17 23.65
N VAL B 344 18.56 35.62 22.55
CA VAL B 344 18.04 36.46 21.49
C VAL B 344 16.63 36.91 21.82
N PHE B 345 15.81 35.99 22.34
CA PHE B 345 14.45 36.31 22.72
C PHE B 345 14.37 37.22 23.93
N HIS B 346 15.40 37.22 24.79
CA HIS B 346 15.48 38.19 25.88
C HIS B 346 15.84 39.57 25.37
N TYR B 347 16.36 39.67 24.14
CA TYR B 347 16.74 40.95 23.56
C TYR B 347 15.62 41.56 22.74
N LEU B 348 15.04 40.81 21.80
CA LEU B 348 14.04 41.37 20.90
C LEU B 348 12.71 41.63 21.59
N GLU B 349 12.50 41.10 22.80
CA GLU B 349 11.26 41.30 23.53
C GLU B 349 11.38 42.34 24.64
N THR B 350 12.44 42.29 25.44
CA THR B 350 12.60 43.29 26.49
C THR B 350 13.03 44.62 25.90
N GLY B 351 13.98 44.61 24.98
CA GLY B 351 14.37 45.83 24.29
C GLY B 351 13.40 46.31 23.25
N ASN B 352 12.43 45.47 22.86
CA ASN B 352 11.41 45.77 21.86
C ASN B 352 12.03 46.15 20.51
N HIS B 353 12.71 45.18 19.92
CA HIS B 353 13.38 45.34 18.63
C HIS B 353 12.74 44.48 17.56
N TRP B 354 11.41 44.49 17.48
CA TRP B 354 10.71 43.69 16.49
C TRP B 354 10.48 44.43 15.18
N ASN B 355 11.34 45.40 14.86
CA ASN B 355 11.22 46.16 13.62
C ASN B 355 12.36 45.89 12.65
N ILE B 356 13.09 44.78 12.83
CA ILE B 356 14.22 44.47 11.96
C ILE B 356 13.77 43.65 10.76
N PHE B 357 12.89 42.67 10.97
CA PHE B 357 12.60 41.67 9.98
C PHE B 357 11.76 42.21 8.83
N HIS B 358 12.13 41.81 7.61
CA HIS B 358 11.33 42.07 6.43
C HIS B 358 10.12 41.15 6.33
N SER B 359 10.07 40.10 7.15
CA SER B 359 8.90 39.25 7.29
C SER B 359 8.01 39.83 8.37
N ASP B 360 6.86 39.19 8.57
CA ASP B 360 5.94 39.56 9.64
C ASP B 360 6.59 39.25 10.97
N PRO B 361 6.82 40.26 11.84
CA PRO B 361 7.56 40.01 13.08
C PRO B 361 6.79 39.17 14.08
N LEU B 362 5.47 39.11 13.99
CA LEU B 362 4.70 38.20 14.83
C LEU B 362 4.90 36.75 14.37
N ILE B 363 5.22 36.55 13.09
CA ILE B 363 5.48 35.21 12.58
C ILE B 363 6.88 34.74 12.97
N GLU B 364 7.89 35.60 12.82
CA GLU B 364 9.25 35.24 13.20
C GLU B 364 9.43 35.14 14.71
N LYS B 365 8.54 35.76 15.49
CA LYS B 365 8.51 35.53 16.92
C LYS B 365 8.05 34.11 17.24
N GLN B 366 7.19 33.52 16.40
CA GLN B 366 6.70 32.17 16.65
C GLN B 366 7.80 31.14 16.42
N LYS B 367 8.65 31.37 15.42
CA LYS B 367 9.73 30.43 15.14
C LYS B 367 10.85 30.50 16.18
N LEU B 368 10.97 31.63 16.88
CA LEU B 368 11.91 31.67 18.01
C LEU B 368 11.32 30.99 19.22
N LYS B 369 10.05 31.25 19.51
CA LYS B 369 9.34 30.55 20.57
C LYS B 369 9.13 29.08 20.24
N LYS B 370 9.24 28.71 18.97
CA LYS B 370 9.30 27.30 18.58
C LYS B 370 10.52 26.62 19.18
N LYS B 371 11.72 27.17 18.94
CA LYS B 371 12.95 26.54 19.41
C LYS B 371 13.12 26.62 20.92
N LEU B 372 12.52 27.61 21.56
CA LEU B 372 12.51 27.65 23.02
C LEU B 372 11.60 26.59 23.62
N LYS B 373 10.66 26.08 22.83
CA LYS B 373 9.78 25.01 23.23
C LYS B 373 10.33 23.65 22.85
N GLU B 374 11.07 23.57 21.75
CA GLU B 374 11.77 22.34 21.39
C GLU B 374 12.88 22.04 22.39
N GLY B 375 13.68 23.04 22.73
CA GLY B 375 14.77 22.85 23.67
C GLY B 375 14.34 22.60 25.09
N MET B 376 13.11 22.98 25.45
CA MET B 376 12.58 22.65 26.76
C MET B 376 12.30 21.16 26.88
N LEU B 377 11.99 20.51 25.76
CA LEU B 377 11.74 19.07 25.74
C LEU B 377 13.02 18.25 25.83
N SER B 378 14.19 18.86 25.54
CA SER B 378 15.42 18.09 25.42
C SER B 378 15.96 17.59 26.74
N ILE B 379 15.59 18.21 27.86
CA ILE B 379 15.98 17.69 29.16
C ILE B 379 14.74 17.21 29.92
N MET B 380 13.66 16.93 29.19
CA MET B 380 12.58 16.15 29.78
C MET B 380 13.01 14.71 29.99
N SER B 381 14.01 14.25 29.23
CA SER B 381 14.43 12.86 29.32
C SER B 381 15.48 12.62 30.38
N TYR B 382 16.22 13.66 30.76
CA TYR B 382 17.23 13.52 31.82
C TYR B 382 16.65 13.72 33.20
N ARG B 383 15.33 13.82 33.32
CA ARG B 383 14.67 14.01 34.59
C ARG B 383 14.31 12.65 35.19
N ASN B 384 14.58 12.48 36.49
CA ASN B 384 14.34 11.20 37.15
C ASN B 384 12.88 11.09 37.57
N ALA B 385 12.58 10.06 38.36
CA ALA B 385 11.22 9.85 38.82
C ALA B 385 10.84 10.80 39.94
N ASP B 386 11.82 11.25 40.73
CA ASP B 386 11.61 12.24 41.77
C ASP B 386 11.87 13.66 41.28
N TYR B 387 11.68 13.89 39.97
CA TYR B 387 11.81 15.19 39.30
C TYR B 387 13.21 15.78 39.43
N SER B 388 14.21 14.91 39.55
CA SER B 388 15.61 15.27 39.68
C SER B 388 16.32 14.99 38.36
N TYR B 389 17.40 15.71 38.11
CA TYR B 389 18.07 15.68 36.81
C TYR B 389 19.40 14.95 36.92
N SER B 390 19.58 13.93 36.09
CA SER B 390 20.78 13.11 36.05
C SER B 390 21.61 13.46 34.83
N VAL B 391 22.94 13.44 34.99
CA VAL B 391 23.84 14.00 33.97
C VAL B 391 23.82 13.15 32.71
N TRP B 392 24.24 11.91 32.82
CA TRP B 392 24.20 10.97 31.71
C TRP B 392 22.85 10.29 31.68
N LYS B 393 22.59 9.56 30.59
CA LYS B 393 21.35 8.81 30.49
C LYS B 393 21.34 7.64 31.46
N GLY B 394 20.42 7.70 32.43
CA GLY B 394 20.29 6.67 33.42
C GLY B 394 21.30 6.73 34.54
N GLY B 395 22.16 7.74 34.55
CA GLY B 395 23.13 7.87 35.61
C GLY B 395 22.51 8.38 36.90
N SER B 396 23.37 8.56 37.89
CA SER B 396 22.91 9.05 39.18
C SER B 396 22.57 10.53 39.09
N ALA B 397 21.70 10.97 39.99
CA ALA B 397 21.29 12.36 40.03
C ALA B 397 22.44 13.25 40.48
N SER B 398 22.36 14.53 40.12
CA SER B 398 23.41 15.47 40.47
C SER B 398 22.78 16.77 40.95
N THR B 399 23.34 17.32 42.02
CA THR B 399 22.91 18.63 42.47
C THR B 399 23.47 19.73 41.59
N TRP B 400 24.53 19.45 40.85
CA TRP B 400 25.10 20.45 39.96
C TRP B 400 24.21 20.68 38.74
N LEU B 401 23.70 19.59 38.15
CA LEU B 401 22.90 19.74 36.94
C LEU B 401 21.52 20.29 37.25
N THR B 402 20.91 19.85 38.36
CA THR B 402 19.60 20.39 38.78
C THR B 402 19.66 21.88 39.01
N ALA B 403 20.73 22.37 39.63
CA ALA B 403 20.90 23.81 39.79
C ALA B 403 21.13 24.48 38.44
N PHE B 404 21.71 23.75 37.49
CA PHE B 404 21.85 24.29 36.14
C PHE B 404 20.59 24.05 35.31
N ALA B 405 19.79 23.06 35.66
CA ALA B 405 18.51 22.88 34.98
C ALA B 405 17.49 23.87 35.48
N LEU B 406 17.62 24.30 36.73
CA LEU B 406 16.69 25.28 37.27
C LEU B 406 17.12 26.71 36.95
N ARG B 407 18.41 26.93 36.67
CA ARG B 407 18.84 28.23 36.19
C ARG B 407 18.33 28.49 34.78
N VAL B 408 18.45 27.49 33.90
CA VAL B 408 18.03 27.65 32.52
C VAL B 408 16.51 27.72 32.42
N LEU B 409 15.81 26.78 33.05
CA LEU B 409 14.35 26.73 32.93
C LEU B 409 13.68 27.86 33.70
N GLY B 410 14.30 28.34 34.77
CA GLY B 410 13.78 29.48 35.49
C GLY B 410 13.88 30.80 34.75
N GLN B 411 14.60 30.82 33.63
CA GLN B 411 14.71 31.99 32.77
C GLN B 411 13.76 31.93 31.57
N VAL B 412 13.47 30.74 31.06
CA VAL B 412 12.56 30.59 29.92
C VAL B 412 11.11 30.90 30.32
N ASN B 413 10.81 30.86 31.62
CA ASN B 413 9.45 31.03 32.15
C ASN B 413 8.83 32.37 31.78
N LYS B 414 9.64 33.41 31.61
CA LYS B 414 9.10 34.71 31.24
C LYS B 414 8.69 34.79 29.77
N TYR B 415 9.00 33.77 28.97
CA TYR B 415 8.77 33.87 27.54
C TYR B 415 8.08 32.63 27.00
N VAL B 416 8.27 31.49 27.65
CA VAL B 416 7.51 30.27 27.36
C VAL B 416 6.96 29.78 28.69
N GLU B 417 5.66 29.49 28.73
CA GLU B 417 5.03 29.02 29.96
C GLU B 417 5.49 27.62 30.30
N GLN B 418 6.12 27.46 31.46
CA GLN B 418 6.64 26.17 31.90
C GLN B 418 5.50 25.32 32.44
N ASN B 419 5.84 24.15 32.98
CA ASN B 419 4.93 23.40 33.83
C ASN B 419 5.21 23.81 35.26
N GLN B 420 4.15 24.13 36.00
CA GLN B 420 4.32 24.74 37.32
C GLN B 420 4.83 23.73 38.33
N ASN B 421 4.24 22.53 38.36
CA ASN B 421 4.65 21.53 39.34
C ASN B 421 6.02 20.92 39.03
N SER B 422 6.49 21.02 37.78
CA SER B 422 7.77 20.44 37.40
C SER B 422 8.92 21.11 38.15
N ILE B 423 8.92 22.44 38.19
CA ILE B 423 9.93 23.18 38.94
C ILE B 423 9.71 23.00 40.44
N CYS B 424 8.47 22.74 40.86
CA CYS B 424 8.13 22.73 42.27
C CYS B 424 8.68 21.51 42.99
N ASN B 425 8.57 20.32 42.41
CA ASN B 425 9.22 19.16 42.99
C ASN B 425 10.73 19.15 42.77
N SER B 426 11.24 19.93 41.81
CA SER B 426 12.67 19.97 41.54
C SER B 426 13.40 20.89 42.50
N LEU B 427 12.83 22.06 42.81
CA LEU B 427 13.43 22.93 43.80
C LEU B 427 13.35 22.33 45.19
N LEU B 428 12.33 21.53 45.47
CA LEU B 428 12.19 20.88 46.76
C LEU B 428 12.97 19.58 46.85
N TRP B 429 13.78 19.26 45.85
CA TRP B 429 14.72 18.16 45.97
C TRP B 429 16.09 18.63 46.43
N LEU B 430 16.47 19.84 46.03
CA LEU B 430 17.76 20.39 46.43
C LEU B 430 17.78 20.76 47.91
N VAL B 431 16.73 21.46 48.35
CA VAL B 431 16.73 21.99 49.71
C VAL B 431 16.43 20.93 50.75
N GLU B 432 15.78 19.84 50.38
CA GLU B 432 15.30 18.85 51.34
C GLU B 432 16.18 17.63 51.46
N ASN B 433 17.13 17.42 50.55
CA ASN B 433 17.95 16.22 50.57
C ASN B 433 19.44 16.51 50.64
N TYR B 434 19.91 17.54 49.95
CA TYR B 434 21.36 17.74 49.81
C TYR B 434 21.80 19.13 50.22
N GLN B 435 21.36 19.59 51.39
CA GLN B 435 21.85 20.84 51.95
C GLN B 435 22.13 20.63 53.43
N LEU B 436 23.33 20.98 53.86
CA LEU B 436 23.75 20.72 55.22
C LEU B 436 23.12 21.74 56.18
N ASP B 437 23.45 21.58 57.46
CA ASP B 437 22.93 22.47 58.50
C ASP B 437 23.46 23.90 58.39
N ASN B 438 24.61 24.09 57.77
CA ASN B 438 25.21 25.40 57.60
C ASN B 438 25.13 25.88 56.15
N GLY B 439 24.01 25.57 55.48
CA GLY B 439 23.72 26.10 54.15
C GLY B 439 24.42 25.43 53.00
N SER B 440 25.58 24.81 53.24
CA SER B 440 26.41 24.26 52.17
C SER B 440 25.76 23.05 51.54
N PHE B 441 25.74 23.01 50.22
CA PHE B 441 25.18 21.89 49.50
C PHE B 441 26.25 20.81 49.29
N LYS B 442 25.82 19.66 48.78
CA LYS B 442 26.75 18.60 48.45
C LYS B 442 26.26 17.88 47.21
N GLU B 443 27.07 16.95 46.73
CA GLU B 443 26.82 16.27 45.47
C GLU B 443 26.40 14.82 45.70
N ASN B 444 25.63 14.27 44.77
CA ASN B 444 25.14 12.91 44.91
C ASN B 444 26.06 11.92 44.21
N SER B 445 26.31 12.13 42.92
CA SER B 445 27.16 11.25 42.15
C SER B 445 28.62 11.70 42.28
N GLN B 446 29.50 11.05 41.54
CA GLN B 446 30.91 11.41 41.51
C GLN B 446 31.26 12.30 40.32
N TYR B 447 30.27 13.05 39.82
CA TYR B 447 30.52 13.96 38.70
C TYR B 447 31.36 15.13 39.17
N GLN B 448 32.36 15.48 38.36
CA GLN B 448 33.22 16.64 38.63
C GLN B 448 33.07 17.62 37.48
N PRO B 449 32.35 18.73 37.67
CA PRO B 449 32.24 19.71 36.59
C PRO B 449 33.50 20.53 36.39
N ILE B 450 34.18 20.93 37.46
CA ILE B 450 35.40 21.73 37.38
C ILE B 450 36.44 21.17 38.33
N LYS B 451 37.69 21.59 38.11
CA LYS B 451 38.82 21.21 38.94
C LYS B 451 39.38 22.45 39.62
N LEU B 452 39.34 22.48 40.94
CA LEU B 452 39.83 23.60 41.74
C LEU B 452 41.19 23.28 42.33
N GLN B 453 41.96 24.34 42.56
CA GLN B 453 43.36 24.23 42.94
C GLN B 453 43.51 24.20 44.46
N GLY B 454 44.75 24.02 44.90
CA GLY B 454 45.05 23.87 46.30
C GLY B 454 44.99 22.42 46.73
N THR B 455 45.49 22.16 47.93
CA THR B 455 45.47 20.79 48.41
C THR B 455 44.10 20.46 48.99
N LEU B 456 43.88 19.17 49.24
CA LEU B 456 42.57 18.58 49.50
C LEU B 456 41.79 19.14 50.70
N PRO B 457 42.37 19.40 51.88
CA PRO B 457 41.57 20.09 52.91
C PRO B 457 41.27 21.54 52.58
N VAL B 458 42.14 22.22 51.84
CA VAL B 458 41.84 23.57 51.38
C VAL B 458 40.86 23.53 50.22
N GLU B 459 40.94 22.50 49.39
CA GLU B 459 40.08 22.40 48.22
C GLU B 459 38.66 22.02 48.59
N ALA B 460 38.48 21.20 49.62
CA ALA B 460 37.15 20.69 49.97
C ALA B 460 36.24 21.79 50.47
N ARG B 461 36.80 22.79 51.15
CA ARG B 461 36.05 24.01 51.42
C ARG B 461 35.77 24.78 50.15
N GLU B 462 36.75 24.84 49.25
CA GLU B 462 36.62 25.64 48.03
C GLU B 462 35.65 25.01 47.04
N ASN B 463 35.60 23.68 47.00
CA ASN B 463 34.64 22.98 46.14
C ASN B 463 33.22 23.14 46.66
N SER B 464 33.05 23.13 47.98
CA SER B 464 31.72 23.34 48.56
C SER B 464 31.22 24.75 48.32
N LEU B 465 32.11 25.74 48.26
CA LEU B 465 31.71 27.11 47.98
C LEU B 465 31.21 27.28 46.56
N TYR B 466 31.88 26.66 45.59
CA TYR B 466 31.42 26.72 44.20
C TYR B 466 30.09 26.00 44.05
N LEU B 467 29.92 24.91 44.80
CA LEU B 467 28.75 24.07 44.63
C LEU B 467 27.50 24.72 45.21
N THR B 468 27.65 25.54 46.26
CA THR B 468 26.48 26.25 46.75
C THR B 468 26.25 27.54 45.96
N ALA B 469 27.32 28.17 45.47
CA ALA B 469 27.16 29.42 44.73
C ALA B 469 26.59 29.16 43.34
N PHE B 470 26.80 27.97 42.81
CA PHE B 470 26.11 27.55 41.60
C PHE B 470 24.67 27.14 41.88
N THR B 471 24.34 26.88 43.14
CA THR B 471 22.99 26.47 43.48
C THR B 471 22.07 27.66 43.71
N VAL B 472 22.60 28.73 44.32
CA VAL B 472 21.80 29.94 44.59
C VAL B 472 21.33 30.58 43.29
N ILE B 473 22.17 30.53 42.25
CA ILE B 473 21.76 30.99 40.93
C ILE B 473 20.62 30.14 40.39
N GLY B 474 20.64 28.84 40.71
CA GLY B 474 19.51 28.00 40.33
C GLY B 474 18.28 28.28 41.15
N ILE B 475 18.45 28.77 42.38
CA ILE B 475 17.30 29.08 43.22
C ILE B 475 16.74 30.46 42.87
N ARG B 476 17.62 31.46 42.74
CA ARG B 476 17.16 32.83 42.56
C ARG B 476 16.56 33.06 41.18
N LYS B 477 16.98 32.31 40.17
CA LYS B 477 16.30 32.41 38.88
C LYS B 477 14.99 31.64 38.86
N ALA B 478 14.79 30.72 39.80
CA ALA B 478 13.56 29.95 39.88
C ALA B 478 12.76 30.27 41.13
N PHE B 479 13.14 31.31 41.88
CA PHE B 479 12.38 31.68 43.08
C PHE B 479 11.06 32.32 42.71
N ASP B 480 10.96 32.92 41.52
CA ASP B 480 9.74 33.58 41.09
C ASP B 480 8.77 32.63 40.39
N ILE B 481 9.00 31.33 40.45
CA ILE B 481 8.10 30.33 39.88
C ILE B 481 7.36 29.58 40.95
N CYS B 482 8.09 28.95 41.87
CA CYS B 482 7.53 28.19 42.98
C CYS B 482 8.03 28.81 44.28
N PRO B 483 7.45 29.94 44.70
CA PRO B 483 7.95 30.62 45.90
C PRO B 483 7.32 30.10 47.20
N LEU B 484 7.79 28.93 47.64
CA LEU B 484 7.34 28.38 48.90
C LEU B 484 8.23 28.89 50.03
N VAL B 485 7.86 28.58 51.27
CA VAL B 485 8.53 29.18 52.42
C VAL B 485 9.80 28.41 52.78
N LYS B 486 9.92 27.14 52.36
CA LYS B 486 11.10 26.38 52.74
C LYS B 486 12.30 26.77 51.91
N ILE B 487 12.11 27.05 50.62
CA ILE B 487 13.24 27.34 49.76
C ILE B 487 13.79 28.73 50.02
N ASP B 488 13.03 29.61 50.67
CA ASP B 488 13.60 30.86 51.16
C ASP B 488 14.18 30.70 52.55
N THR B 489 13.66 29.75 53.33
CA THR B 489 14.27 29.41 54.61
C THR B 489 15.66 28.84 54.41
N ALA B 490 15.85 28.10 53.32
CA ALA B 490 17.16 27.57 52.98
C ALA B 490 18.09 28.66 52.43
N LEU B 491 17.51 29.68 51.79
CA LEU B 491 18.32 30.68 51.09
C LEU B 491 19.11 31.56 52.03
N ILE B 492 18.62 31.78 53.25
CA ILE B 492 19.29 32.70 54.16
C ILE B 492 20.59 32.09 54.68
N LYS B 493 20.55 30.83 55.09
CA LYS B 493 21.79 30.14 55.47
C LYS B 493 22.65 29.83 54.26
N ALA B 494 22.03 29.71 53.07
CA ALA B 494 22.81 29.63 51.84
C ALA B 494 23.53 30.94 51.57
N ASP B 495 22.85 32.06 51.82
CA ASP B 495 23.51 33.35 51.70
C ASP B 495 24.43 33.62 52.88
N ASN B 496 24.14 33.04 54.05
CA ASN B 496 25.05 33.19 55.18
C ASN B 496 26.34 32.41 54.96
N PHE B 497 26.25 31.20 54.42
CA PHE B 497 27.44 30.40 54.14
C PHE B 497 28.31 31.04 53.08
N LEU B 498 27.71 31.76 52.14
CA LEU B 498 28.46 32.51 51.15
C LEU B 498 28.96 33.85 51.67
N LEU B 499 28.55 34.24 52.87
CA LEU B 499 29.20 35.32 53.63
C LEU B 499 30.23 34.82 54.63
N GLU B 500 29.88 33.83 55.44
CA GLU B 500 30.68 33.47 56.59
C GLU B 500 31.92 32.65 56.26
N ASN B 501 32.14 32.29 54.98
CA ASN B 501 33.29 31.46 54.67
C ASN B 501 34.08 31.85 53.42
N THR B 502 33.56 32.71 52.55
CA THR B 502 34.26 32.95 51.29
C THR B 502 35.38 33.97 51.43
N LEU B 503 35.43 34.67 52.55
CA LEU B 503 36.58 35.55 52.74
C LEU B 503 37.46 35.01 53.87
N PRO B 504 38.77 34.80 53.62
CA PRO B 504 39.48 35.00 52.36
C PRO B 504 39.30 33.87 51.35
N ALA B 505 39.24 34.23 50.08
CA ALA B 505 39.06 33.26 49.00
C ALA B 505 40.43 32.83 48.47
N GLN B 506 40.62 31.51 48.37
CA GLN B 506 41.87 30.97 47.86
C GLN B 506 41.91 30.91 46.35
N SER B 507 40.84 31.32 45.67
CA SER B 507 40.81 31.34 44.21
C SER B 507 39.85 32.43 43.77
N THR B 508 40.29 33.21 42.78
CA THR B 508 39.49 34.33 42.28
C THR B 508 38.26 33.85 41.51
N PHE B 509 38.29 32.60 41.02
CA PHE B 509 37.12 32.05 40.33
C PHE B 509 35.97 31.81 41.30
N THR B 510 36.27 31.24 42.47
CA THR B 510 35.25 31.03 43.48
C THR B 510 34.89 32.31 44.20
N LEU B 511 35.73 33.33 44.14
CA LEU B 511 35.39 34.61 44.74
C LEU B 511 34.35 35.34 43.91
N ALA B 512 34.42 35.22 42.59
CA ALA B 512 33.48 35.91 41.72
C ALA B 512 32.12 35.25 41.69
N ILE B 513 32.08 33.91 41.73
CA ILE B 513 30.78 33.25 41.71
C ILE B 513 30.13 33.30 43.09
N SER B 514 30.91 33.51 44.14
CA SER B 514 30.32 33.81 45.45
C SER B 514 29.71 35.20 45.46
N ALA B 515 30.38 36.17 44.84
CA ALA B 515 29.86 37.53 44.78
C ALA B 515 28.65 37.66 43.86
N TYR B 516 28.58 36.88 42.79
CA TYR B 516 27.42 36.94 41.91
C TYR B 516 26.21 36.24 42.49
N ALA B 517 26.41 35.12 43.20
CA ALA B 517 25.29 34.39 43.76
C ALA B 517 24.61 35.15 44.88
N LEU B 518 25.37 35.95 45.62
CA LEU B 518 24.79 36.85 46.60
C LEU B 518 24.20 38.11 45.96
N SER B 519 24.50 38.36 44.69
CA SER B 519 24.04 39.56 44.00
C SER B 519 22.69 39.36 43.34
N LEU B 520 21.87 38.45 43.88
CA LEU B 520 20.49 38.29 43.45
C LEU B 520 19.52 38.42 44.62
N GLY B 521 20.00 38.79 45.80
CA GLY B 521 19.19 38.96 46.98
C GLY B 521 19.53 40.24 47.72
N ASP B 522 19.90 40.11 48.99
CA ASP B 522 20.32 41.26 49.78
C ASP B 522 21.66 41.79 49.30
N LYS B 523 21.63 42.93 48.60
CA LYS B 523 22.85 43.57 48.11
C LYS B 523 23.31 44.68 49.03
N THR B 524 22.95 44.64 50.31
CA THR B 524 23.24 45.72 51.25
C THR B 524 23.82 45.15 52.55
N HIS B 525 24.79 44.26 52.43
CA HIS B 525 25.41 43.80 53.66
C HIS B 525 26.78 44.45 53.82
N PRO B 526 27.21 44.69 55.08
CA PRO B 526 28.60 45.13 55.30
C PRO B 526 29.64 44.11 54.88
N GLN B 527 29.27 42.83 54.79
CA GLN B 527 30.15 41.82 54.20
C GLN B 527 30.01 41.72 52.69
N PHE B 528 28.89 42.18 52.12
CA PHE B 528 28.67 42.03 50.68
C PHE B 528 29.57 42.95 49.88
N ARG B 529 29.56 44.25 50.18
CA ARG B 529 30.46 45.16 49.47
C ARG B 529 31.90 45.02 49.95
N SER B 530 32.15 44.33 51.05
CA SER B 530 33.49 43.88 51.38
C SER B 530 34.01 42.88 50.35
N ILE B 531 33.12 42.07 49.79
CA ILE B 531 33.52 41.14 48.73
C ILE B 531 33.77 41.88 47.43
N VAL B 532 32.86 42.80 47.06
CA VAL B 532 32.91 43.47 45.76
C VAL B 532 34.11 44.42 45.72
N SER B 533 34.46 45.03 46.85
CA SER B 533 35.72 45.77 46.91
C SER B 533 36.92 44.84 46.82
N ALA B 534 36.86 43.67 47.46
CA ALA B 534 37.92 42.69 47.30
C ALA B 534 37.86 41.98 45.95
N LEU B 535 36.71 41.99 45.28
CA LEU B 535 36.66 41.48 43.91
C LEU B 535 37.26 42.48 42.94
N LYS B 536 37.12 43.77 43.23
CA LYS B 536 37.76 44.80 42.42
C LYS B 536 39.25 44.91 42.69
N ARG B 537 39.74 44.32 43.78
CA ARG B 537 41.15 44.41 44.14
C ARG B 537 42.02 43.57 43.21
N GLU B 538 41.56 42.36 42.84
CA GLU B 538 42.32 41.46 41.99
C GLU B 538 41.84 41.46 40.54
N ALA B 539 41.55 42.62 39.97
CA ALA B 539 41.25 42.75 38.56
C ALA B 539 42.52 43.09 37.78
N LEU B 540 42.47 42.87 36.47
CA LEU B 540 43.60 43.11 35.59
C LEU B 540 43.21 44.15 34.56
N VAL B 541 44.13 45.07 34.27
CA VAL B 541 43.84 46.22 33.41
C VAL B 541 44.88 46.30 32.30
N LYS B 542 44.45 46.82 31.16
CA LYS B 542 45.32 47.00 30.00
C LYS B 542 45.28 48.46 29.59
N GLY B 543 46.45 49.10 29.53
CA GLY B 543 46.54 50.50 29.14
C GLY B 543 46.26 51.45 30.30
N ASN B 544 46.27 52.73 29.96
CA ASN B 544 46.01 53.80 30.92
C ASN B 544 45.41 54.96 30.13
N PRO B 545 44.08 55.17 30.20
CA PRO B 545 43.00 54.53 30.96
C PRO B 545 42.71 53.11 30.47
N PRO B 546 42.13 52.25 31.33
CA PRO B 546 41.97 50.82 30.96
C PRO B 546 41.08 50.59 29.76
N ILE B 547 41.69 50.14 28.66
CA ILE B 547 40.92 49.81 27.48
C ILE B 547 40.37 48.38 27.57
N TYR B 548 40.95 47.56 28.44
CA TYR B 548 40.53 46.17 28.62
C TYR B 548 40.55 45.83 30.10
N ARG B 549 39.61 44.96 30.50
CA ARG B 549 39.63 44.38 31.83
C ARG B 549 39.27 42.90 31.76
N PHE B 550 39.94 42.11 32.59
CA PHE B 550 39.64 40.69 32.73
C PHE B 550 40.19 40.22 34.07
N TRP B 551 39.85 38.98 34.42
CA TRP B 551 40.28 38.37 35.67
C TRP B 551 41.07 37.10 35.39
N LYS B 552 41.36 36.35 36.43
CA LYS B 552 42.25 35.20 36.34
C LYS B 552 41.85 34.15 37.37
N ASP B 553 42.31 32.92 37.13
CA ASP B 553 42.05 31.85 38.09
C ASP B 553 42.95 31.95 39.31
N ASN B 554 44.14 32.53 39.16
CA ASN B 554 45.12 32.54 40.22
C ASN B 554 44.93 33.76 41.11
N LEU B 555 45.29 33.59 42.39
CA LEU B 555 45.51 34.75 43.24
C LEU B 555 46.77 35.49 42.82
N GLN B 556 46.83 36.77 43.18
CA GLN B 556 47.94 37.60 42.74
C GLN B 556 49.20 37.33 43.55
N HIS B 557 49.04 36.90 44.80
CA HIS B 557 50.21 36.71 45.67
C HIS B 557 50.94 35.40 45.37
N LYS B 558 50.22 34.36 44.95
CA LYS B 558 50.88 33.10 44.63
C LYS B 558 51.38 33.08 43.19
N ASP B 559 50.70 33.79 42.30
CA ASP B 559 51.10 33.89 40.90
C ASP B 559 50.99 35.36 40.51
N SER B 560 52.10 35.96 40.09
CA SER B 560 52.17 37.38 39.76
C SER B 560 52.37 37.62 38.27
N SER B 561 51.71 36.86 37.41
CA SER B 561 51.85 36.98 35.97
C SER B 561 50.56 37.47 35.34
N VAL B 562 50.68 38.24 34.26
CA VAL B 562 49.53 38.74 33.51
C VAL B 562 49.69 38.39 32.02
N PRO B 563 49.21 37.22 31.61
CA PRO B 563 49.44 36.77 30.23
C PRO B 563 48.31 37.11 29.27
N ASN B 564 48.51 36.78 28.00
CA ASN B 564 47.50 36.77 26.95
C ASN B 564 47.05 35.34 26.72
N THR B 565 46.25 35.15 25.66
CA THR B 565 45.58 33.90 25.23
C THR B 565 44.97 33.14 26.42
N GLY B 566 43.98 33.82 27.02
CA GLY B 566 43.40 33.34 28.25
C GLY B 566 42.58 32.06 28.07
N THR B 567 42.27 31.45 29.20
CA THR B 567 41.65 30.14 29.25
C THR B 567 40.15 30.29 29.54
N ALA B 568 39.45 29.15 29.66
CA ALA B 568 38.03 29.16 29.95
C ALA B 568 37.73 29.56 31.39
N ARG B 569 38.69 29.43 32.29
CA ARG B 569 38.55 29.98 33.63
C ARG B 569 38.69 31.49 33.64
N MET B 570 39.35 32.06 32.63
CA MET B 570 39.50 33.50 32.53
C MET B 570 38.24 34.17 32.01
N VAL B 571 37.55 33.55 31.06
CA VAL B 571 36.35 34.14 30.47
C VAL B 571 35.13 33.94 31.35
N GLU B 572 35.11 32.87 32.15
CA GLU B 572 33.99 32.67 33.06
C GLU B 572 34.09 33.57 34.27
N THR B 573 35.30 33.72 34.84
CA THR B 573 35.49 34.59 35.99
C THR B 573 35.28 36.05 35.62
N THR B 574 35.63 36.42 34.40
CA THR B 574 35.36 37.77 33.90
C THR B 574 33.87 38.04 33.81
N ALA B 575 33.08 37.06 33.39
CA ALA B 575 31.65 37.28 33.19
C ALA B 575 30.89 37.24 34.52
N TYR B 576 31.43 36.56 35.53
CA TYR B 576 30.79 36.59 36.84
C TYR B 576 31.02 37.92 37.53
N ALA B 577 32.24 38.47 37.44
CA ALA B 577 32.50 39.82 37.92
C ALA B 577 31.76 40.86 37.10
N LEU B 578 31.43 40.55 35.85
CA LEU B 578 30.63 41.45 35.02
C LEU B 578 29.19 41.49 35.48
N LEU B 579 28.56 40.32 35.66
CA LEU B 579 27.14 40.29 35.95
C LEU B 579 26.82 40.65 37.40
N THR B 580 27.79 40.57 38.30
CA THR B 580 27.55 41.14 39.63
C THR B 580 27.73 42.65 39.61
N SER B 581 28.36 43.17 38.57
CA SER B 581 28.48 44.61 38.37
C SER B 581 27.57 45.11 37.26
N LEU B 582 26.70 44.25 36.73
CA LEU B 582 25.54 44.69 35.98
C LEU B 582 24.25 44.54 36.76
N ASN B 583 24.27 43.78 37.85
CA ASN B 583 23.16 43.78 38.79
C ASN B 583 23.28 44.89 39.81
N LEU B 584 24.50 45.29 40.17
CA LEU B 584 24.73 46.50 40.94
C LEU B 584 24.65 47.76 40.08
N LYS B 585 24.61 47.59 38.75
CA LYS B 585 24.45 48.66 37.77
C LYS B 585 25.58 49.70 37.88
N ASP B 586 26.80 49.21 37.64
CA ASP B 586 27.99 50.06 37.56
C ASP B 586 28.39 50.10 36.10
N ILE B 587 28.09 51.21 35.43
CA ILE B 587 28.40 51.34 34.01
C ILE B 587 29.88 51.63 33.77
N ASN B 588 30.47 52.53 34.56
CA ASN B 588 31.85 52.97 34.39
C ASN B 588 32.87 51.87 34.59
N TYR B 589 32.63 50.95 35.52
CA TYR B 589 33.63 49.92 35.82
C TYR B 589 33.67 48.81 34.77
N VAL B 590 32.60 48.63 34.00
CA VAL B 590 32.44 47.45 33.17
C VAL B 590 32.65 47.75 31.69
N ASN B 591 32.92 49.00 31.34
CA ASN B 591 33.14 49.33 29.93
C ASN B 591 34.42 48.74 29.33
N PRO B 592 35.56 48.62 30.05
CA PRO B 592 36.64 47.79 29.51
C PRO B 592 36.37 46.30 29.52
N VAL B 593 35.36 45.84 30.26
CA VAL B 593 35.07 44.41 30.31
C VAL B 593 34.29 43.96 29.07
N ILE B 594 33.37 44.79 28.58
CA ILE B 594 32.57 44.44 27.41
C ILE B 594 33.43 44.41 26.16
N LYS B 595 34.43 45.30 26.08
CA LYS B 595 35.31 45.31 24.92
C LYS B 595 36.21 44.07 24.89
N TRP B 596 36.61 43.58 26.05
CA TRP B 596 37.44 42.38 26.11
C TRP B 596 36.61 41.13 25.86
N LEU B 597 35.39 41.08 26.38
CA LEU B 597 34.58 39.87 26.27
C LEU B 597 34.04 39.67 24.87
N SER B 598 33.66 40.74 24.17
CA SER B 598 33.11 40.59 22.84
C SER B 598 34.18 40.47 21.77
N GLU B 599 35.46 40.45 22.14
CA GLU B 599 36.54 40.18 21.21
C GLU B 599 37.13 38.79 21.39
N GLU B 600 37.03 38.21 22.58
CA GLU B 600 37.42 36.84 22.82
C GLU B 600 36.36 35.84 22.38
N GLN B 601 35.18 36.32 22.00
CA GLN B 601 34.15 35.48 21.42
C GLN B 601 34.59 34.99 20.04
N ARG B 602 34.38 33.70 19.78
CA ARG B 602 34.71 33.17 18.47
C ARG B 602 33.65 33.53 17.46
N TYR B 603 33.81 33.02 16.25
CA TYR B 603 32.84 33.24 15.18
C TYR B 603 31.75 32.18 15.29
N GLY B 604 30.50 32.63 15.39
CA GLY B 604 29.37 31.73 15.48
C GLY B 604 28.53 32.01 16.70
N GLY B 605 29.14 32.62 17.70
CA GLY B 605 28.45 32.88 18.95
C GLY B 605 29.14 32.18 20.10
N GLY B 606 29.88 31.12 19.76
CA GLY B 606 30.44 30.28 20.79
C GLY B 606 31.68 30.87 21.41
N PHE B 607 31.81 30.69 22.72
CA PHE B 607 33.01 31.05 23.45
C PHE B 607 33.88 29.81 23.56
N TYR B 608 34.78 29.79 24.54
CA TYR B 608 35.63 28.64 24.81
C TYR B 608 34.82 27.37 25.11
N SER B 609 34.10 27.34 26.23
CA SER B 609 33.38 26.15 26.65
C SER B 609 31.92 26.47 26.95
N THR B 610 31.20 25.53 27.57
CA THR B 610 29.78 25.71 27.83
C THR B 610 29.52 26.65 29.00
N GLN B 611 30.30 26.51 30.07
CA GLN B 611 30.01 27.23 31.30
C GLN B 611 30.42 28.69 31.22
N ASP B 612 31.33 29.05 30.32
CA ASP B 612 31.59 30.45 30.05
C ASP B 612 30.90 30.94 28.78
N THR B 613 29.84 30.27 28.34
CA THR B 613 29.00 30.83 27.30
C THR B 613 27.61 31.17 27.84
N ILE B 614 27.09 30.34 28.74
CA ILE B 614 25.85 30.67 29.43
C ILE B 614 26.04 31.87 30.35
N ASN B 615 27.22 31.98 30.97
CA ASN B 615 27.47 33.11 31.85
C ASN B 615 27.96 34.34 31.11
N ALA B 616 28.35 34.22 29.84
CA ALA B 616 28.97 35.33 29.15
C ALA B 616 28.17 35.80 27.93
N ILE B 617 27.01 35.22 27.67
CA ILE B 617 26.08 35.87 26.76
C ILE B 617 25.07 36.69 27.55
N GLU B 618 24.76 36.28 28.78
CA GLU B 618 23.97 37.11 29.68
C GLU B 618 24.67 38.41 29.99
N GLY B 619 26.00 38.40 30.11
CA GLY B 619 26.74 39.64 30.24
C GLY B 619 26.70 40.48 28.97
N LEU B 620 26.56 39.83 27.82
CA LEU B 620 26.42 40.52 26.55
C LEU B 620 24.96 40.79 26.19
N THR B 621 24.05 40.63 27.14
CA THR B 621 22.64 40.92 26.90
C THR B 621 22.12 41.81 28.03
N GLU B 622 22.69 41.65 29.22
CA GLU B 622 22.40 42.61 30.29
C GLU B 622 23.17 43.90 30.13
N TYR B 623 24.19 43.93 29.27
CA TYR B 623 24.79 45.19 28.86
C TYR B 623 24.32 45.64 27.49
N SER B 624 23.82 44.72 26.66
CA SER B 624 23.22 45.14 25.40
C SER B 624 21.85 45.77 25.59
N LEU B 625 21.26 45.63 26.78
CA LEU B 625 20.13 46.46 27.18
C LEU B 625 20.60 47.69 27.95
N LEU B 626 21.59 48.35 27.37
CA LEU B 626 21.98 49.73 27.68
C LEU B 626 22.30 50.53 26.44
N VAL B 627 22.57 49.89 25.30
CA VAL B 627 22.88 50.57 24.05
C VAL B 627 21.59 50.69 23.26
N LYS B 628 21.23 51.92 22.90
CA LYS B 628 19.98 52.22 22.21
C LYS B 628 20.20 52.05 20.71
N GLN B 629 19.28 52.58 19.91
CA GLN B 629 19.45 52.56 18.46
C GLN B 629 20.61 53.48 18.09
N LEU B 630 21.76 52.87 17.79
CA LEU B 630 22.85 53.60 17.17
C LEU B 630 22.77 53.41 15.67
N ARG B 631 22.85 54.52 14.93
CA ARG B 631 22.63 54.51 13.49
C ARG B 631 23.84 53.82 12.84
N LEU B 632 23.78 52.49 12.77
CA LEU B 632 24.90 51.69 12.29
C LEU B 632 24.73 51.51 10.78
N SER B 633 25.24 52.49 10.04
CA SER B 633 25.19 52.51 8.59
C SER B 633 26.56 52.97 8.08
N MET B 634 27.41 52.01 7.69
CA MET B 634 28.74 52.30 7.20
C MET B 634 28.96 51.66 5.85
N ASP B 635 29.92 52.19 5.10
CA ASP B 635 30.42 51.57 3.87
C ASP B 635 31.69 50.78 4.16
N ILE B 636 31.54 49.71 4.94
CA ILE B 636 32.68 48.98 5.49
C ILE B 636 33.37 48.23 4.35
N ASP B 637 34.67 48.48 4.20
CA ASP B 637 35.46 47.92 3.12
C ASP B 637 36.69 47.23 3.70
N VAL B 638 36.98 46.04 3.19
CA VAL B 638 38.18 45.30 3.53
C VAL B 638 38.96 45.06 2.25
N SER B 639 40.27 45.04 2.36
CA SER B 639 41.12 44.75 1.21
C SER B 639 42.39 44.04 1.66
N TYR B 640 43.11 43.50 0.70
CA TYR B 640 44.47 43.03 0.91
C TYR B 640 45.43 44.19 0.64
N LYS B 641 46.62 44.08 1.21
CA LYS B 641 47.60 45.16 1.09
C LYS B 641 48.20 45.21 -0.32
N HIS B 642 48.91 44.16 -0.72
CA HIS B 642 49.51 44.11 -2.06
C HIS B 642 48.59 43.41 -3.05
N LYS B 643 47.32 43.78 -3.06
CA LYS B 643 46.30 43.23 -3.93
C LYS B 643 45.11 44.19 -3.88
N GLY B 644 44.14 43.98 -4.76
CA GLY B 644 42.93 44.77 -4.74
C GLY B 644 41.90 44.22 -3.78
N ALA B 645 40.89 45.05 -3.51
CA ALA B 645 39.81 44.67 -2.62
C ALA B 645 38.96 43.57 -3.24
N LEU B 646 38.44 42.68 -2.39
CA LEU B 646 37.46 41.70 -2.85
C LEU B 646 36.20 42.43 -3.29
N HIS B 647 35.51 43.03 -2.32
CA HIS B 647 34.29 43.81 -2.53
C HIS B 647 33.90 44.52 -1.24
N ASN B 648 32.79 45.24 -1.28
CA ASN B 648 32.15 45.80 -0.11
C ASN B 648 30.67 45.96 -0.40
N TYR B 649 29.93 46.51 0.56
CA TYR B 649 28.49 46.67 0.42
C TYR B 649 28.01 47.69 1.43
N LYS B 650 26.85 48.28 1.13
CA LYS B 650 26.22 49.27 1.99
C LYS B 650 25.68 48.55 3.23
N MET B 651 26.48 48.51 4.29
CA MET B 651 26.08 47.82 5.50
C MET B 651 25.32 48.79 6.41
N THR B 652 24.01 48.57 6.52
CA THR B 652 23.14 49.48 7.26
C THR B 652 22.31 48.72 8.28
N ASP B 653 21.31 49.40 8.86
CA ASP B 653 20.38 48.78 9.78
C ASP B 653 19.36 47.88 9.08
N LYS B 654 19.24 47.97 7.76
CA LYS B 654 18.32 47.13 7.01
C LYS B 654 18.84 45.71 6.87
N ASN B 655 20.10 45.56 6.45
CA ASN B 655 20.79 44.28 6.40
C ASN B 655 22.11 44.43 7.13
N PHE B 656 22.16 43.93 8.36
CA PHE B 656 23.39 43.87 9.14
C PHE B 656 23.74 42.45 9.56
N LEU B 657 22.98 41.46 9.11
CA LEU B 657 23.27 40.04 9.33
C LEU B 657 23.93 39.42 8.11
N GLY B 658 24.83 40.15 7.45
CA GLY B 658 25.39 39.73 6.18
C GLY B 658 26.26 38.48 6.29
N ARG B 659 26.58 37.94 5.12
CA ARG B 659 27.22 36.64 5.04
C ARG B 659 28.70 36.77 5.38
N PRO B 660 29.22 35.90 6.25
CA PRO B 660 30.66 35.93 6.56
C PRO B 660 31.49 35.53 5.36
N VAL B 661 32.38 36.42 4.96
CA VAL B 661 33.05 36.34 3.67
C VAL B 661 34.22 35.37 3.80
N GLU B 662 34.63 34.80 2.67
CA GLU B 662 35.79 33.92 2.58
C GLU B 662 37.00 34.69 2.04
N VAL B 663 38.18 34.33 2.54
CA VAL B 663 39.42 34.97 2.12
C VAL B 663 40.28 33.90 1.44
N LEU B 664 40.52 34.07 0.14
CA LEU B 664 41.23 33.06 -0.64
C LEU B 664 42.69 33.40 -0.89
N LEU B 665 43.00 34.66 -1.16
CA LEU B 665 44.35 35.05 -1.51
C LEU B 665 45.21 35.15 -0.26
N ASN B 666 46.49 34.82 -0.42
CA ASN B 666 47.40 34.66 0.71
C ASN B 666 48.10 35.96 1.11
N ASP B 667 47.47 37.11 0.88
CA ASP B 667 48.02 38.36 1.38
C ASP B 667 47.49 38.65 2.77
N ASP B 668 47.77 39.85 3.27
CA ASP B 668 47.29 40.28 4.57
C ASP B 668 45.90 40.90 4.42
N LEU B 669 45.35 41.37 5.54
CA LEU B 669 44.01 41.95 5.53
C LEU B 669 43.99 43.22 6.37
N ILE B 670 43.23 44.21 5.91
CA ILE B 670 43.04 45.48 6.60
C ILE B 670 41.57 45.86 6.48
N VAL B 671 40.89 45.95 7.62
CA VAL B 671 39.48 46.32 7.65
C VAL B 671 39.39 47.84 7.84
N SER B 672 38.65 48.50 6.95
CA SER B 672 38.63 49.96 6.89
C SER B 672 37.26 50.48 7.32
N THR B 673 37.21 51.11 8.49
CA THR B 673 36.18 52.08 8.78
C THR B 673 36.78 53.48 8.77
N GLY B 674 36.12 54.37 8.07
CA GLY B 674 36.57 55.75 7.98
C GLY B 674 35.72 56.59 8.90
N PHE B 675 34.71 57.26 8.35
CA PHE B 675 33.70 57.94 9.13
C PHE B 675 32.41 57.14 9.10
N GLY B 676 31.48 57.50 9.99
CA GLY B 676 30.21 56.81 10.09
C GLY B 676 29.60 56.93 11.47
N SER B 677 28.85 55.92 11.87
CA SER B 677 28.32 55.82 13.23
C SER B 677 27.95 54.37 13.48
N GLY B 678 28.14 53.92 14.71
CA GLY B 678 27.76 52.57 15.09
C GLY B 678 28.77 51.96 16.02
N LEU B 679 28.57 50.66 16.27
CA LEU B 679 29.48 49.87 17.12
C LEU B 679 29.33 48.43 16.66
N ALA B 680 30.23 47.98 15.78
CA ALA B 680 30.15 46.68 15.15
C ALA B 680 31.41 45.88 15.46
N THR B 681 31.46 44.64 14.97
CA THR B 681 32.48 43.71 15.41
C THR B 681 33.07 42.98 14.20
N VAL B 682 34.37 42.66 14.29
CA VAL B 682 35.12 42.01 13.22
C VAL B 682 35.76 40.77 13.81
N HIS B 683 35.42 39.60 13.28
CA HIS B 683 35.95 38.33 13.74
C HIS B 683 36.51 37.54 12.58
N VAL B 684 37.67 36.91 12.80
CA VAL B 684 38.35 36.14 11.76
C VAL B 684 38.79 34.80 12.36
N THR B 685 38.43 33.72 11.68
CA THR B 685 38.86 32.37 12.02
C THR B 685 39.87 31.92 10.96
N THR B 686 41.02 31.45 11.39
CA THR B 686 41.99 30.83 10.48
C THR B 686 41.99 29.33 10.76
N VAL B 687 42.10 28.53 9.70
CA VAL B 687 42.03 27.08 9.79
C VAL B 687 43.26 26.50 9.11
N VAL B 688 44.29 26.20 9.89
CA VAL B 688 45.50 25.58 9.37
C VAL B 688 45.41 24.07 9.59
N HIS B 689 46.20 23.34 8.83
CA HIS B 689 46.45 21.93 9.09
C HIS B 689 47.92 21.77 9.41
N LYS B 690 48.23 20.99 10.43
CA LYS B 690 49.59 20.91 10.92
C LYS B 690 50.11 19.49 10.82
N THR B 691 51.42 19.34 11.02
CA THR B 691 52.04 18.02 11.06
C THR B 691 52.29 17.53 12.48
N SER B 692 52.94 18.34 13.30
CA SER B 692 53.29 17.95 14.65
C SER B 692 52.67 18.93 15.64
N THR B 693 52.72 18.56 16.91
CA THR B 693 52.15 19.34 17.99
C THR B 693 53.01 19.40 19.24
N SER B 694 54.29 19.05 19.16
CA SER B 694 55.14 18.96 20.34
C SER B 694 55.39 20.32 20.99
N GLU B 695 55.25 21.41 20.25
CA GLU B 695 55.44 22.74 20.81
C GLU B 695 54.23 23.24 21.59
N GLU B 696 53.15 22.47 21.66
CA GLU B 696 52.03 22.81 22.52
C GLU B 696 52.28 22.25 23.91
N VAL B 697 51.34 22.52 24.82
CA VAL B 697 51.46 22.13 26.22
C VAL B 697 50.62 20.89 26.44
N CYS B 698 51.28 19.73 26.54
CA CYS B 698 50.58 18.50 26.89
C CYS B 698 50.37 18.45 28.40
N SER B 699 49.12 18.59 28.83
CA SER B 699 48.75 18.44 30.23
C SER B 699 48.23 17.04 30.53
N PHE B 700 48.55 16.07 29.67
CA PHE B 700 48.09 14.70 29.84
C PHE B 700 49.17 13.77 29.34
N TYR B 701 49.50 12.75 30.12
CA TYR B 701 50.37 11.70 29.63
C TYR B 701 49.57 10.81 28.68
N LEU B 702 50.02 10.67 27.45
CA LEU B 702 49.32 9.87 26.46
C LEU B 702 50.25 8.83 25.86
N LYS B 703 49.69 7.63 25.67
CA LYS B 703 50.32 6.60 24.87
C LYS B 703 49.23 5.76 24.26
N ILE B 704 49.40 5.41 22.99
CA ILE B 704 48.41 4.62 22.28
C ILE B 704 49.12 3.60 21.42
N ASP B 705 48.74 2.34 21.57
CA ASP B 705 49.37 1.25 20.84
C ASP B 705 48.31 0.48 20.09
N THR B 706 48.74 -0.26 19.08
CA THR B 706 47.90 -1.20 18.35
C THR B 706 48.54 -2.58 18.56
N GLN B 707 47.82 -3.46 19.25
CA GLN B 707 48.35 -4.77 19.58
C GLN B 707 47.43 -5.85 19.03
N ASP B 708 48.00 -7.02 18.77
CA ASP B 708 47.26 -8.15 18.22
C ASP B 708 46.89 -9.08 19.37
N ILE B 709 45.61 -9.09 19.73
CA ILE B 709 45.15 -9.91 20.83
C ILE B 709 44.90 -11.30 20.28
N GLU B 710 44.84 -12.31 21.14
CA GLU B 710 44.51 -13.68 20.73
C GLU B 710 43.42 -14.19 21.68
N ALA B 711 42.24 -14.44 21.11
CA ALA B 711 41.12 -14.99 21.87
C ALA B 711 40.69 -16.32 21.28
N TYR B 722 42.39 -11.03 15.91
CA TYR B 722 41.69 -9.77 16.13
C TYR B 722 42.66 -8.67 16.52
N LYS B 723 42.76 -7.64 15.69
CA LYS B 723 43.64 -6.50 15.98
C LYS B 723 42.93 -5.55 16.92
N ARG B 724 43.56 -5.26 18.05
CA ARG B 724 42.96 -4.44 19.09
C ARG B 724 43.76 -3.15 19.24
N ILE B 725 43.12 -2.10 19.73
CA ILE B 725 43.77 -0.82 19.94
C ILE B 725 43.66 -0.42 21.40
N VAL B 726 44.79 -0.06 21.98
CA VAL B 726 44.92 0.27 23.40
C VAL B 726 45.33 1.73 23.49
N ALA B 727 44.62 2.50 24.29
CA ALA B 727 44.91 3.93 24.43
C ALA B 727 44.71 4.34 25.87
N CYS B 728 45.76 4.87 26.48
CA CYS B 728 45.75 5.20 27.90
C CYS B 728 45.97 6.69 28.08
N ALA B 729 45.62 7.19 29.25
CA ALA B 729 45.64 8.62 29.52
C ALA B 729 45.84 8.87 31.01
N SER B 730 46.57 9.93 31.33
CA SER B 730 46.90 10.25 32.72
C SER B 730 47.07 11.75 32.88
N TYR B 731 46.38 12.33 33.85
CA TYR B 731 46.33 13.77 34.01
C TYR B 731 47.62 14.29 34.63
N LYS B 732 48.32 15.13 33.90
CA LYS B 732 49.41 15.91 34.50
C LYS B 732 48.80 17.00 35.36
N PRO B 733 49.05 17.03 36.67
CA PRO B 733 48.46 18.07 37.49
C PRO B 733 49.19 19.38 37.31
N SER B 734 48.43 20.47 37.37
CA SER B 734 49.02 21.79 37.40
C SER B 734 49.70 22.04 38.74
N ARG B 735 50.55 23.05 38.78
CA ARG B 735 51.24 23.35 40.03
C ARG B 735 50.31 24.07 41.00
N GLU B 736 50.54 23.81 42.29
CA GLU B 736 49.63 24.16 43.38
C GLU B 736 48.22 23.64 43.12
N GLU B 737 48.13 22.34 42.88
CA GLU B 737 46.86 21.63 42.78
C GLU B 737 46.89 20.38 43.65
N SER B 738 45.71 19.87 43.96
CA SER B 738 45.59 18.56 44.55
C SER B 738 45.85 17.49 43.50
N SER B 739 46.42 16.38 43.92
CA SER B 739 46.81 15.30 43.03
C SER B 739 45.72 14.24 42.86
N SER B 740 44.45 14.63 43.01
CA SER B 740 43.38 13.64 42.98
C SER B 740 43.07 13.19 41.56
N GLY B 741 42.96 14.11 40.63
CA GLY B 741 42.67 13.76 39.26
C GLY B 741 41.85 14.84 38.58
N SER B 742 41.74 14.69 37.26
CA SER B 742 41.10 15.71 36.45
C SER B 742 39.58 15.60 36.54
N SER B 743 38.92 16.67 36.10
CA SER B 743 37.46 16.72 36.00
C SER B 743 36.99 16.04 34.73
N HIS B 744 35.75 16.33 34.35
CA HIS B 744 35.08 15.83 33.15
C HIS B 744 35.95 16.01 31.92
N ALA B 745 36.35 14.88 31.32
CA ALA B 745 37.31 14.86 30.23
C ALA B 745 36.74 14.07 29.08
N VAL B 746 37.27 14.34 27.88
CA VAL B 746 36.76 13.76 26.65
C VAL B 746 37.93 13.15 25.89
N MET B 747 37.88 11.84 25.65
CA MET B 747 38.89 11.13 24.88
C MET B 747 38.41 11.00 23.45
N ASP B 748 39.21 11.49 22.50
CA ASP B 748 38.81 11.62 21.10
C ASP B 748 39.83 10.89 20.23
N ILE B 749 39.66 9.59 20.06
CA ILE B 749 40.50 8.82 19.16
C ILE B 749 39.97 8.95 17.74
N SER B 750 40.76 9.56 16.87
CA SER B 750 40.44 9.60 15.46
C SER B 750 40.90 8.30 14.82
N LEU B 751 39.99 7.60 14.17
CA LEU B 751 40.35 6.31 13.60
C LEU B 751 41.09 6.50 12.27
N PRO B 752 42.07 5.65 11.97
CA PRO B 752 42.71 5.69 10.66
C PRO B 752 41.75 5.24 9.57
N THR B 753 42.13 5.55 8.33
CA THR B 753 41.23 5.36 7.20
C THR B 753 41.06 3.87 6.89
N GLY B 754 39.82 3.46 6.70
CA GLY B 754 39.51 2.07 6.47
C GLY B 754 39.39 1.24 7.72
N ILE B 755 39.53 1.86 8.88
CA ILE B 755 39.46 1.15 10.15
C ILE B 755 38.12 1.47 10.80
N SER B 756 37.40 0.45 11.22
CA SER B 756 36.14 0.62 11.92
C SER B 756 36.26 -0.01 13.31
N ALA B 757 35.58 0.62 14.28
CA ALA B 757 35.68 0.23 15.67
C ALA B 757 34.56 -0.71 16.04
N ASN B 758 34.90 -1.77 16.77
CA ASN B 758 33.90 -2.71 17.26
C ASN B 758 33.08 -2.05 18.34
N GLU B 759 31.84 -1.70 18.01
CA GLU B 759 31.00 -0.91 18.92
C GLU B 759 30.54 -1.74 20.11
N GLU B 760 30.49 -3.05 19.97
CA GLU B 760 30.12 -3.90 21.10
C GLU B 760 31.21 -3.96 22.16
N ASP B 761 32.44 -3.58 21.82
CA ASP B 761 33.49 -3.46 22.82
C ASP B 761 33.46 -2.12 23.54
N LEU B 762 32.84 -1.10 22.96
CA LEU B 762 32.69 0.18 23.63
C LEU B 762 31.41 0.24 24.43
N LYS B 763 30.39 -0.53 24.05
CA LYS B 763 29.19 -0.63 24.87
C LYS B 763 29.47 -1.30 26.20
N ALA B 764 30.43 -2.24 26.22
CA ALA B 764 30.77 -2.94 27.44
C ALA B 764 31.61 -2.11 28.39
N LEU B 765 32.04 -0.92 27.99
CA LEU B 765 32.78 -0.04 28.88
C LEU B 765 31.91 1.03 29.53
N VAL B 766 30.69 1.24 29.06
CA VAL B 766 29.81 2.26 29.61
C VAL B 766 28.52 1.71 30.17
N GLU B 767 28.16 0.44 29.95
CA GLU B 767 26.84 -0.03 30.33
C GLU B 767 26.79 -0.71 31.70
N GLY B 768 27.92 -1.15 32.23
CA GLY B 768 27.90 -1.82 33.51
C GLY B 768 27.73 -0.87 34.66
N VAL B 769 27.59 -1.45 35.86
CA VAL B 769 27.63 -0.61 37.06
C VAL B 769 29.07 -0.35 37.46
N ASP B 770 30.00 -1.09 36.85
CA ASP B 770 31.44 -0.84 36.96
C ASP B 770 31.97 -0.08 35.75
N GLN B 771 31.21 0.90 35.26
CA GLN B 771 31.55 1.58 34.01
C GLN B 771 32.85 2.36 34.16
N LEU B 772 33.70 2.27 33.14
CA LEU B 772 34.91 3.08 33.13
C LEU B 772 34.59 4.48 32.64
N PHE B 773 34.09 4.58 31.43
CA PHE B 773 33.67 5.85 30.86
C PHE B 773 32.21 6.10 31.23
N THR B 774 31.60 7.11 30.64
CA THR B 774 30.19 7.39 30.89
C THR B 774 29.34 7.43 29.64
N ASP B 775 29.86 7.86 28.50
CA ASP B 775 29.13 7.79 27.25
C ASP B 775 30.12 7.78 26.10
N TYR B 776 29.75 7.08 25.03
CA TYR B 776 30.56 6.97 23.83
C TYR B 776 29.71 7.38 22.64
N GLN B 777 30.39 7.77 21.56
CA GLN B 777 29.74 7.99 20.28
C GLN B 777 30.75 7.87 19.16
N ILE B 778 30.44 7.03 18.17
CA ILE B 778 31.23 6.93 16.95
C ILE B 778 30.58 7.88 15.96
N LYS B 779 31.26 8.99 15.68
CA LYS B 779 30.71 10.06 14.88
C LYS B 779 31.72 10.42 13.79
N ASP B 780 31.35 10.13 12.53
CA ASP B 780 32.14 10.43 11.33
C ASP B 780 33.54 9.82 11.39
N GLY B 781 33.66 8.61 11.93
CA GLY B 781 34.96 7.98 12.04
C GLY B 781 35.77 8.40 13.25
N HIS B 782 35.24 9.24 14.11
CA HIS B 782 35.88 9.53 15.39
C HIS B 782 35.33 8.60 16.46
N VAL B 783 36.12 8.38 17.50
CA VAL B 783 35.70 7.64 18.68
C VAL B 783 35.80 8.61 19.84
N ILE B 784 34.66 9.13 20.28
CA ILE B 784 34.63 10.17 21.29
C ILE B 784 34.08 9.57 22.57
N LEU B 785 34.88 9.63 23.63
CA LEU B 785 34.56 8.97 24.89
C LEU B 785 34.60 10.02 25.99
N GLN B 786 33.51 10.17 26.73
CA GLN B 786 33.48 11.09 27.85
C GLN B 786 33.60 10.32 29.15
N LEU B 787 34.07 11.00 30.17
CA LEU B 787 34.57 10.32 31.35
C LEU B 787 34.57 11.30 32.52
N ASN B 788 34.31 10.78 33.72
CA ASN B 788 34.20 11.65 34.88
C ASN B 788 35.56 12.13 35.37
N SER B 789 36.58 11.28 35.28
CA SER B 789 37.87 11.61 35.87
C SER B 789 38.95 10.72 35.27
N ILE B 790 40.08 11.34 34.93
CA ILE B 790 41.30 10.64 34.55
C ILE B 790 42.28 10.77 35.72
N PRO B 791 42.79 9.67 36.27
CA PRO B 791 43.64 9.77 37.45
C PRO B 791 45.03 10.26 37.10
N SER B 792 45.80 10.55 38.14
CA SER B 792 47.17 11.00 37.99
C SER B 792 48.19 9.97 38.44
N SER B 793 47.78 8.96 39.19
CA SER B 793 48.73 7.91 39.59
C SER B 793 48.94 6.90 38.48
N ASP B 794 47.88 6.19 38.10
CA ASP B 794 47.95 5.17 37.07
C ASP B 794 47.19 5.64 35.83
N PHE B 795 47.50 5.01 34.70
CA PHE B 795 46.82 5.32 33.46
C PHE B 795 45.40 4.77 33.46
N LEU B 796 44.59 5.30 32.55
CA LEU B 796 43.24 4.82 32.32
C LEU B 796 43.15 4.41 30.85
N CYS B 797 43.03 3.12 30.59
CA CYS B 797 43.13 2.60 29.24
C CYS B 797 41.77 2.21 28.69
N VAL B 798 41.59 2.41 27.39
CA VAL B 798 40.40 1.97 26.66
C VAL B 798 40.83 0.89 25.69
N ARG B 799 40.04 -0.19 25.61
CA ARG B 799 40.42 -1.38 24.86
C ARG B 799 39.21 -1.81 24.03
N PHE B 800 39.27 -1.55 22.73
CA PHE B 800 38.25 -2.03 21.81
C PHE B 800 38.92 -2.60 20.58
N ARG B 801 38.26 -3.57 19.96
CA ARG B 801 38.81 -4.20 18.78
C ARG B 801 38.48 -3.39 17.54
N ILE B 802 39.29 -3.56 16.52
CA ILE B 802 39.05 -2.92 15.23
C ILE B 802 39.18 -3.98 14.15
N PHE B 803 38.80 -3.61 12.93
CA PHE B 803 38.96 -4.50 11.80
C PHE B 803 39.16 -3.67 10.54
N GLU B 804 40.02 -4.16 9.66
CA GLU B 804 40.34 -3.46 8.43
C GLU B 804 39.18 -3.58 7.47
N LEU B 805 38.38 -2.52 7.37
CA LEU B 805 37.15 -2.56 6.59
C LEU B 805 37.43 -2.58 5.10
N PHE B 806 38.46 -1.86 4.65
CA PHE B 806 38.91 -1.94 3.27
C PHE B 806 40.39 -1.60 3.21
N GLU B 807 41.05 -2.06 2.15
CA GLU B 807 42.50 -1.96 2.05
C GLU B 807 42.91 -0.55 1.65
N VAL B 808 43.85 0.02 2.39
CA VAL B 808 44.37 1.36 2.11
C VAL B 808 45.88 1.29 2.15
N GLY B 809 46.52 1.66 1.05
CA GLY B 809 47.95 1.82 1.03
C GLY B 809 48.33 3.25 1.35
N PHE B 810 49.59 3.44 1.75
CA PHE B 810 50.18 4.73 2.13
C PHE B 810 49.38 5.39 3.26
N LEU B 811 49.16 4.61 4.32
CA LEU B 811 48.18 4.97 5.35
C LEU B 811 48.70 6.14 6.18
N SER B 812 48.08 7.29 6.03
CA SER B 812 48.46 8.49 6.76
C SER B 812 48.07 8.36 8.24
N PRO B 813 48.92 8.83 9.14
CA PRO B 813 48.67 8.60 10.57
C PRO B 813 47.59 9.51 11.11
N ALA B 814 46.78 8.95 12.02
CA ALA B 814 45.68 9.65 12.63
C ALA B 814 46.10 10.15 14.01
N THR B 815 45.17 10.81 14.70
CA THR B 815 45.49 11.52 15.93
C THR B 815 44.65 11.02 17.10
N PHE B 816 45.09 11.38 18.30
CA PHE B 816 44.49 10.90 19.55
C PHE B 816 44.57 12.02 20.57
N THR B 817 43.44 12.65 20.86
CA THR B 817 43.39 13.84 21.71
C THR B 817 42.49 13.58 22.90
N VAL B 818 42.97 13.94 24.09
CA VAL B 818 42.13 14.07 25.27
C VAL B 818 42.11 15.53 25.67
N TYR B 819 40.98 15.96 26.25
CA TYR B 819 40.87 17.32 26.74
C TYR B 819 39.75 17.36 27.76
N GLU B 820 39.88 18.24 28.75
CA GLU B 820 38.80 18.45 29.69
C GLU B 820 37.63 19.12 28.99
N TYR B 821 36.42 18.84 29.45
CA TYR B 821 35.26 19.33 28.74
C TYR B 821 34.99 20.79 29.01
N HIS B 822 35.26 21.26 30.22
CA HIS B 822 35.04 22.65 30.55
C HIS B 822 36.27 23.50 30.39
N ARG B 823 37.45 22.89 30.25
CA ARG B 823 38.69 23.59 29.93
C ARG B 823 39.30 22.90 28.71
N PRO B 824 38.81 23.19 27.50
CA PRO B 824 39.24 22.42 26.32
C PRO B 824 40.65 22.73 25.85
N ASP B 825 41.40 23.60 26.53
CA ASP B 825 42.79 23.83 26.22
C ASP B 825 43.74 23.04 27.09
N LYS B 826 43.24 22.42 28.17
CA LYS B 826 44.01 21.44 28.93
C LYS B 826 43.95 20.14 28.14
N GLN B 827 44.94 19.93 27.27
CA GLN B 827 44.88 18.83 26.33
C GLN B 827 46.26 18.25 26.11
N CYS B 828 46.31 17.22 25.26
CA CYS B 828 47.52 16.63 24.72
C CYS B 828 47.14 15.85 23.48
N THR B 829 48.07 15.77 22.54
CA THR B 829 47.78 15.20 21.23
C THR B 829 48.92 14.27 20.82
N MET B 830 48.56 13.09 20.34
CA MET B 830 49.51 12.07 19.92
C MET B 830 49.11 11.56 18.55
N PHE B 831 50.08 11.40 17.67
CA PHE B 831 49.85 10.81 16.36
C PHE B 831 50.11 9.31 16.41
N TYR B 832 49.29 8.56 15.69
CA TYR B 832 49.44 7.11 15.67
C TYR B 832 48.93 6.58 14.35
N SER B 833 49.31 5.34 14.05
CA SER B 833 48.81 4.63 12.88
C SER B 833 48.74 3.14 13.20
N THR B 834 47.76 2.46 12.61
CA THR B 834 47.61 1.03 12.83
C THR B 834 48.56 0.19 11.99
N SER B 835 49.25 0.79 11.02
CA SER B 835 50.13 0.06 10.12
C SER B 835 51.57 0.43 10.44
N ASN B 836 52.29 -0.51 11.03
CA ASN B 836 53.72 -0.36 11.30
C ASN B 836 54.53 -0.36 10.01
N ALA C 23 -52.63 -42.90 -0.32
CA ALA C 23 -53.85 -42.61 -1.06
C ALA C 23 -53.57 -41.75 -2.28
N LEU C 24 -52.29 -41.42 -2.47
CA LEU C 24 -51.86 -40.71 -3.67
C LEU C 24 -50.45 -41.15 -3.99
N TYR C 25 -50.30 -41.88 -5.09
CA TYR C 25 -49.00 -42.37 -5.54
C TYR C 25 -48.62 -41.58 -6.78
N THR C 26 -47.51 -40.87 -6.72
CA THR C 26 -47.04 -40.09 -7.84
C THR C 26 -45.75 -40.67 -8.40
N LEU C 27 -45.49 -40.36 -9.65
CA LEU C 27 -44.27 -40.79 -10.33
C LEU C 27 -43.80 -39.66 -11.23
N ILE C 28 -42.55 -39.24 -11.07
CA ILE C 28 -42.00 -38.11 -11.80
C ILE C 28 -40.69 -38.55 -12.42
N THR C 29 -40.64 -38.55 -13.74
CA THR C 29 -39.45 -38.84 -14.54
C THR C 29 -39.07 -37.58 -15.31
N PRO C 30 -37.87 -37.50 -15.88
CA PRO C 30 -37.60 -36.41 -16.81
C PRO C 30 -38.44 -36.55 -18.07
N ALA C 31 -38.62 -35.42 -18.76
CA ALA C 31 -39.48 -35.44 -19.94
C ALA C 31 -38.84 -36.18 -21.09
N VAL C 32 -37.52 -36.10 -21.20
CA VAL C 32 -36.77 -36.77 -22.27
C VAL C 32 -35.66 -37.57 -21.59
N LEU C 33 -35.77 -38.89 -21.62
CA LEU C 33 -34.84 -39.77 -20.93
C LEU C 33 -33.63 -40.04 -21.82
N ARG C 34 -32.45 -39.64 -21.36
CA ARG C 34 -31.24 -39.98 -22.09
C ARG C 34 -30.92 -41.46 -21.92
N THR C 35 -30.14 -42.00 -22.84
CA THR C 35 -29.74 -43.38 -22.80
C THR C 35 -28.25 -43.48 -22.47
N ASP C 36 -27.86 -44.65 -21.97
CA ASP C 36 -26.53 -44.94 -21.41
C ASP C 36 -26.16 -43.96 -20.30
N THR C 37 -27.16 -43.50 -19.55
CA THR C 37 -26.92 -42.54 -18.48
C THR C 37 -27.73 -42.94 -17.27
N GLU C 38 -27.09 -42.90 -16.11
CA GLU C 38 -27.75 -43.16 -14.84
C GLU C 38 -28.71 -42.01 -14.56
N GLU C 39 -30.00 -42.25 -14.73
CA GLU C 39 -31.03 -41.24 -14.54
C GLU C 39 -31.73 -41.45 -13.22
N GLN C 40 -32.38 -40.40 -12.73
CA GLN C 40 -33.14 -40.44 -11.49
C GLN C 40 -34.61 -40.23 -11.78
N ILE C 41 -35.45 -41.04 -11.17
CA ILE C 41 -36.89 -40.83 -11.20
C ILE C 41 -37.34 -40.65 -9.76
N LEU C 42 -38.63 -40.45 -9.53
CA LEU C 42 -39.13 -40.09 -8.21
C LEU C 42 -40.47 -40.77 -7.99
N VAL C 43 -40.48 -41.79 -7.14
CA VAL C 43 -41.70 -42.49 -6.76
C VAL C 43 -42.10 -42.03 -5.37
N GLU C 44 -43.34 -41.62 -5.20
CA GLU C 44 -43.76 -40.96 -3.97
C GLU C 44 -45.16 -41.45 -3.60
N ALA C 45 -45.43 -41.52 -2.30
CA ALA C 45 -46.73 -41.96 -1.79
C ALA C 45 -47.20 -40.98 -0.72
N HIS C 46 -48.29 -40.28 -1.01
CA HIS C 46 -48.87 -39.33 -0.05
C HIS C 46 -50.05 -39.97 0.65
N GLY C 47 -49.94 -40.14 1.97
CA GLY C 47 -51.03 -40.64 2.75
C GLY C 47 -50.96 -42.09 3.14
N ASP C 48 -50.14 -42.90 2.46
CA ASP C 48 -49.95 -44.30 2.81
C ASP C 48 -48.67 -44.42 3.61
N SER C 49 -48.69 -45.28 4.64
CA SER C 49 -47.52 -45.50 5.48
C SER C 49 -47.26 -46.97 5.74
N THR C 50 -47.98 -47.86 5.12
CA THR C 50 -47.60 -49.27 5.15
C THR C 50 -46.41 -49.47 4.23
N PRO C 51 -45.27 -49.93 4.75
CA PRO C 51 -44.06 -50.00 3.92
C PRO C 51 -44.18 -51.04 2.83
N LYS C 52 -43.59 -50.74 1.67
CA LYS C 52 -43.83 -51.49 0.46
C LYS C 52 -42.52 -51.87 -0.19
N GLN C 53 -42.54 -53.00 -0.90
CA GLN C 53 -41.49 -53.39 -1.84
C GLN C 53 -42.11 -53.33 -3.23
N LEU C 54 -41.55 -52.51 -4.10
CA LEU C 54 -42.19 -52.22 -5.36
C LEU C 54 -41.16 -52.22 -6.48
N ASP C 55 -41.53 -52.79 -7.61
CA ASP C 55 -40.58 -53.01 -8.70
C ASP C 55 -40.79 -51.99 -9.80
N ILE C 56 -39.72 -51.69 -10.52
CA ILE C 56 -39.72 -50.74 -11.62
C ILE C 56 -39.25 -51.46 -12.87
N PHE C 57 -40.06 -51.37 -13.92
CA PHE C 57 -39.76 -51.98 -15.20
C PHE C 57 -39.67 -50.91 -16.26
N VAL C 58 -38.71 -51.07 -17.17
CA VAL C 58 -38.49 -50.13 -18.26
C VAL C 58 -38.62 -50.89 -19.57
N HIS C 59 -39.83 -50.92 -20.13
CA HIS C 59 -40.09 -51.62 -21.38
C HIS C 59 -39.91 -50.68 -22.55
N ASP C 60 -40.34 -51.08 -23.75
CA ASP C 60 -40.41 -50.18 -24.89
C ASP C 60 -41.83 -49.69 -25.09
N PHE C 61 -41.99 -48.76 -26.03
CA PHE C 61 -43.30 -48.15 -26.25
C PHE C 61 -44.33 -49.06 -26.91
N PRO C 62 -44.16 -49.54 -28.20
CA PRO C 62 -45.33 -50.05 -28.93
C PRO C 62 -45.86 -51.36 -28.40
N ARG C 63 -44.99 -52.34 -28.22
CA ARG C 63 -45.35 -53.59 -27.57
C ARG C 63 -44.48 -53.78 -26.35
N LYS C 64 -44.91 -54.62 -25.42
CA LYS C 64 -44.07 -54.94 -24.28
C LYS C 64 -42.91 -55.79 -24.76
N GLN C 65 -41.76 -55.17 -24.94
CA GLN C 65 -40.56 -55.83 -25.41
C GLN C 65 -39.75 -56.31 -24.21
N LYS C 66 -38.49 -56.67 -24.44
CA LYS C 66 -37.57 -56.98 -23.37
C LYS C 66 -37.39 -55.79 -22.43
N THR C 67 -37.26 -56.07 -21.15
CA THR C 67 -37.07 -55.01 -20.17
C THR C 67 -35.69 -54.39 -20.34
N LEU C 68 -35.66 -53.10 -20.65
CA LEU C 68 -34.40 -52.40 -20.75
C LEU C 68 -33.75 -52.22 -19.39
N PHE C 69 -34.56 -52.15 -18.34
CA PHE C 69 -34.08 -52.07 -16.98
C PHE C 69 -35.09 -52.72 -16.07
N GLN C 70 -34.61 -53.25 -14.94
CA GLN C 70 -35.48 -53.88 -13.96
C GLN C 70 -34.81 -53.79 -12.60
N THR C 71 -35.55 -53.34 -11.60
CA THR C 71 -34.98 -53.16 -10.28
C THR C 71 -36.06 -53.40 -9.23
N ARG C 72 -35.70 -53.15 -7.98
CA ARG C 72 -36.62 -53.25 -6.86
C ARG C 72 -36.07 -52.33 -5.78
N VAL C 73 -36.91 -51.42 -5.28
CA VAL C 73 -36.51 -50.50 -4.22
C VAL C 73 -37.60 -50.52 -3.17
N ASP C 74 -37.22 -50.22 -1.93
CA ASP C 74 -38.16 -50.28 -0.83
C ASP C 74 -38.51 -48.87 -0.35
N MET C 75 -39.77 -48.69 0.01
CA MET C 75 -40.33 -47.38 0.33
C MET C 75 -40.90 -47.42 1.75
N ASN C 76 -40.11 -46.99 2.72
CA ASN C 76 -40.46 -47.01 4.13
C ASN C 76 -40.68 -45.59 4.65
N PRO C 77 -41.52 -45.41 5.69
CA PRO C 77 -41.73 -44.07 6.23
C PRO C 77 -40.54 -43.50 6.97
N ALA C 78 -39.54 -44.32 7.32
CA ALA C 78 -38.29 -43.77 7.85
C ALA C 78 -37.51 -43.04 6.76
N GLY C 79 -37.68 -43.44 5.51
CA GLY C 79 -37.17 -42.70 4.38
C GLY C 79 -38.08 -41.60 3.90
N GLY C 80 -39.27 -41.47 4.49
CA GLY C 80 -40.20 -40.43 4.14
C GLY C 80 -41.28 -40.82 3.15
N MET C 81 -41.44 -42.12 2.87
CA MET C 81 -42.37 -42.67 1.88
C MET C 81 -42.14 -42.09 0.48
N LEU C 82 -40.89 -41.78 0.15
CA LEU C 82 -40.51 -41.49 -1.22
C LEU C 82 -39.22 -42.24 -1.51
N VAL C 83 -39.04 -42.63 -2.76
CA VAL C 83 -37.84 -43.34 -3.16
C VAL C 83 -37.43 -42.82 -4.53
N THR C 84 -36.12 -42.67 -4.72
CA THR C 84 -35.52 -42.09 -5.92
C THR C 84 -34.63 -43.14 -6.56
N PRO C 85 -35.18 -44.03 -7.38
CA PRO C 85 -34.34 -45.06 -8.02
C PRO C 85 -33.40 -44.47 -9.03
N THR C 86 -32.38 -45.26 -9.38
CA THR C 86 -31.41 -44.88 -10.39
C THR C 86 -31.59 -45.82 -11.58
N ILE C 87 -32.50 -45.46 -12.47
CA ILE C 87 -32.73 -46.24 -13.67
C ILE C 87 -31.63 -45.94 -14.68
N GLU C 88 -31.53 -46.80 -15.68
CA GLU C 88 -30.54 -46.66 -16.74
C GLU C 88 -31.01 -47.46 -17.93
N ILE C 89 -30.93 -46.88 -19.11
CA ILE C 89 -31.34 -47.54 -20.35
C ILE C 89 -30.09 -47.80 -21.17
N PRO C 90 -29.82 -49.04 -21.59
CA PRO C 90 -28.67 -49.29 -22.46
C PRO C 90 -28.93 -48.80 -23.87
N ALA C 91 -27.92 -48.16 -24.46
CA ALA C 91 -28.01 -47.69 -25.83
C ALA C 91 -27.82 -48.81 -26.85
N LYS C 92 -27.34 -49.98 -26.42
CA LYS C 92 -27.14 -51.11 -27.32
C LYS C 92 -28.45 -51.61 -27.91
N GLU C 93 -29.53 -51.55 -27.13
CA GLU C 93 -30.83 -52.00 -27.61
C GLU C 93 -31.45 -51.04 -28.60
N VAL C 94 -31.04 -49.77 -28.59
CA VAL C 94 -31.62 -48.75 -29.46
C VAL C 94 -30.92 -48.87 -30.82
N SER C 95 -31.65 -49.39 -31.80
CA SER C 95 -31.11 -49.66 -33.13
C SER C 95 -31.91 -48.99 -34.24
N THR C 96 -33.09 -48.45 -33.93
CA THR C 96 -33.97 -47.93 -34.97
C THR C 96 -33.42 -46.60 -35.50
N ASP C 97 -33.71 -46.31 -36.76
CA ASP C 97 -33.11 -45.19 -37.47
C ASP C 97 -33.63 -43.87 -36.93
N SER C 98 -32.73 -42.88 -36.86
CA SER C 98 -32.93 -41.66 -36.09
C SER C 98 -33.67 -40.57 -36.85
N ARG C 99 -34.39 -40.91 -37.92
CA ARG C 99 -35.30 -39.94 -38.50
C ARG C 99 -36.59 -39.87 -37.70
N GLN C 100 -36.87 -40.92 -36.93
CA GLN C 100 -38.09 -41.03 -36.13
C GLN C 100 -37.72 -41.16 -34.65
N ASN C 101 -38.73 -41.01 -33.79
CA ASN C 101 -38.50 -41.05 -32.36
C ASN C 101 -38.70 -42.45 -31.80
N GLN C 102 -38.27 -42.62 -30.56
CA GLN C 102 -38.54 -43.81 -29.78
C GLN C 102 -39.06 -43.39 -28.41
N TYR C 103 -40.03 -44.12 -27.89
CA TYR C 103 -40.52 -43.88 -26.55
C TYR C 103 -40.30 -45.12 -25.68
N VAL C 104 -40.55 -44.94 -24.39
CA VAL C 104 -40.39 -45.97 -23.38
C VAL C 104 -41.47 -45.76 -22.32
N VAL C 105 -42.19 -46.83 -21.99
CA VAL C 105 -43.11 -46.82 -20.86
C VAL C 105 -42.30 -47.16 -19.61
N VAL C 106 -42.62 -46.46 -18.51
CA VAL C 106 -41.99 -46.69 -17.22
C VAL C 106 -43.08 -47.28 -16.33
N GLN C 107 -42.99 -48.57 -16.08
CA GLN C 107 -44.05 -49.31 -15.41
C GLN C 107 -43.61 -49.60 -13.97
N VAL C 108 -44.29 -48.98 -13.02
CA VAL C 108 -43.99 -49.14 -11.60
C VAL C 108 -45.11 -49.98 -11.00
N THR C 109 -44.79 -51.21 -10.60
CA THR C 109 -45.78 -52.12 -10.04
C THR C 109 -45.37 -52.51 -8.63
N GLY C 110 -46.34 -52.50 -7.72
CA GLY C 110 -46.11 -52.88 -6.35
C GLY C 110 -47.40 -53.18 -5.62
N PRO C 111 -47.40 -53.03 -4.30
CA PRO C 111 -48.64 -53.26 -3.53
C PRO C 111 -49.64 -52.13 -3.73
N GLN C 112 -50.75 -52.45 -4.40
CA GLN C 112 -51.83 -51.50 -4.77
C GLN C 112 -51.32 -50.32 -5.60
N VAL C 113 -50.22 -50.52 -6.31
CA VAL C 113 -49.60 -49.46 -7.11
C VAL C 113 -49.34 -50.02 -8.49
N ARG C 114 -49.99 -49.45 -9.51
CA ARG C 114 -49.53 -49.61 -10.87
C ARG C 114 -49.61 -48.24 -11.53
N LEU C 115 -48.46 -47.75 -11.97
CA LEU C 115 -48.33 -46.46 -12.60
C LEU C 115 -47.59 -46.65 -13.91
N GLU C 116 -47.84 -45.75 -14.86
CA GLU C 116 -47.21 -45.89 -16.17
C GLU C 116 -47.10 -44.53 -16.83
N LYS C 117 -45.88 -44.19 -17.24
CA LYS C 117 -45.63 -42.95 -17.97
C LYS C 117 -44.81 -43.28 -19.19
N VAL C 118 -45.21 -42.73 -20.33
CA VAL C 118 -44.49 -42.95 -21.59
C VAL C 118 -43.56 -41.76 -21.85
N VAL C 119 -42.27 -42.05 -22.01
CA VAL C 119 -41.23 -41.04 -22.01
C VAL C 119 -40.44 -41.13 -23.30
N LEU C 120 -40.25 -39.99 -23.95
CA LEU C 120 -39.41 -39.92 -25.15
C LEU C 120 -37.94 -40.12 -24.79
N LEU C 121 -37.19 -40.73 -25.70
CA LEU C 121 -35.77 -41.00 -25.51
C LEU C 121 -34.93 -39.85 -26.02
N SER C 122 -33.63 -40.00 -25.87
CA SER C 122 -32.63 -39.21 -26.59
C SER C 122 -31.40 -40.09 -26.71
N TYR C 123 -30.34 -39.53 -27.27
CA TYR C 123 -29.07 -40.23 -27.32
C TYR C 123 -28.25 -39.87 -26.08
N GLN C 124 -27.14 -40.57 -25.91
CA GLN C 124 -26.23 -40.27 -24.81
C GLN C 124 -25.60 -38.90 -25.00
N SER C 125 -25.75 -38.05 -23.98
CA SER C 125 -25.16 -36.72 -24.03
C SER C 125 -23.65 -36.82 -23.87
N SER C 126 -22.93 -36.02 -24.65
CA SER C 126 -21.48 -36.03 -24.66
C SER C 126 -21.02 -34.74 -25.30
N PHE C 127 -20.23 -33.96 -24.58
CA PHE C 127 -19.75 -32.68 -25.07
C PHE C 127 -18.26 -32.77 -25.31
N LEU C 128 -17.87 -32.73 -26.57
CA LEU C 128 -16.47 -32.68 -26.96
C LEU C 128 -16.09 -31.26 -27.29
N PHE C 129 -14.85 -30.90 -26.95
CA PHE C 129 -14.33 -29.58 -27.22
C PHE C 129 -12.94 -29.76 -27.79
N ILE C 130 -12.60 -28.97 -28.81
CA ILE C 130 -11.33 -29.08 -29.50
C ILE C 130 -10.52 -27.83 -29.22
N GLN C 131 -9.27 -28.02 -28.82
CA GLN C 131 -8.35 -26.92 -28.54
C GLN C 131 -7.14 -27.06 -29.44
N THR C 132 -7.06 -26.22 -30.46
CA THR C 132 -5.82 -26.10 -31.22
C THR C 132 -4.86 -25.17 -30.50
N ASP C 133 -3.60 -25.17 -30.92
CA ASP C 133 -2.63 -24.32 -30.26
C ASP C 133 -2.82 -22.85 -30.63
N LYS C 134 -2.88 -22.55 -31.92
CA LYS C 134 -3.03 -21.17 -32.36
C LYS C 134 -4.19 -21.13 -33.33
N GLY C 135 -4.66 -19.91 -33.60
CA GLY C 135 -5.87 -19.76 -34.39
C GLY C 135 -5.63 -19.61 -35.87
N ILE C 136 -4.40 -19.32 -36.27
CA ILE C 136 -4.05 -19.11 -37.66
C ILE C 136 -2.70 -19.76 -37.92
N TYR C 137 -2.63 -20.57 -38.98
CA TYR C 137 -1.43 -21.31 -39.31
C TYR C 137 -0.85 -20.82 -40.64
N THR C 138 0.18 -21.51 -41.09
CA THR C 138 0.97 -21.26 -42.28
C THR C 138 0.98 -22.54 -43.09
N PRO C 139 0.89 -22.48 -44.43
CA PRO C 139 0.83 -23.71 -45.22
C PRO C 139 2.11 -24.53 -45.12
N GLY C 140 1.95 -25.80 -44.76
CA GLY C 140 3.06 -26.71 -44.53
C GLY C 140 3.31 -26.96 -43.06
N SER C 141 3.00 -26.01 -42.19
CA SER C 141 3.24 -26.14 -40.76
C SER C 141 2.23 -27.11 -40.16
N PRO C 142 2.65 -27.95 -39.22
CA PRO C 142 1.73 -28.95 -38.65
C PRO C 142 0.75 -28.33 -37.67
N VAL C 143 -0.51 -28.72 -37.82
CA VAL C 143 -1.56 -28.35 -36.90
C VAL C 143 -1.67 -29.44 -35.85
N LEU C 144 -1.54 -29.05 -34.59
CA LEU C 144 -1.64 -30.02 -33.50
C LEU C 144 -2.71 -29.56 -32.54
N TYR C 145 -3.62 -30.48 -32.24
CA TYR C 145 -4.90 -30.18 -31.62
C TYR C 145 -5.02 -30.99 -30.34
N ARG C 146 -6.14 -30.82 -29.66
CA ARG C 146 -6.39 -31.48 -28.39
C ARG C 146 -7.87 -31.52 -28.12
N VAL C 147 -8.40 -32.72 -27.89
CA VAL C 147 -9.84 -32.94 -27.76
C VAL C 147 -10.14 -33.32 -26.31
N PHE C 148 -11.05 -32.60 -25.69
CA PHE C 148 -11.51 -32.87 -24.35
C PHE C 148 -12.90 -33.49 -24.38
N SER C 149 -13.41 -33.82 -23.21
CA SER C 149 -14.79 -34.27 -23.06
C SER C 149 -15.27 -33.92 -21.67
N MET C 150 -16.59 -33.90 -21.50
CA MET C 150 -17.19 -33.96 -20.17
C MET C 150 -17.71 -35.37 -19.93
N ASP C 151 -16.76 -36.27 -19.67
CA ASP C 151 -17.07 -37.69 -19.58
C ASP C 151 -17.82 -37.99 -18.29
N HIS C 152 -18.85 -38.84 -18.41
CA HIS C 152 -19.62 -39.27 -17.24
C HIS C 152 -19.73 -40.79 -17.24
N ASN C 153 -20.46 -41.34 -16.27
CA ASN C 153 -20.34 -42.76 -15.94
C ASN C 153 -21.24 -43.61 -16.84
N THR C 154 -20.64 -44.62 -17.47
CA THR C 154 -21.29 -45.74 -18.14
C THR C 154 -20.33 -46.92 -18.02
N SER C 155 -20.57 -48.02 -18.74
CA SER C 155 -19.67 -49.16 -18.78
C SER C 155 -19.17 -49.46 -20.19
N LYS C 156 -19.96 -49.17 -21.22
CA LYS C 156 -19.55 -49.39 -22.60
C LYS C 156 -18.64 -48.24 -23.05
N MET C 157 -17.43 -48.25 -22.50
CA MET C 157 -16.47 -47.16 -22.70
C MET C 157 -15.52 -47.48 -23.87
N ASN C 158 -16.13 -47.86 -24.99
CA ASN C 158 -15.43 -48.10 -26.22
C ASN C 158 -15.84 -47.14 -27.33
N LYS C 159 -16.67 -46.15 -27.02
CA LYS C 159 -17.02 -45.10 -27.97
C LYS C 159 -15.79 -44.23 -28.22
N THR C 160 -15.32 -44.21 -29.46
CA THR C 160 -14.09 -43.50 -29.77
C THR C 160 -14.37 -42.24 -30.57
N VAL C 161 -13.48 -41.28 -30.45
CA VAL C 161 -13.68 -39.96 -31.04
C VAL C 161 -13.19 -39.98 -32.48
N ILE C 162 -14.05 -39.55 -33.40
CA ILE C 162 -13.69 -39.38 -34.80
C ILE C 162 -13.30 -37.93 -35.02
N VAL C 163 -12.05 -37.70 -35.41
CA VAL C 163 -11.55 -36.35 -35.66
C VAL C 163 -11.32 -36.20 -37.15
N GLU C 164 -11.82 -35.11 -37.71
CA GLU C 164 -11.83 -34.91 -39.15
C GLU C 164 -11.39 -33.49 -39.47
N PHE C 165 -10.53 -33.34 -40.46
CA PHE C 165 -10.09 -32.04 -40.95
C PHE C 165 -10.77 -31.77 -42.28
N GLN C 166 -11.21 -30.54 -42.48
CA GLN C 166 -11.96 -30.19 -43.68
C GLN C 166 -11.38 -28.94 -44.33
N THR C 167 -11.23 -29.01 -45.64
CA THR C 167 -10.85 -27.91 -46.50
C THR C 167 -11.92 -26.82 -46.43
N PRO C 168 -11.57 -25.56 -46.75
CA PRO C 168 -12.61 -24.51 -46.83
C PRO C 168 -13.71 -24.78 -47.85
N GLU C 169 -13.44 -25.58 -48.88
CA GLU C 169 -14.46 -26.04 -49.80
C GLU C 169 -15.09 -27.36 -49.35
N GLY C 170 -14.95 -27.72 -48.08
CA GLY C 170 -15.64 -28.86 -47.52
C GLY C 170 -15.16 -30.21 -47.96
N ILE C 171 -13.98 -30.31 -48.55
CA ILE C 171 -13.45 -31.60 -48.96
C ILE C 171 -12.87 -32.29 -47.73
N LEU C 172 -13.49 -33.40 -47.33
CA LEU C 172 -13.07 -34.13 -46.14
C LEU C 172 -11.77 -34.88 -46.44
N VAL C 173 -10.70 -34.52 -45.73
CA VAL C 173 -9.38 -35.08 -46.01
C VAL C 173 -9.14 -36.31 -45.15
N SER C 174 -9.12 -36.12 -43.83
CA SER C 174 -8.75 -37.17 -42.90
C SER C 174 -9.91 -37.54 -42.00
N SER C 175 -9.83 -38.74 -41.43
CA SER C 175 -10.81 -39.20 -40.45
C SER C 175 -10.15 -40.28 -39.61
N ASN C 176 -9.91 -39.99 -38.34
CA ASN C 176 -9.16 -40.89 -37.49
C ASN C 176 -9.97 -41.24 -36.26
N SER C 177 -9.93 -42.52 -35.86
CA SER C 177 -10.51 -42.95 -34.59
C SER C 177 -9.43 -42.81 -33.53
N VAL C 178 -9.28 -41.60 -33.01
CA VAL C 178 -8.18 -41.28 -32.12
C VAL C 178 -8.47 -41.81 -30.73
N ASP C 179 -7.43 -41.87 -29.89
CA ASP C 179 -7.55 -42.19 -28.48
C ASP C 179 -7.26 -40.94 -27.66
N LEU C 180 -8.06 -40.73 -26.62
CA LEU C 180 -8.03 -39.51 -25.81
C LEU C 180 -6.77 -39.36 -24.97
N ASN C 181 -5.87 -40.34 -24.96
CA ASN C 181 -4.62 -40.22 -24.22
C ASN C 181 -3.57 -39.47 -25.05
N PHE C 182 -3.18 -40.02 -26.20
CA PHE C 182 -2.02 -39.52 -26.91
C PHE C 182 -2.22 -39.68 -28.41
N PHE C 183 -2.59 -38.58 -29.08
CA PHE C 183 -2.85 -38.57 -30.51
C PHE C 183 -1.89 -37.64 -31.24
N TRP C 184 -1.54 -38.03 -32.46
CA TRP C 184 -0.53 -37.37 -33.26
C TRP C 184 -1.08 -36.09 -33.89
N PRO C 185 -0.20 -35.16 -34.31
CA PRO C 185 -0.67 -33.98 -35.04
C PRO C 185 -1.09 -34.28 -36.47
N TYR C 186 -1.45 -33.23 -37.21
CA TYR C 186 -1.87 -33.35 -38.61
C TYR C 186 -0.97 -32.42 -39.41
N ASN C 187 -0.09 -33.00 -40.22
CA ASN C 187 0.78 -32.21 -41.08
C ASN C 187 -0.02 -31.58 -42.22
N LEU C 188 0.07 -30.27 -42.32
CA LEU C 188 -0.59 -29.59 -43.43
C LEU C 188 0.25 -29.71 -44.69
N PRO C 189 -0.38 -29.77 -45.86
CA PRO C 189 0.39 -29.79 -47.11
C PRO C 189 1.00 -28.43 -47.40
N ASP C 190 1.92 -28.41 -48.37
CA ASP C 190 2.62 -27.18 -48.71
C ASP C 190 1.75 -26.27 -49.57
N LEU C 191 0.94 -26.83 -50.46
CA LEU C 191 0.19 -26.03 -51.41
C LEU C 191 -1.32 -26.18 -51.21
N VAL C 192 -1.76 -26.29 -49.95
CA VAL C 192 -3.15 -26.58 -49.67
C VAL C 192 -3.88 -25.24 -49.56
N SER C 193 -5.21 -25.28 -49.62
CA SER C 193 -6.04 -24.09 -49.79
C SER C 193 -5.90 -23.12 -48.63
N LEU C 194 -6.16 -21.85 -48.90
CA LEU C 194 -6.08 -20.78 -47.92
C LEU C 194 -7.50 -20.43 -47.49
N GLY C 195 -7.80 -20.56 -46.21
CA GLY C 195 -9.10 -20.17 -45.71
C GLY C 195 -9.40 -20.85 -44.40
N THR C 196 -10.61 -20.58 -43.90
CA THR C 196 -11.04 -21.08 -42.60
C THR C 196 -11.33 -22.57 -42.71
N TRP C 197 -10.47 -23.39 -42.11
CA TRP C 197 -10.70 -24.82 -42.07
C TRP C 197 -11.66 -25.16 -40.94
N ARG C 198 -11.94 -26.45 -40.79
CA ARG C 198 -12.78 -26.93 -39.70
C ARG C 198 -12.21 -28.21 -39.13
N ILE C 199 -12.41 -28.41 -37.84
CA ILE C 199 -12.20 -29.70 -37.18
C ILE C 199 -13.53 -30.10 -36.58
N VAL C 200 -14.00 -31.30 -36.91
CA VAL C 200 -15.24 -31.81 -36.32
C VAL C 200 -14.91 -33.07 -35.54
N ALA C 201 -15.45 -33.14 -34.33
CA ALA C 201 -15.20 -34.26 -33.43
C ALA C 201 -16.54 -34.82 -32.98
N LYS C 202 -16.72 -36.12 -33.14
CA LYS C 202 -17.97 -36.75 -32.77
C LYS C 202 -17.68 -38.18 -32.34
N TYR C 203 -18.54 -38.70 -31.47
CA TYR C 203 -18.41 -40.09 -31.08
C TYR C 203 -18.94 -41.00 -32.18
N GLU C 204 -18.55 -42.27 -32.10
CA GLU C 204 -19.13 -43.27 -32.98
C GLU C 204 -20.61 -43.44 -32.67
N HIS C 205 -21.43 -43.42 -33.73
CA HIS C 205 -22.90 -43.48 -33.71
C HIS C 205 -23.55 -42.30 -32.98
N SER C 206 -22.80 -41.23 -32.73
CA SER C 206 -23.41 -40.02 -32.19
C SER C 206 -23.83 -39.12 -33.35
N PRO C 207 -24.97 -38.44 -33.26
CA PRO C 207 -25.43 -37.61 -34.39
C PRO C 207 -25.03 -36.16 -34.30
N GLU C 208 -24.46 -35.71 -33.19
CA GLU C 208 -24.02 -34.33 -33.04
C GLU C 208 -22.50 -34.27 -33.03
N ASN C 209 -21.98 -33.05 -33.20
CA ASN C 209 -20.55 -32.85 -33.31
C ASN C 209 -20.19 -31.46 -32.79
N TYR C 210 -18.88 -31.19 -32.75
CA TYR C 210 -18.38 -29.89 -32.33
C TYR C 210 -17.40 -29.37 -33.37
N THR C 211 -17.58 -28.13 -33.79
CA THR C 211 -16.73 -27.50 -34.80
C THR C 211 -15.66 -26.65 -34.14
N ALA C 212 -14.49 -26.65 -34.74
CA ALA C 212 -13.38 -25.79 -34.33
C ALA C 212 -12.71 -25.25 -35.58
N TYR C 213 -12.60 -23.93 -35.67
CA TYR C 213 -12.10 -23.29 -36.87
C TYR C 213 -10.66 -22.86 -36.70
N PHE C 214 -9.96 -22.76 -37.82
CA PHE C 214 -8.66 -22.10 -37.88
C PHE C 214 -8.41 -21.65 -39.31
N ASP C 215 -7.91 -20.44 -39.46
CA ASP C 215 -7.49 -19.98 -40.77
C ASP C 215 -6.11 -20.51 -41.08
N VAL C 216 -5.84 -20.70 -42.37
CA VAL C 216 -4.48 -20.85 -42.86
C VAL C 216 -4.29 -19.82 -43.97
N ARG C 217 -3.20 -19.07 -43.89
CA ARG C 217 -2.89 -18.10 -44.92
C ARG C 217 -1.42 -17.75 -44.82
N LYS C 218 -0.91 -17.18 -45.90
CA LYS C 218 0.51 -16.84 -46.00
C LYS C 218 0.70 -15.47 -45.35
N TYR C 219 1.18 -15.48 -44.11
CA TYR C 219 1.29 -14.27 -43.31
C TYR C 219 2.63 -14.27 -42.59
N VAL C 220 2.97 -13.12 -42.01
CA VAL C 220 4.09 -13.01 -41.10
C VAL C 220 3.56 -12.40 -39.80
N LEU C 221 4.32 -12.55 -38.73
CA LEU C 221 3.89 -12.02 -37.44
C LEU C 221 3.95 -10.50 -37.45
N PRO C 222 2.91 -9.82 -37.00
CA PRO C 222 2.75 -8.41 -37.34
C PRO C 222 3.56 -7.44 -36.48
N SER C 223 4.27 -7.96 -35.49
CA SER C 223 5.31 -7.25 -34.71
C SER C 223 4.83 -6.11 -33.82
N PHE C 224 3.55 -5.73 -33.89
CA PHE C 224 2.93 -4.90 -32.86
C PHE C 224 1.43 -5.19 -32.83
N GLU C 225 0.69 -4.37 -32.11
CA GLU C 225 -0.69 -4.70 -31.74
C GLU C 225 -1.49 -3.43 -31.56
N VAL C 226 -2.69 -3.41 -32.15
CA VAL C 226 -3.56 -2.24 -32.12
C VAL C 226 -4.81 -2.54 -31.33
N ARG C 227 -5.11 -1.69 -30.36
CA ARG C 227 -6.38 -1.70 -29.66
C ARG C 227 -7.23 -0.56 -30.17
N LEU C 228 -8.39 -0.87 -30.72
CA LEU C 228 -9.33 0.12 -31.22
C LEU C 228 -10.47 0.24 -30.23
N GLN C 229 -10.57 1.39 -29.57
CA GLN C 229 -11.67 1.64 -28.65
C GLN C 229 -12.56 2.73 -29.23
N PRO C 230 -13.82 2.42 -29.56
CA PRO C 230 -14.71 3.44 -30.14
C PRO C 230 -15.17 4.42 -29.07
N SER C 231 -15.86 5.46 -29.53
CA SER C 231 -16.50 6.36 -28.58
C SER C 231 -17.65 5.67 -27.87
N GLU C 232 -18.65 5.23 -28.62
CA GLU C 232 -19.84 4.62 -28.06
C GLU C 232 -20.03 3.25 -28.66
N LYS C 233 -20.79 2.41 -27.94
CA LYS C 233 -21.08 1.07 -28.41
C LYS C 233 -22.02 1.10 -29.60
N PHE C 234 -22.84 2.14 -29.71
CA PHE C 234 -23.89 2.26 -30.71
C PHE C 234 -23.55 3.39 -31.69
N PHE C 235 -24.47 3.63 -32.62
CA PHE C 235 -24.36 4.76 -33.54
C PHE C 235 -25.77 5.16 -33.94
N TYR C 236 -26.18 6.37 -33.57
CA TYR C 236 -27.56 6.80 -33.75
C TYR C 236 -27.89 7.00 -35.22
N ILE C 237 -28.98 6.37 -35.68
CA ILE C 237 -29.37 6.43 -37.08
C ILE C 237 -29.84 7.82 -37.48
N ASP C 238 -30.33 8.63 -36.52
CA ASP C 238 -30.70 10.01 -36.77
C ASP C 238 -30.19 10.84 -35.60
N GLY C 239 -28.97 11.34 -35.73
CA GLY C 239 -28.38 12.15 -34.69
C GLY C 239 -27.65 13.34 -35.27
N ASN C 240 -26.82 13.99 -34.47
CA ASN C 240 -26.00 15.08 -34.97
C ASN C 240 -24.62 15.10 -34.34
N GLU C 241 -23.96 13.94 -34.21
CA GLU C 241 -22.69 13.89 -33.52
C GLU C 241 -21.70 13.05 -34.30
N ASN C 242 -20.41 13.34 -34.10
CA ASN C 242 -19.36 12.64 -34.84
C ASN C 242 -18.89 11.41 -34.10
N PHE C 243 -18.48 10.41 -34.87
CA PHE C 243 -18.00 9.14 -34.33
C PHE C 243 -16.48 9.14 -34.33
N HIS C 244 -15.87 8.88 -33.18
CA HIS C 244 -14.42 8.80 -33.05
C HIS C 244 -14.04 7.37 -32.71
N VAL C 245 -12.91 6.92 -33.26
CA VAL C 245 -12.36 5.59 -32.97
C VAL C 245 -10.90 5.82 -32.60
N SER C 246 -10.59 5.74 -31.31
CA SER C 246 -9.24 5.99 -30.84
C SER C 246 -8.35 4.80 -31.14
N ILE C 247 -7.09 5.09 -31.44
CA ILE C 247 -6.12 4.09 -31.85
C ILE C 247 -4.98 4.11 -30.85
N THR C 248 -4.70 2.95 -30.25
CA THR C 248 -3.56 2.76 -29.38
C THR C 248 -2.75 1.60 -29.93
N ALA C 249 -1.55 1.89 -30.42
CA ALA C 249 -0.67 0.89 -30.99
C ALA C 249 0.52 0.69 -30.09
N ARG C 250 0.72 -0.53 -29.62
CA ARG C 250 1.84 -0.89 -28.78
C ARG C 250 2.57 -2.08 -29.39
N TYR C 251 3.86 -2.16 -29.11
CA TYR C 251 4.65 -3.31 -29.52
C TYR C 251 4.27 -4.53 -28.71
N LEU C 252 4.77 -5.69 -29.16
CA LEU C 252 4.47 -6.94 -28.47
C LEU C 252 5.14 -7.01 -27.12
N TYR C 253 6.34 -6.43 -27.01
CA TYR C 253 7.06 -6.36 -25.74
C TYR C 253 6.69 -5.12 -24.95
N GLY C 254 5.59 -4.47 -25.30
CA GLY C 254 5.09 -3.35 -24.53
C GLY C 254 5.90 -2.08 -24.66
N GLU C 255 6.01 -1.56 -25.88
CA GLU C 255 6.55 -0.23 -26.11
C GLU C 255 5.66 0.49 -27.11
N GLU C 256 5.69 1.82 -27.05
CA GLU C 256 4.70 2.64 -27.76
C GLU C 256 5.12 2.86 -29.20
N VAL C 257 4.26 2.47 -30.13
CA VAL C 257 4.52 2.60 -31.56
C VAL C 257 4.35 4.05 -31.97
N GLU C 258 5.28 4.55 -32.77
CA GLU C 258 5.18 5.88 -33.38
C GLU C 258 5.09 5.72 -34.89
N GLY C 259 4.02 6.23 -35.48
CA GLY C 259 3.78 5.98 -36.89
C GLY C 259 2.58 6.68 -37.48
N VAL C 260 1.94 6.06 -38.46
CA VAL C 260 0.89 6.68 -39.26
C VAL C 260 -0.19 5.65 -39.56
N ALA C 261 -1.46 6.01 -39.33
CA ALA C 261 -2.59 5.11 -39.50
C ALA C 261 -3.54 5.62 -40.58
N PHE C 262 -4.21 4.67 -41.24
CA PHE C 262 -5.19 4.95 -42.28
C PHE C 262 -6.53 4.38 -41.87
N VAL C 263 -7.51 5.25 -41.64
CA VAL C 263 -8.80 4.85 -41.12
C VAL C 263 -9.86 5.12 -42.17
N LEU C 264 -10.41 4.07 -42.76
CA LEU C 264 -11.55 4.14 -43.65
C LEU C 264 -12.77 3.57 -42.96
N PHE C 265 -13.83 4.37 -42.86
CA PHE C 265 -15.07 3.96 -42.22
C PHE C 265 -15.93 3.22 -43.23
N GLY C 266 -17.18 2.97 -42.90
CA GLY C 266 -18.06 2.29 -43.83
C GLY C 266 -19.20 1.62 -43.10
N VAL C 267 -20.28 1.39 -43.85
CA VAL C 267 -21.48 0.78 -43.33
C VAL C 267 -21.62 -0.59 -43.96
N LYS C 268 -21.71 -1.61 -43.12
CA LYS C 268 -21.68 -3.00 -43.57
C LYS C 268 -23.07 -3.58 -43.36
N ILE C 269 -23.71 -4.00 -44.47
CA ILE C 269 -24.92 -4.81 -44.38
C ILE C 269 -24.47 -6.24 -44.15
N ASP C 270 -25.41 -7.12 -43.82
CA ASP C 270 -25.25 -8.44 -43.20
C ASP C 270 -24.05 -9.27 -43.63
N ASP C 271 -23.69 -9.22 -44.91
CA ASP C 271 -22.53 -9.96 -45.42
C ASP C 271 -21.52 -9.11 -46.16
N ALA C 272 -21.91 -8.06 -46.88
CA ALA C 272 -21.01 -7.33 -47.75
C ALA C 272 -20.90 -5.88 -47.31
N LYS C 273 -19.76 -5.28 -47.60
CA LYS C 273 -19.45 -3.92 -47.15
C LYS C 273 -19.74 -2.90 -48.24
N LYS C 274 -20.22 -1.73 -47.81
CA LYS C 274 -20.48 -0.59 -48.70
C LYS C 274 -19.79 0.63 -48.06
N SER C 275 -18.58 0.92 -48.51
CA SER C 275 -17.71 1.87 -47.85
C SER C 275 -18.19 3.31 -48.02
N ILE C 276 -17.50 4.21 -47.32
CA ILE C 276 -17.70 5.65 -47.44
C ILE C 276 -16.36 6.28 -47.85
N PRO C 277 -16.12 6.41 -49.16
CA PRO C 277 -14.76 6.75 -49.63
C PRO C 277 -14.36 8.20 -49.43
N ASP C 278 -15.27 9.09 -49.04
CA ASP C 278 -14.88 10.46 -48.70
C ASP C 278 -14.54 10.61 -47.23
N SER C 279 -14.38 9.51 -46.50
CA SER C 279 -14.20 9.55 -45.06
C SER C 279 -12.89 8.91 -44.62
N LEU C 280 -11.95 8.67 -45.52
CA LEU C 280 -10.70 8.04 -45.11
C LEU C 280 -9.68 9.13 -44.79
N THR C 281 -9.01 8.97 -43.64
CA THR C 281 -8.16 10.02 -43.09
C THR C 281 -6.72 9.56 -42.96
N ARG C 282 -5.89 10.37 -42.30
CA ARG C 282 -4.53 9.97 -41.95
C ARG C 282 -4.14 10.71 -40.68
N ILE C 283 -3.70 9.97 -39.67
CA ILE C 283 -3.46 10.51 -38.34
C ILE C 283 -1.98 10.33 -38.02
N PRO C 284 -1.29 11.35 -37.54
CA PRO C 284 0.04 11.12 -36.96
C PRO C 284 -0.09 10.42 -35.62
N ILE C 285 0.24 9.14 -35.55
CA ILE C 285 0.26 8.44 -34.28
C ILE C 285 1.51 8.85 -33.52
N ILE C 286 1.31 9.54 -32.40
CA ILE C 286 2.39 10.08 -31.59
C ILE C 286 2.33 9.38 -30.25
N ASP C 287 3.33 8.54 -29.97
CA ASP C 287 3.45 7.74 -28.75
C ASP C 287 2.22 6.85 -28.55
N GLY C 288 1.81 6.20 -29.63
CA GLY C 288 0.70 5.26 -29.57
C GLY C 288 -0.64 5.91 -29.36
N ASP C 289 -0.83 7.13 -29.86
CA ASP C 289 -2.05 7.88 -29.62
C ASP C 289 -2.45 8.66 -30.86
N GLY C 290 -3.75 8.74 -31.09
CA GLY C 290 -4.33 9.44 -32.22
C GLY C 290 -5.66 8.83 -32.57
N LYS C 291 -6.68 9.64 -32.82
CA LYS C 291 -8.03 9.16 -33.08
C LYS C 291 -8.50 9.67 -34.43
N ALA C 292 -9.51 9.00 -34.98
CA ALA C 292 -10.06 9.32 -36.28
C ALA C 292 -11.52 9.72 -36.13
N THR C 293 -11.85 10.91 -36.58
CA THR C 293 -13.20 11.44 -36.45
C THR C 293 -13.99 11.21 -37.74
N LEU C 294 -15.14 10.55 -37.61
CA LEU C 294 -16.07 10.38 -38.73
C LEU C 294 -17.10 11.50 -38.62
N LYS C 295 -17.01 12.46 -39.53
CA LYS C 295 -17.91 13.60 -39.51
C LYS C 295 -19.31 13.16 -39.95
N ARG C 296 -20.34 13.70 -39.28
CA ARG C 296 -21.69 13.19 -39.42
C ARG C 296 -22.28 13.51 -40.79
N ASP C 297 -21.93 14.68 -41.34
CA ASP C 297 -22.43 15.05 -42.66
C ASP C 297 -21.79 14.19 -43.75
N THR C 298 -20.53 13.81 -43.54
CA THR C 298 -19.84 12.93 -44.46
C THR C 298 -20.48 11.55 -44.49
N PHE C 299 -21.04 11.11 -43.38
CA PHE C 299 -21.85 9.91 -43.37
C PHE C 299 -23.23 10.16 -43.99
N ARG C 300 -23.81 11.33 -43.74
CA ARG C 300 -25.14 11.63 -44.26
C ARG C 300 -25.11 11.92 -45.75
N SER C 301 -23.97 12.34 -46.28
CA SER C 301 -23.85 12.59 -47.71
C SER C 301 -23.84 11.31 -48.53
N ARG C 302 -23.48 10.18 -47.92
CA ARG C 302 -23.39 8.91 -48.64
C ARG C 302 -24.66 8.10 -48.55
N PHE C 303 -25.24 7.98 -47.35
CA PHE C 303 -26.52 7.29 -47.15
C PHE C 303 -27.55 8.31 -46.69
N PRO C 304 -28.20 9.04 -47.59
CA PRO C 304 -29.29 9.94 -47.16
C PRO C 304 -30.58 9.18 -46.93
N ASN C 305 -30.74 8.07 -47.65
CA ASN C 305 -31.88 7.18 -47.48
C ASN C 305 -31.71 6.40 -46.19
N LEU C 306 -32.41 6.80 -45.13
CA LEU C 306 -32.29 6.17 -43.83
C LEU C 306 -32.92 4.78 -43.79
N ASN C 307 -33.71 4.42 -44.79
CA ASN C 307 -34.33 3.10 -44.83
C ASN C 307 -33.35 1.99 -45.19
N GLU C 308 -32.19 2.33 -45.73
CA GLU C 308 -31.18 1.34 -46.06
C GLU C 308 -30.22 1.08 -44.90
N LEU C 309 -30.31 1.86 -43.84
CA LEU C 309 -29.49 1.66 -42.64
C LEU C 309 -30.26 0.91 -41.56
N VAL C 310 -31.14 0.00 -41.96
CA VAL C 310 -31.97 -0.75 -41.02
C VAL C 310 -31.17 -1.94 -40.49
N GLY C 311 -30.82 -1.87 -39.21
CA GLY C 311 -30.21 -2.98 -38.49
C GLY C 311 -28.91 -3.51 -39.04
N HIS C 312 -27.97 -2.62 -39.35
CA HIS C 312 -26.73 -3.02 -39.96
C HIS C 312 -25.58 -2.36 -39.20
N THR C 313 -24.37 -2.83 -39.46
CA THR C 313 -23.21 -2.49 -38.65
C THR C 313 -22.40 -1.40 -39.34
N LEU C 314 -21.55 -0.75 -38.55
CA LEU C 314 -20.64 0.28 -39.04
C LEU C 314 -19.23 -0.15 -38.66
N TYR C 315 -18.36 -0.32 -39.65
CA TYR C 315 -16.99 -0.74 -39.38
C TYR C 315 -16.04 0.44 -39.45
N ALA C 316 -14.77 0.16 -39.20
CA ALA C 316 -13.69 1.14 -39.30
C ALA C 316 -12.42 0.35 -39.53
N SER C 317 -11.94 0.32 -40.77
CA SER C 317 -10.80 -0.50 -41.15
C SER C 317 -9.53 0.33 -40.96
N VAL C 318 -8.88 0.17 -39.81
CA VAL C 318 -7.70 0.93 -39.46
C VAL C 318 -6.46 0.17 -39.93
N THR C 319 -5.59 0.86 -40.67
CA THR C 319 -4.35 0.29 -41.20
C THR C 319 -3.21 1.22 -40.80
N VAL C 320 -2.36 0.77 -39.90
CA VAL C 320 -1.33 1.59 -39.27
C VAL C 320 0.04 1.12 -39.72
N MET C 321 0.93 2.08 -39.96
CA MET C 321 2.27 1.84 -40.46
C MET C 321 3.26 2.59 -39.58
N THR C 322 4.39 1.97 -39.28
CA THR C 322 5.35 2.57 -38.37
C THR C 322 6.16 3.68 -39.06
N GLU C 323 6.95 4.37 -38.25
CA GLU C 323 7.68 5.54 -38.75
C GLU C 323 8.85 5.15 -39.63
N SER C 324 9.38 3.95 -39.47
CA SER C 324 10.47 3.49 -40.32
C SER C 324 9.98 2.85 -41.60
N GLY C 325 8.66 2.65 -41.74
CA GLY C 325 8.13 1.95 -42.88
C GLY C 325 8.43 0.48 -42.89
N SER C 326 8.65 -0.11 -41.72
CA SER C 326 9.08 -1.50 -41.65
C SER C 326 7.93 -2.48 -41.81
N ASP C 327 6.81 -2.24 -41.11
CA ASP C 327 5.69 -3.17 -41.18
C ASP C 327 4.38 -2.43 -41.03
N MET C 328 3.29 -3.13 -41.31
CA MET C 328 1.95 -2.60 -41.13
C MET C 328 1.04 -3.71 -40.62
N VAL C 329 0.04 -3.32 -39.84
CA VAL C 329 -1.03 -4.23 -39.45
C VAL C 329 -2.33 -3.60 -39.89
N VAL C 330 -3.37 -4.42 -39.99
CA VAL C 330 -4.70 -3.94 -40.34
C VAL C 330 -5.70 -4.48 -39.32
N THR C 331 -6.36 -3.58 -38.62
CA THR C 331 -7.34 -3.90 -37.60
C THR C 331 -8.70 -3.54 -38.18
N GLU C 332 -9.76 -3.85 -37.45
CA GLU C 332 -11.11 -3.47 -37.84
C GLU C 332 -12.02 -3.38 -36.64
N GLN C 333 -12.44 -2.17 -36.28
CA GLN C 333 -13.44 -1.98 -35.23
C GLN C 333 -14.80 -2.16 -35.87
N SER C 334 -15.31 -3.38 -35.81
CA SER C 334 -16.61 -3.69 -36.35
C SER C 334 -17.64 -3.76 -35.22
N GLY C 335 -18.89 -4.05 -35.56
CA GLY C 335 -19.91 -4.29 -34.57
C GLY C 335 -20.65 -3.05 -34.09
N ILE C 336 -20.19 -1.86 -34.45
CA ILE C 336 -20.88 -0.62 -34.07
C ILE C 336 -22.20 -0.57 -34.80
N HIS C 337 -23.29 -0.75 -34.05
CA HIS C 337 -24.59 -0.92 -34.66
C HIS C 337 -25.26 0.42 -34.93
N ILE C 338 -26.09 0.44 -35.95
CA ILE C 338 -26.84 1.62 -36.35
C ILE C 338 -28.27 1.41 -35.86
N VAL C 339 -28.59 2.02 -34.72
CA VAL C 339 -29.88 1.88 -34.06
C VAL C 339 -30.29 3.23 -33.51
N ALA C 340 -31.58 3.37 -33.22
CA ALA C 340 -32.13 4.60 -32.68
C ALA C 340 -32.42 4.51 -31.19
N SER C 341 -31.96 3.45 -30.54
CA SER C 341 -32.11 3.27 -29.10
C SER C 341 -30.86 2.56 -28.62
N PRO C 342 -30.23 3.03 -27.54
CA PRO C 342 -29.00 2.39 -27.06
C PRO C 342 -29.21 1.01 -26.50
N TYR C 343 -30.42 0.68 -26.06
CA TYR C 343 -30.71 -0.58 -25.41
C TYR C 343 -31.86 -1.27 -26.12
N GLN C 344 -31.99 -2.57 -25.86
CA GLN C 344 -33.06 -3.37 -26.43
C GLN C 344 -33.39 -4.43 -25.40
N ILE C 345 -34.61 -4.41 -24.87
CA ILE C 345 -34.96 -5.31 -23.78
C ILE C 345 -35.79 -6.45 -24.32
N HIS C 346 -35.55 -7.63 -23.77
CA HIS C 346 -36.34 -8.82 -24.04
C HIS C 346 -36.81 -9.31 -22.69
N PHE C 347 -37.98 -9.93 -22.65
CA PHE C 347 -38.38 -10.48 -21.37
C PHE C 347 -37.75 -11.84 -21.15
N THR C 348 -38.25 -12.89 -21.82
CA THR C 348 -37.62 -14.18 -22.11
C THR C 348 -36.94 -14.93 -20.95
N LYS C 349 -36.99 -14.37 -19.73
CA LYS C 349 -36.33 -14.88 -18.54
C LYS C 349 -37.23 -14.82 -17.35
N THR C 350 -38.25 -14.13 -17.42
CA THR C 350 -39.33 -13.91 -16.49
C THR C 350 -40.46 -14.90 -16.77
N PRO C 351 -41.17 -15.34 -15.75
CA PRO C 351 -42.30 -16.23 -16.00
C PRO C 351 -43.44 -15.46 -16.62
N LYS C 352 -44.03 -16.06 -17.65
CA LYS C 352 -45.21 -15.49 -18.30
C LYS C 352 -46.50 -15.86 -17.58
N TYR C 353 -46.41 -16.31 -16.32
CA TYR C 353 -47.57 -16.76 -15.57
C TYR C 353 -47.40 -16.30 -14.13
N PHE C 354 -48.35 -15.52 -13.64
CA PHE C 354 -48.32 -14.98 -12.29
C PHE C 354 -49.41 -15.66 -11.44
N LYS C 355 -49.33 -15.44 -10.13
CA LYS C 355 -50.33 -15.91 -9.20
C LYS C 355 -51.07 -14.72 -8.63
N PRO C 356 -52.40 -14.72 -8.62
CA PRO C 356 -53.15 -13.59 -8.08
C PRO C 356 -53.03 -13.54 -6.57
N GLY C 357 -52.72 -12.35 -6.05
CA GLY C 357 -52.54 -12.12 -4.63
C GLY C 357 -51.09 -12.11 -4.21
N MET C 358 -50.29 -13.03 -4.74
CA MET C 358 -48.86 -12.99 -4.51
C MET C 358 -48.25 -11.86 -5.32
N PRO C 359 -47.07 -11.39 -4.93
CA PRO C 359 -46.29 -10.54 -5.82
C PRO C 359 -45.74 -11.33 -7.00
N TYR C 360 -45.17 -10.59 -7.95
CA TYR C 360 -44.72 -11.18 -9.20
C TYR C 360 -43.30 -10.73 -9.46
N GLU C 361 -42.40 -11.70 -9.63
CA GLU C 361 -40.97 -11.44 -9.78
C GLU C 361 -40.67 -11.34 -11.27
N LEU C 362 -40.48 -10.11 -11.76
CA LEU C 362 -40.26 -9.87 -13.18
C LEU C 362 -38.77 -9.70 -13.43
N THR C 363 -38.19 -10.63 -14.17
CA THR C 363 -36.80 -10.54 -14.56
C THR C 363 -36.74 -9.96 -15.97
N VAL C 364 -36.43 -8.68 -16.08
CA VAL C 364 -36.21 -8.09 -17.39
C VAL C 364 -34.81 -8.44 -17.83
N TYR C 365 -34.51 -8.23 -19.11
CA TYR C 365 -33.19 -8.56 -19.65
C TYR C 365 -32.84 -7.46 -20.64
N VAL C 366 -32.07 -6.49 -20.20
CA VAL C 366 -31.67 -5.36 -21.03
C VAL C 366 -30.31 -5.68 -21.64
N THR C 367 -30.27 -5.80 -22.97
CA THR C 367 -29.03 -6.05 -23.67
C THR C 367 -28.64 -4.86 -24.53
N ASN C 368 -27.40 -4.88 -24.98
CA ASN C 368 -26.88 -3.96 -25.98
C ASN C 368 -27.46 -4.34 -27.35
N PRO C 369 -27.29 -3.51 -28.39
CA PRO C 369 -27.86 -3.87 -29.70
C PRO C 369 -27.33 -5.14 -30.33
N ASP C 370 -26.12 -5.58 -29.96
CA ASP C 370 -25.62 -6.83 -30.52
C ASP C 370 -26.16 -8.04 -29.76
N GLY C 371 -26.22 -7.96 -28.43
CA GLY C 371 -26.67 -9.07 -27.62
C GLY C 371 -25.93 -9.18 -26.31
N SER C 372 -24.90 -8.36 -26.14
CA SER C 372 -24.19 -8.32 -24.88
C SER C 372 -25.07 -7.67 -23.82
N PRO C 373 -25.05 -8.20 -22.60
CA PRO C 373 -25.87 -7.63 -21.54
C PRO C 373 -25.39 -6.25 -21.11
N ALA C 374 -26.34 -5.43 -20.69
CA ALA C 374 -26.09 -4.05 -20.31
C ALA C 374 -26.12 -3.94 -18.79
N ALA C 375 -25.14 -3.24 -18.23
CA ALA C 375 -25.05 -3.07 -16.79
C ALA C 375 -25.40 -1.65 -16.39
N HIS C 376 -25.92 -1.52 -15.17
CA HIS C 376 -26.25 -0.24 -14.52
C HIS C 376 -27.27 0.58 -15.31
N VAL C 377 -28.22 -0.12 -15.93
CA VAL C 377 -29.27 0.51 -16.73
C VAL C 377 -30.55 0.54 -15.90
N PRO C 378 -31.02 1.71 -15.45
CA PRO C 378 -32.20 1.75 -14.58
C PRO C 378 -33.48 1.58 -15.38
N VAL C 379 -34.18 0.49 -15.13
CA VAL C 379 -35.49 0.29 -15.73
C VAL C 379 -36.54 0.75 -14.75
N VAL C 380 -37.74 1.02 -15.27
CA VAL C 380 -38.92 1.34 -14.47
C VAL C 380 -40.07 0.50 -14.98
N SER C 381 -41.17 0.53 -14.23
CA SER C 381 -42.45 0.00 -14.69
C SER C 381 -43.52 0.88 -14.06
N GLU C 382 -43.96 1.89 -14.81
CA GLU C 382 -44.73 3.00 -14.27
C GLU C 382 -46.13 2.63 -13.82
N ALA C 383 -46.67 1.52 -14.30
CA ALA C 383 -48.00 1.09 -13.85
C ALA C 383 -48.01 0.56 -12.43
N PHE C 384 -46.84 0.22 -11.88
CA PHE C 384 -46.73 -0.35 -10.55
C PHE C 384 -45.78 0.43 -9.67
N HIS C 385 -45.22 1.53 -10.17
CA HIS C 385 -44.29 2.43 -9.48
C HIS C 385 -43.01 1.72 -9.02
N SER C 386 -42.70 0.56 -9.57
CA SER C 386 -41.47 -0.12 -9.21
C SER C 386 -40.40 0.16 -10.24
N MET C 387 -39.16 0.23 -9.79
CA MET C 387 -38.05 0.50 -10.69
C MET C 387 -36.79 -0.15 -10.15
N GLY C 388 -35.90 -0.58 -11.03
CA GLY C 388 -34.71 -1.27 -10.61
C GLY C 388 -33.47 -0.83 -11.34
N THR C 389 -32.50 -1.73 -11.48
CA THR C 389 -31.23 -1.48 -12.15
C THR C 389 -30.65 -2.82 -12.56
N THR C 390 -30.19 -2.91 -13.80
CA THR C 390 -29.63 -4.15 -14.30
C THR C 390 -28.28 -4.45 -13.67
N LEU C 391 -27.98 -5.74 -13.56
CA LEU C 391 -26.76 -6.22 -12.97
C LEU C 391 -25.72 -6.48 -14.06
N SER C 392 -24.64 -7.18 -13.71
CA SER C 392 -23.58 -7.47 -14.65
C SER C 392 -24.01 -8.44 -15.74
N ASP C 393 -25.02 -9.27 -15.47
CA ASP C 393 -25.57 -10.15 -16.48
C ASP C 393 -26.76 -9.55 -17.18
N GLY C 394 -27.04 -8.26 -16.97
CA GLY C 394 -28.08 -7.59 -17.69
C GLY C 394 -29.48 -7.89 -17.26
N THR C 395 -29.68 -8.42 -16.06
CA THR C 395 -31.00 -8.69 -15.54
C THR C 395 -31.32 -7.76 -14.39
N ALA C 396 -32.60 -7.47 -14.22
CA ALA C 396 -33.07 -6.61 -13.13
C ALA C 396 -34.41 -7.14 -12.67
N LYS C 397 -34.44 -7.73 -11.47
CA LYS C 397 -35.69 -8.26 -10.95
C LYS C 397 -36.50 -7.15 -10.33
N LEU C 398 -37.72 -6.96 -10.82
CA LEU C 398 -38.68 -6.04 -10.24
C LEU C 398 -39.79 -6.86 -9.60
N ILE C 399 -40.26 -6.43 -8.45
CA ILE C 399 -41.37 -7.07 -7.74
C ILE C 399 -42.61 -6.21 -7.93
N LEU C 400 -43.68 -6.81 -8.43
CA LEU C 400 -44.87 -6.06 -8.74
C LEU C 400 -45.98 -6.45 -7.78
N ASN C 401 -46.61 -5.44 -7.18
CA ASN C 401 -47.71 -5.70 -6.28
C ASN C 401 -49.00 -5.85 -7.07
N ILE C 402 -49.49 -7.08 -7.20
CA ILE C 402 -50.60 -7.35 -8.08
C ILE C 402 -51.91 -7.09 -7.35
N PRO C 403 -52.93 -6.55 -8.01
CA PRO C 403 -54.28 -6.67 -7.46
C PRO C 403 -54.74 -8.12 -7.55
N LEU C 404 -55.48 -8.55 -6.51
CA LEU C 404 -55.94 -9.93 -6.47
C LEU C 404 -57.01 -10.20 -7.51
N ASN C 405 -57.80 -9.18 -7.85
CA ASN C 405 -58.89 -9.34 -8.81
C ASN C 405 -58.42 -9.05 -10.23
N ALA C 406 -57.49 -9.89 -10.71
CA ALA C 406 -56.99 -9.80 -12.07
C ALA C 406 -56.55 -11.18 -12.52
N GLN C 407 -56.94 -11.53 -13.75
CA GLN C 407 -56.52 -12.79 -14.35
C GLN C 407 -55.71 -12.60 -15.62
N SER C 408 -55.34 -11.36 -15.96
CA SER C 408 -54.34 -11.08 -16.97
C SER C 408 -53.73 -9.75 -16.58
N LEU C 409 -52.43 -9.61 -16.81
CA LEU C 409 -51.67 -8.49 -16.26
C LEU C 409 -50.87 -7.82 -17.35
N PRO C 410 -51.35 -6.70 -17.90
CA PRO C 410 -50.52 -5.93 -18.84
C PRO C 410 -49.51 -5.09 -18.08
N ILE C 411 -48.22 -5.31 -18.36
CA ILE C 411 -47.14 -4.53 -17.77
C ILE C 411 -46.33 -3.91 -18.89
N THR C 412 -45.50 -2.93 -18.52
CA THR C 412 -44.70 -2.21 -19.50
C THR C 412 -43.44 -1.71 -18.83
N VAL C 413 -42.28 -2.09 -19.36
CA VAL C 413 -40.98 -1.76 -18.78
C VAL C 413 -40.29 -0.80 -19.74
N ARG C 414 -39.64 0.22 -19.19
CA ARG C 414 -38.95 1.23 -19.99
C ARG C 414 -37.68 1.62 -19.26
N THR C 415 -36.53 1.52 -19.93
CA THR C 415 -35.26 1.75 -19.26
C THR C 415 -35.03 3.24 -19.07
N ASN C 416 -35.33 3.75 -17.88
CA ASN C 416 -35.11 5.15 -17.56
C ASN C 416 -33.64 5.37 -17.24
N HIS C 417 -32.82 5.41 -18.29
CA HIS C 417 -31.41 5.72 -18.12
C HIS C 417 -31.24 7.19 -17.79
N GLY C 418 -30.10 7.52 -17.19
CA GLY C 418 -29.91 8.84 -16.62
C GLY C 418 -29.79 9.98 -17.60
N ASP C 419 -28.68 10.04 -18.34
CA ASP C 419 -28.36 11.21 -19.14
C ASP C 419 -28.89 11.11 -20.56
N LEU C 420 -29.87 10.31 -20.79
CA LEU C 420 -30.44 10.24 -22.13
C LEU C 420 -31.64 11.16 -22.26
N PRO C 421 -31.94 11.60 -23.47
CA PRO C 421 -33.26 12.16 -23.75
C PRO C 421 -34.34 11.10 -23.67
N ARG C 422 -35.57 11.56 -23.53
CA ARG C 422 -36.72 10.71 -23.29
C ARG C 422 -37.10 9.83 -24.48
N GLU C 423 -36.85 10.28 -25.70
CA GLU C 423 -37.28 9.55 -26.88
C GLU C 423 -36.33 8.42 -27.26
N ARG C 424 -35.19 8.30 -26.60
CA ARG C 424 -34.19 7.31 -26.97
C ARG C 424 -34.34 5.99 -26.25
N GLN C 425 -35.04 5.95 -25.13
CA GLN C 425 -34.97 4.82 -24.23
C GLN C 425 -35.86 3.69 -24.71
N ALA C 426 -35.40 2.46 -24.48
CA ALA C 426 -36.10 1.28 -24.94
C ALA C 426 -37.36 1.04 -24.13
N THR C 427 -38.27 0.26 -24.71
CA THR C 427 -39.53 -0.06 -24.07
C THR C 427 -40.07 -1.35 -24.66
N LYS C 428 -40.81 -2.10 -23.85
CA LYS C 428 -41.49 -3.30 -24.31
C LYS C 428 -42.62 -3.59 -23.34
N SER C 429 -43.63 -4.31 -23.81
CA SER C 429 -44.77 -4.68 -22.99
C SER C 429 -45.03 -6.18 -23.11
N MET C 430 -45.74 -6.72 -22.13
CA MET C 430 -46.13 -8.12 -22.15
C MET C 430 -47.39 -8.29 -21.32
N THR C 431 -47.95 -9.49 -21.37
CA THR C 431 -49.10 -9.85 -20.55
C THR C 431 -48.83 -11.18 -19.87
N ALA C 432 -49.21 -11.27 -18.61
CA ALA C 432 -49.00 -12.46 -17.79
C ALA C 432 -50.35 -13.13 -17.54
N ILE C 433 -50.42 -14.41 -17.82
CA ILE C 433 -51.66 -15.17 -17.73
C ILE C 433 -51.69 -15.84 -16.36
N ALA C 434 -52.80 -15.68 -15.64
CA ALA C 434 -52.85 -16.14 -14.26
C ALA C 434 -52.84 -17.65 -14.15
N TYR C 435 -52.27 -18.14 -13.06
CA TYR C 435 -52.23 -19.56 -12.77
C TYR C 435 -53.64 -20.07 -12.53
N GLN C 436 -53.96 -21.23 -13.11
CA GLN C 436 -55.30 -21.81 -13.01
C GLN C 436 -55.25 -22.98 -12.04
N THR C 437 -55.83 -22.78 -10.86
CA THR C 437 -55.82 -23.80 -9.83
C THR C 437 -56.79 -24.92 -10.18
N GLN C 438 -56.59 -26.07 -9.53
CA GLN C 438 -57.30 -27.30 -9.88
C GLN C 438 -58.73 -27.22 -9.39
N GLY C 439 -59.58 -26.60 -10.21
CA GLY C 439 -61.00 -26.48 -9.90
C GLY C 439 -61.41 -25.17 -9.28
N GLY C 440 -60.65 -24.11 -9.47
CA GLY C 440 -60.98 -22.83 -8.86
C GLY C 440 -60.86 -22.80 -7.36
N SER C 441 -60.07 -23.70 -6.77
CA SER C 441 -60.01 -23.80 -5.32
C SER C 441 -59.23 -22.66 -4.69
N GLY C 442 -58.35 -22.03 -5.44
CA GLY C 442 -57.58 -20.92 -4.92
C GLY C 442 -56.34 -21.30 -4.17
N ASN C 443 -55.90 -22.55 -4.24
CA ASN C 443 -54.69 -22.98 -3.56
C ASN C 443 -53.48 -22.73 -4.45
N TYR C 444 -52.56 -21.90 -4.00
CA TYR C 444 -51.40 -21.50 -4.79
C TYR C 444 -50.12 -21.96 -4.12
N LEU C 445 -49.01 -21.76 -4.82
CA LEU C 445 -47.67 -21.95 -4.28
C LEU C 445 -46.74 -21.01 -5.03
N HIS C 446 -45.92 -20.27 -4.29
CA HIS C 446 -45.01 -19.32 -4.89
C HIS C 446 -43.63 -19.56 -4.30
N VAL C 447 -42.87 -20.49 -4.89
CA VAL C 447 -41.48 -20.66 -4.51
C VAL C 447 -40.70 -19.44 -5.01
N ALA C 448 -40.08 -18.72 -4.09
CA ALA C 448 -39.57 -17.39 -4.35
C ALA C 448 -38.10 -17.34 -4.02
N ILE C 449 -37.27 -17.36 -5.06
CA ILE C 449 -35.83 -17.25 -4.92
C ILE C 449 -35.44 -15.86 -5.35
N THR C 450 -34.89 -15.08 -4.42
CA THR C 450 -34.52 -13.69 -4.68
C THR C 450 -33.11 -13.48 -4.15
N SER C 451 -32.12 -13.85 -4.96
CA SER C 451 -30.72 -13.68 -4.60
C SER C 451 -29.92 -13.70 -5.89
N THR C 452 -29.00 -12.76 -6.03
CA THR C 452 -28.30 -12.58 -7.29
C THR C 452 -26.83 -12.88 -7.11
N GLU C 453 -26.17 -13.13 -8.25
CA GLU C 453 -24.77 -13.51 -8.36
C GLU C 453 -24.45 -14.71 -7.48
N ILE C 454 -25.12 -15.82 -7.79
CA ILE C 454 -25.02 -17.04 -7.01
C ILE C 454 -23.81 -17.81 -7.48
N LYS C 455 -22.85 -18.00 -6.59
CA LYS C 455 -21.65 -18.74 -6.90
C LYS C 455 -21.81 -20.19 -6.45
N PRO C 456 -21.02 -21.11 -7.00
CA PRO C 456 -20.93 -22.44 -6.39
C PRO C 456 -20.24 -22.35 -5.04
N GLY C 457 -21.01 -22.54 -3.98
CA GLY C 457 -20.50 -22.42 -2.63
C GLY C 457 -21.39 -21.63 -1.70
N ASP C 458 -22.48 -21.06 -2.16
CA ASP C 458 -23.35 -20.28 -1.28
C ASP C 458 -24.35 -21.16 -0.56
N ASN C 459 -25.23 -20.52 0.19
CA ASN C 459 -26.44 -21.14 0.73
C ASN C 459 -27.56 -20.18 0.33
N LEU C 460 -28.27 -20.52 -0.75
CA LEU C 460 -29.26 -19.48 -1.03
C LEU C 460 -30.56 -19.81 -0.29
N PRO C 461 -31.24 -18.80 0.25
CA PRO C 461 -32.51 -19.06 0.92
C PRO C 461 -33.68 -19.03 -0.06
N VAL C 462 -34.54 -20.02 0.04
CA VAL C 462 -35.68 -20.18 -0.85
C VAL C 462 -36.95 -20.29 -0.02
N ASN C 463 -37.90 -19.38 -0.26
CA ASN C 463 -39.13 -19.30 0.52
C ASN C 463 -40.25 -20.04 -0.19
N PHE C 464 -40.98 -20.85 0.56
CA PHE C 464 -42.17 -21.55 0.05
C PHE C 464 -43.39 -20.81 0.56
N ASN C 465 -43.95 -19.94 -0.26
CA ASN C 465 -45.17 -19.23 0.09
C ASN C 465 -46.38 -20.03 -0.35
N VAL C 466 -47.34 -20.20 0.54
CA VAL C 466 -48.62 -20.79 0.20
C VAL C 466 -49.70 -19.73 0.36
N LYS C 467 -50.87 -20.03 -0.19
CA LYS C 467 -52.05 -19.18 -0.14
C LYS C 467 -53.23 -20.03 -0.56
N GLY C 468 -54.32 -19.93 0.18
CA GLY C 468 -55.50 -20.66 -0.19
C GLY C 468 -56.53 -20.65 0.92
N ASN C 469 -57.50 -21.54 0.79
CA ASN C 469 -58.54 -21.70 1.78
C ASN C 469 -57.94 -22.24 3.07
N ALA C 470 -58.29 -21.60 4.19
CA ALA C 470 -57.58 -21.83 5.45
C ALA C 470 -57.81 -23.21 6.03
N ASN C 471 -58.82 -23.95 5.55
CA ASN C 471 -58.94 -25.35 5.89
C ASN C 471 -58.05 -26.24 5.04
N SER C 472 -57.83 -25.89 3.78
CA SER C 472 -56.93 -26.67 2.94
C SER C 472 -55.47 -26.43 3.29
N LEU C 473 -55.15 -25.24 3.78
CA LEU C 473 -53.80 -24.97 4.25
C LEU C 473 -53.52 -25.65 5.58
N LYS C 474 -54.56 -26.07 6.29
CA LYS C 474 -54.40 -26.74 7.57
C LYS C 474 -53.84 -28.14 7.40
N GLN C 475 -54.06 -28.76 6.23
CA GLN C 475 -53.78 -30.17 6.06
C GLN C 475 -52.59 -30.44 5.13
N ILE C 476 -51.66 -29.50 5.02
CA ILE C 476 -50.44 -29.73 4.27
C ILE C 476 -49.26 -29.74 5.23
N LYS C 477 -48.45 -30.79 5.14
CA LYS C 477 -47.33 -30.97 6.04
C LYS C 477 -45.97 -30.85 5.40
N TYR C 478 -45.82 -31.16 4.11
CA TYR C 478 -44.50 -31.12 3.50
C TYR C 478 -44.60 -30.62 2.07
N PHE C 479 -43.53 -29.99 1.61
CA PHE C 479 -43.32 -29.71 0.20
C PHE C 479 -42.30 -30.69 -0.35
N THR C 480 -42.48 -31.07 -1.60
CA THR C 480 -41.53 -31.94 -2.28
C THR C 480 -40.83 -31.08 -3.33
N TYR C 481 -39.60 -30.70 -3.05
CA TYR C 481 -38.82 -29.91 -3.99
C TYR C 481 -37.86 -30.82 -4.73
N LEU C 482 -37.48 -30.42 -5.94
CA LEU C 482 -36.56 -31.19 -6.73
C LEU C 482 -35.82 -30.25 -7.68
N ILE C 483 -34.59 -30.62 -8.00
CA ILE C 483 -33.64 -29.73 -8.67
C ILE C 483 -33.25 -30.35 -10.00
N LEU C 484 -33.58 -29.66 -11.08
CA LEU C 484 -33.33 -30.17 -12.43
C LEU C 484 -32.13 -29.45 -13.01
N ASN C 485 -31.02 -30.17 -13.15
CA ASN C 485 -29.84 -29.63 -13.80
C ASN C 485 -29.44 -30.53 -14.95
N LYS C 486 -29.18 -29.91 -16.11
CA LYS C 486 -28.81 -30.59 -17.36
C LYS C 486 -29.84 -31.63 -17.78
N GLY C 487 -31.11 -31.35 -17.52
CA GLY C 487 -32.16 -32.28 -17.86
C GLY C 487 -32.23 -33.51 -16.99
N LYS C 488 -31.71 -33.45 -15.77
CA LYS C 488 -31.71 -34.59 -14.87
C LYS C 488 -32.17 -34.15 -13.50
N ILE C 489 -32.90 -35.02 -12.81
CA ILE C 489 -33.31 -34.74 -11.45
C ILE C 489 -32.08 -34.93 -10.58
N PHE C 490 -31.38 -33.84 -10.29
CA PHE C 490 -30.10 -33.93 -9.60
C PHE C 490 -30.27 -34.23 -8.13
N LYS C 491 -31.32 -33.72 -7.52
CA LYS C 491 -31.55 -33.87 -6.10
C LYS C 491 -33.02 -33.63 -5.83
N VAL C 492 -33.52 -34.28 -4.80
CA VAL C 492 -34.92 -34.13 -4.41
C VAL C 492 -35.04 -34.43 -2.93
N GLY C 493 -35.66 -33.53 -2.19
CA GLY C 493 -35.85 -33.72 -0.78
C GLY C 493 -37.26 -33.39 -0.35
N ARG C 494 -37.44 -33.06 0.93
CA ARG C 494 -38.71 -32.64 1.46
C ARG C 494 -38.47 -31.48 2.41
N GLN C 495 -39.53 -30.74 2.69
CA GLN C 495 -39.42 -29.60 3.58
C GLN C 495 -40.64 -29.58 4.47
N PRO C 496 -40.49 -29.77 5.77
CA PRO C 496 -41.68 -29.89 6.65
C PRO C 496 -42.28 -28.53 6.93
N ARG C 497 -43.61 -28.48 6.88
CA ARG C 497 -44.37 -27.28 7.20
C ARG C 497 -45.18 -27.56 8.45
N ARG C 498 -44.78 -26.98 9.57
CA ARG C 498 -45.62 -27.03 10.75
C ARG C 498 -46.71 -25.97 10.61
N ASP C 499 -47.85 -26.23 11.24
CA ASP C 499 -49.07 -25.50 10.91
C ASP C 499 -49.01 -24.06 11.41
N GLY C 500 -49.70 -23.20 10.68
CA GLY C 500 -49.59 -21.77 10.85
C GLY C 500 -48.60 -21.11 9.92
N GLN C 501 -47.59 -21.84 9.47
CA GLN C 501 -46.54 -21.29 8.63
C GLN C 501 -47.03 -21.21 7.20
N ASN C 502 -47.28 -19.98 6.73
CA ASN C 502 -47.48 -19.76 5.31
C ASN C 502 -46.16 -19.52 4.60
N LEU C 503 -45.26 -18.76 5.22
CA LEU C 503 -43.91 -18.59 4.72
C LEU C 503 -43.03 -19.56 5.47
N VAL C 504 -42.38 -20.47 4.75
CA VAL C 504 -41.47 -21.44 5.31
C VAL C 504 -40.29 -21.57 4.36
N THR C 505 -39.09 -21.34 4.87
CA THR C 505 -37.94 -21.22 4.00
C THR C 505 -36.91 -22.29 4.29
N MET C 506 -35.97 -22.40 3.35
CA MET C 506 -34.99 -23.47 3.32
C MET C 506 -33.70 -22.87 2.81
N ASN C 507 -32.59 -23.35 3.33
CA ASN C 507 -31.30 -23.03 2.74
C ASN C 507 -30.88 -24.15 1.81
N LEU C 508 -30.56 -23.80 0.57
CA LEU C 508 -30.12 -24.77 -0.42
C LEU C 508 -28.64 -24.48 -0.68
N HIS C 509 -27.80 -25.48 -0.44
CA HIS C 509 -26.37 -25.31 -0.60
C HIS C 509 -25.98 -25.54 -2.05
N ILE C 510 -25.46 -24.49 -2.69
CA ILE C 510 -25.09 -24.56 -4.10
C ILE C 510 -23.79 -25.34 -4.24
N THR C 511 -23.91 -26.62 -4.56
CA THR C 511 -22.76 -27.42 -4.89
C THR C 511 -22.32 -27.08 -6.30
N PRO C 512 -21.03 -27.27 -6.63
CA PRO C 512 -20.57 -26.97 -7.99
C PRO C 512 -21.09 -27.88 -9.09
N ASP C 513 -21.94 -28.87 -8.77
CA ASP C 513 -22.59 -29.65 -9.79
C ASP C 513 -23.80 -28.94 -10.39
N LEU C 514 -24.12 -27.74 -9.94
CA LEU C 514 -25.28 -26.99 -10.41
C LEU C 514 -24.95 -25.94 -11.46
N ILE C 515 -23.67 -25.72 -11.74
CA ILE C 515 -23.24 -24.81 -12.80
C ILE C 515 -23.70 -25.38 -14.15
N PRO C 516 -24.20 -24.56 -15.09
CA PRO C 516 -24.36 -23.12 -15.16
C PRO C 516 -25.68 -22.56 -14.65
N SER C 517 -26.67 -23.42 -14.41
CA SER C 517 -27.99 -23.02 -13.96
C SER C 517 -28.70 -24.27 -13.50
N PHE C 518 -29.83 -24.08 -12.81
CA PHE C 518 -30.69 -25.21 -12.45
C PHE C 518 -32.11 -24.70 -12.36
N ARG C 519 -33.04 -25.64 -12.21
CA ARG C 519 -34.43 -25.32 -11.99
C ARG C 519 -34.83 -25.82 -10.60
N PHE C 520 -35.76 -25.12 -9.98
CA PHE C 520 -36.25 -25.50 -8.66
C PHE C 520 -37.75 -25.71 -8.78
N VAL C 521 -38.17 -26.95 -9.03
CA VAL C 521 -39.57 -27.32 -9.09
C VAL C 521 -39.97 -27.81 -7.71
N ALA C 522 -41.11 -27.34 -7.21
CA ALA C 522 -41.63 -27.76 -5.92
C ALA C 522 -43.13 -27.85 -6.00
N TYR C 523 -43.73 -28.67 -5.14
CA TYR C 523 -45.17 -28.79 -5.13
C TYR C 523 -45.63 -29.23 -3.75
N TYR C 524 -46.95 -29.18 -3.55
CA TYR C 524 -47.59 -29.79 -2.41
C TYR C 524 -48.95 -30.30 -2.85
N GLN C 525 -49.52 -31.19 -2.04
CA GLN C 525 -50.83 -31.75 -2.33
C GLN C 525 -51.74 -31.58 -1.13
N VAL C 526 -53.04 -31.36 -1.38
CA VAL C 526 -54.03 -31.28 -0.32
C VAL C 526 -55.16 -32.26 -0.62
N GLY C 527 -55.61 -32.94 0.42
CA GLY C 527 -56.73 -33.85 0.33
C GLY C 527 -56.52 -35.12 -0.46
N ASN C 528 -55.25 -35.46 -0.75
CA ASN C 528 -54.84 -36.57 -1.62
C ASN C 528 -55.45 -36.49 -3.03
N ASN C 529 -55.84 -35.31 -3.46
CA ASN C 529 -56.61 -35.14 -4.69
C ASN C 529 -55.99 -34.14 -5.65
N GLU C 530 -55.47 -33.04 -5.13
CA GLU C 530 -55.06 -31.89 -5.94
C GLU C 530 -53.64 -31.55 -5.57
N ILE C 531 -52.77 -31.44 -6.56
CA ILE C 531 -51.40 -30.99 -6.33
C ILE C 531 -51.27 -29.57 -6.88
N VAL C 532 -50.42 -28.77 -6.23
CA VAL C 532 -50.23 -27.37 -6.58
C VAL C 532 -48.74 -27.16 -6.72
N ALA C 533 -48.28 -26.83 -7.92
CA ALA C 533 -46.87 -26.79 -8.22
C ALA C 533 -46.42 -25.39 -8.60
N ASP C 534 -45.11 -25.18 -8.56
CA ASP C 534 -44.47 -23.96 -9.00
C ASP C 534 -43.00 -24.27 -9.21
N SER C 535 -42.41 -23.59 -10.20
CA SER C 535 -41.00 -23.74 -10.47
C SER C 535 -40.35 -22.38 -10.61
N VAL C 536 -39.03 -22.39 -10.71
CA VAL C 536 -38.26 -21.17 -10.91
C VAL C 536 -36.99 -21.57 -11.65
N TRP C 537 -36.34 -20.59 -12.26
CA TRP C 537 -35.09 -20.82 -12.99
C TRP C 537 -34.00 -19.98 -12.35
N VAL C 538 -32.95 -20.64 -11.88
CA VAL C 538 -31.92 -20.02 -11.07
C VAL C 538 -30.62 -20.02 -11.88
N ASP C 539 -29.95 -18.88 -11.92
CA ASP C 539 -28.75 -18.70 -12.74
C ASP C 539 -27.52 -18.64 -11.83
N VAL C 540 -26.86 -19.78 -11.69
CA VAL C 540 -25.57 -19.86 -11.00
C VAL C 540 -24.51 -19.19 -11.87
N LYS C 541 -23.47 -18.66 -11.23
CA LYS C 541 -22.38 -18.02 -11.97
C LYS C 541 -21.54 -19.07 -12.67
N ASP C 542 -21.27 -18.85 -13.96
CA ASP C 542 -20.69 -19.88 -14.83
C ASP C 542 -19.17 -19.95 -14.69
N THR C 543 -18.70 -20.29 -13.50
CA THR C 543 -17.28 -20.47 -13.28
C THR C 543 -16.89 -21.91 -13.63
N CYS C 544 -15.69 -22.31 -13.26
CA CYS C 544 -15.30 -23.70 -13.37
C CYS C 544 -15.99 -24.53 -12.30
N MET C 545 -15.98 -25.85 -12.49
CA MET C 545 -16.39 -26.72 -11.40
C MET C 545 -15.23 -26.92 -10.42
N GLY C 546 -14.01 -26.80 -10.91
CA GLY C 546 -12.83 -26.87 -10.07
C GLY C 546 -12.06 -25.57 -10.12
N THR C 547 -10.74 -25.64 -10.26
CA THR C 547 -9.94 -24.43 -10.42
C THR C 547 -8.66 -24.76 -11.18
N LEU C 548 -8.04 -23.72 -11.73
CA LEU C 548 -6.77 -23.82 -12.44
C LEU C 548 -6.17 -22.43 -12.51
N VAL C 549 -5.00 -22.25 -11.91
CA VAL C 549 -4.30 -20.97 -11.93
C VAL C 549 -2.85 -21.21 -12.30
N VAL C 550 -2.41 -20.61 -13.40
CA VAL C 550 -1.00 -20.58 -13.76
C VAL C 550 -0.37 -19.39 -13.07
N LYS C 551 0.74 -19.63 -12.38
CA LYS C 551 1.30 -18.65 -11.47
C LYS C 551 2.77 -18.44 -11.76
N GLY C 552 3.19 -17.18 -11.81
CA GLY C 552 4.56 -16.83 -12.07
C GLY C 552 4.90 -15.53 -11.39
N ASP C 553 6.17 -15.13 -11.51
CA ASP C 553 6.65 -13.95 -10.77
C ASP C 553 6.20 -12.63 -11.38
N ASN C 554 5.71 -12.65 -12.63
CA ASN C 554 5.15 -11.49 -13.33
C ASN C 554 6.16 -10.35 -13.44
N LEU C 555 7.25 -10.64 -14.16
CA LEU C 555 8.27 -9.65 -14.44
C LEU C 555 8.99 -10.02 -15.74
N ILE C 556 9.95 -9.20 -16.12
CA ILE C 556 10.64 -9.29 -17.40
C ILE C 556 11.53 -10.53 -17.39
N GLN C 557 11.74 -11.13 -18.55
CA GLN C 557 12.70 -12.20 -18.71
C GLN C 557 13.72 -11.79 -19.77
N MET C 558 14.61 -12.73 -20.10
CA MET C 558 15.59 -12.58 -21.14
C MET C 558 15.41 -13.71 -22.14
N PRO C 559 15.75 -13.50 -23.42
CA PRO C 559 15.58 -14.57 -24.41
C PRO C 559 16.48 -15.77 -24.18
N GLY C 560 15.87 -16.92 -23.91
CA GLY C 560 16.61 -18.13 -23.62
C GLY C 560 16.78 -18.44 -22.15
N ALA C 561 16.22 -17.63 -21.27
CA ALA C 561 16.37 -17.83 -19.84
C ALA C 561 15.53 -19.01 -19.36
N ALA C 562 15.74 -19.39 -18.11
CA ALA C 562 14.98 -20.46 -17.48
C ALA C 562 13.83 -19.87 -16.69
N MET C 563 12.64 -20.42 -16.90
CA MET C 563 11.40 -19.92 -16.33
C MET C 563 10.79 -21.00 -15.45
N LYS C 564 10.01 -20.58 -14.45
CA LYS C 564 9.27 -21.49 -13.60
C LYS C 564 7.84 -20.99 -13.49
N ILE C 565 6.87 -21.88 -13.67
CA ILE C 565 5.47 -21.56 -13.44
C ILE C 565 4.84 -22.65 -12.59
N LYS C 566 3.70 -22.32 -11.98
CA LYS C 566 3.03 -23.18 -11.02
C LYS C 566 1.60 -23.44 -11.47
N LEU C 567 1.25 -24.72 -11.62
CA LEU C 567 -0.09 -25.10 -12.05
C LEU C 567 -0.89 -25.53 -10.82
N GLU C 568 -1.36 -24.53 -10.07
CA GLU C 568 -2.16 -24.77 -8.86
C GLU C 568 -3.57 -25.14 -9.27
N GLY C 569 -3.82 -26.45 -9.44
CA GLY C 569 -5.11 -26.93 -9.85
C GLY C 569 -5.69 -27.96 -8.89
N ASP C 570 -6.89 -28.41 -9.24
CA ASP C 570 -7.54 -29.47 -8.49
C ASP C 570 -6.83 -30.80 -8.74
N PRO C 571 -6.73 -31.65 -7.72
CA PRO C 571 -5.83 -32.80 -7.81
C PRO C 571 -6.34 -33.90 -8.73
N GLY C 572 -5.40 -34.63 -9.32
CA GLY C 572 -5.71 -35.67 -10.26
C GLY C 572 -6.02 -35.20 -11.65
N ALA C 573 -5.79 -33.92 -11.96
CA ALA C 573 -6.16 -33.36 -13.23
C ALA C 573 -5.18 -33.78 -14.32
N ARG C 574 -5.53 -33.44 -15.55
CA ARG C 574 -4.68 -33.66 -16.72
C ARG C 574 -4.54 -32.29 -17.36
N VAL C 575 -3.59 -31.51 -16.88
CA VAL C 575 -3.43 -30.12 -17.32
C VAL C 575 -2.74 -30.13 -18.68
N GLY C 576 -3.42 -29.64 -19.70
CA GLY C 576 -2.76 -29.37 -20.95
C GLY C 576 -2.10 -28.02 -20.93
N LEU C 577 -1.19 -27.80 -21.87
CA LEU C 577 -0.43 -26.55 -21.90
C LEU C 577 -0.08 -26.18 -23.32
N VAL C 578 0.02 -24.88 -23.55
CA VAL C 578 0.57 -24.31 -24.77
C VAL C 578 1.02 -22.91 -24.43
N ALA C 579 2.08 -22.45 -25.07
CA ALA C 579 2.55 -21.08 -24.94
C ALA C 579 2.50 -20.46 -26.32
N VAL C 580 1.72 -19.40 -26.45
CA VAL C 580 1.37 -18.82 -27.74
C VAL C 580 1.87 -17.38 -27.76
N ASP C 581 2.53 -17.01 -28.85
CA ASP C 581 2.95 -15.63 -29.07
C ASP C 581 1.74 -14.69 -29.06
N LYS C 582 1.96 -13.47 -28.58
CA LYS C 582 0.87 -12.50 -28.57
C LYS C 582 0.59 -11.97 -29.98
N ALA C 583 1.58 -12.03 -30.86
CA ALA C 583 1.38 -11.57 -32.24
C ALA C 583 0.43 -12.47 -33.01
N VAL C 584 0.29 -13.73 -32.60
CA VAL C 584 -0.61 -14.66 -33.25
C VAL C 584 -1.83 -14.93 -32.38
N TYR C 585 -1.78 -14.56 -31.10
CA TYR C 585 -2.94 -14.68 -30.23
C TYR C 585 -3.97 -13.60 -30.52
N VAL C 586 -3.56 -12.33 -30.47
CA VAL C 586 -4.50 -11.23 -30.67
C VAL C 586 -4.84 -11.02 -32.13
N LEU C 587 -4.11 -11.65 -33.05
CA LEU C 587 -4.41 -11.49 -34.47
C LEU C 587 -5.70 -12.19 -34.86
N ASN C 588 -6.02 -13.30 -34.21
CA ASN C 588 -7.18 -14.09 -34.58
C ASN C 588 -7.94 -14.55 -33.35
N ASP C 589 -8.16 -13.65 -32.39
CA ASP C 589 -8.85 -14.02 -31.16
C ASP C 589 -10.35 -14.23 -31.35
N LYS C 590 -10.72 -15.23 -32.13
CA LYS C 590 -12.12 -15.55 -32.37
C LYS C 590 -12.47 -17.02 -32.22
N TYR C 591 -11.57 -17.95 -32.55
CA TYR C 591 -11.88 -19.37 -32.54
C TYR C 591 -11.38 -20.09 -31.30
N LYS C 592 -10.79 -19.36 -30.35
CA LYS C 592 -10.27 -19.96 -29.13
C LYS C 592 -11.42 -20.44 -28.25
N ILE C 593 -11.14 -21.39 -27.37
CA ILE C 593 -12.12 -21.84 -26.41
C ILE C 593 -11.95 -21.06 -25.12
N SER C 594 -13.05 -20.84 -24.42
CA SER C 594 -13.06 -20.20 -23.12
C SER C 594 -14.05 -20.93 -22.24
N GLN C 595 -14.10 -20.56 -20.96
CA GLN C 595 -15.05 -21.18 -20.06
C GLN C 595 -16.47 -20.71 -20.36
N ALA C 596 -16.60 -19.50 -20.92
CA ALA C 596 -17.91 -18.98 -21.30
C ALA C 596 -18.52 -19.79 -22.42
N LYS C 597 -17.73 -20.17 -23.42
CA LYS C 597 -18.25 -20.92 -24.55
C LYS C 597 -18.51 -22.37 -24.20
N ILE C 598 -17.93 -22.87 -23.12
CA ILE C 598 -18.15 -24.27 -22.74
C ILE C 598 -19.52 -24.42 -22.10
N TRP C 599 -19.89 -23.52 -21.20
CA TRP C 599 -21.17 -23.62 -20.54
C TRP C 599 -22.32 -23.21 -21.43
N ASP C 600 -22.07 -22.46 -22.50
CA ASP C 600 -23.12 -22.16 -23.47
C ASP C 600 -23.42 -23.35 -24.37
N THR C 601 -22.60 -24.40 -24.34
CA THR C 601 -22.90 -25.64 -25.04
C THR C 601 -23.61 -26.64 -24.14
N ILE C 602 -23.51 -26.45 -22.83
CA ILE C 602 -24.24 -27.30 -21.89
C ILE C 602 -25.54 -26.65 -21.44
N GLU C 603 -25.63 -25.32 -21.46
CA GLU C 603 -26.88 -24.66 -21.14
C GLU C 603 -27.92 -24.82 -22.26
N LYS C 604 -27.48 -25.22 -23.45
CA LYS C 604 -28.39 -25.58 -24.54
C LYS C 604 -28.69 -27.07 -24.56
N SER C 605 -28.64 -27.73 -23.40
CA SER C 605 -28.85 -29.18 -23.31
C SER C 605 -29.90 -29.54 -22.27
N ASP C 606 -30.66 -28.57 -21.78
CA ASP C 606 -31.73 -28.84 -20.84
C ASP C 606 -33.08 -28.76 -21.54
N PHE C 607 -34.05 -29.48 -21.01
CA PHE C 607 -35.32 -29.70 -21.68
C PHE C 607 -36.38 -28.72 -21.24
N GLY C 608 -36.01 -27.64 -20.55
CA GLY C 608 -36.97 -26.63 -20.18
C GLY C 608 -37.19 -25.66 -21.32
N CYS C 609 -38.40 -25.09 -21.36
CA CYS C 609 -38.79 -24.19 -22.43
C CYS C 609 -38.90 -22.73 -22.00
N THR C 610 -39.32 -22.47 -20.77
CA THR C 610 -39.39 -21.11 -20.25
C THR C 610 -38.59 -21.04 -18.95
N ALA C 611 -38.74 -19.95 -18.24
CA ALA C 611 -37.96 -19.70 -17.03
C ALA C 611 -38.88 -19.42 -15.84
N GLY C 612 -39.89 -20.25 -15.66
CA GLY C 612 -40.78 -20.06 -14.55
C GLY C 612 -41.93 -21.04 -14.49
N SER C 613 -43.07 -20.59 -14.00
CA SER C 613 -44.20 -21.47 -13.73
C SER C 613 -44.97 -21.76 -15.02
N GLY C 614 -46.16 -22.32 -14.87
CA GLY C 614 -47.00 -22.61 -16.01
C GLY C 614 -48.42 -22.10 -15.83
N GLN C 615 -49.33 -22.52 -16.71
CA GLN C 615 -50.71 -22.09 -16.60
C GLN C 615 -51.44 -22.85 -15.51
N ASN C 616 -51.10 -24.11 -15.31
CA ASN C 616 -51.73 -24.92 -14.28
C ASN C 616 -50.65 -25.74 -13.60
N ASN C 617 -51.07 -26.73 -12.81
CA ASN C 617 -50.10 -27.58 -12.13
C ASN C 617 -49.43 -28.55 -13.10
N LEU C 618 -50.06 -28.85 -14.23
CA LEU C 618 -49.40 -29.66 -15.25
C LEU C 618 -48.51 -28.80 -16.12
N GLY C 619 -48.85 -27.52 -16.29
CA GLY C 619 -48.03 -26.64 -17.09
C GLY C 619 -46.71 -26.28 -16.46
N VAL C 620 -46.55 -26.52 -15.16
CA VAL C 620 -45.25 -26.35 -14.53
C VAL C 620 -44.34 -27.52 -14.85
N PHE C 621 -44.87 -28.73 -14.74
CA PHE C 621 -44.06 -29.92 -14.98
C PHE C 621 -43.75 -30.14 -16.46
N GLU C 622 -44.56 -29.60 -17.36
CA GLU C 622 -44.19 -29.66 -18.77
C GLU C 622 -43.08 -28.67 -19.09
N ASP C 623 -43.23 -27.43 -18.63
CA ASP C 623 -42.30 -26.34 -18.94
C ASP C 623 -41.00 -26.43 -18.17
N ALA C 624 -40.82 -27.43 -17.33
CA ALA C 624 -39.55 -27.64 -16.65
C ALA C 624 -38.77 -28.80 -17.24
N GLY C 625 -39.37 -29.58 -18.12
CA GLY C 625 -38.71 -30.76 -18.63
C GLY C 625 -38.89 -31.91 -17.68
N LEU C 626 -40.13 -32.11 -17.23
CA LEU C 626 -40.47 -33.20 -16.32
C LEU C 626 -41.70 -33.91 -16.84
N ALA C 627 -42.01 -35.04 -16.21
CA ALA C 627 -43.23 -35.77 -16.48
C ALA C 627 -43.89 -36.08 -15.14
N LEU C 628 -45.19 -36.36 -15.17
CA LEU C 628 -45.94 -36.52 -13.94
C LEU C 628 -47.07 -37.51 -14.17
N THR C 629 -47.22 -38.44 -13.23
CA THR C 629 -48.31 -39.40 -13.24
C THR C 629 -48.82 -39.53 -11.81
N THR C 630 -50.12 -39.75 -11.65
CA THR C 630 -50.70 -39.92 -10.33
C THR C 630 -51.51 -41.21 -10.30
N SER C 631 -51.97 -41.56 -9.10
CA SER C 631 -52.94 -42.63 -8.97
C SER C 631 -54.37 -42.17 -9.27
N THR C 632 -54.59 -40.86 -9.38
CA THR C 632 -55.88 -40.29 -9.72
C THR C 632 -55.96 -39.87 -11.18
N ASN C 633 -55.00 -40.34 -11.99
CA ASN C 633 -54.90 -40.10 -13.43
C ASN C 633 -54.87 -38.60 -13.77
N LEU C 634 -53.85 -37.94 -13.25
CA LEU C 634 -53.47 -36.60 -13.65
C LEU C 634 -52.11 -36.72 -14.33
N ASN C 635 -52.08 -36.65 -15.65
CA ASN C 635 -50.85 -36.83 -16.39
C ASN C 635 -50.53 -35.58 -17.19
N THR C 636 -49.25 -35.34 -17.41
CA THR C 636 -48.80 -34.22 -18.22
C THR C 636 -49.04 -34.53 -19.71
N LYS C 637 -48.87 -33.50 -20.53
CA LYS C 637 -48.98 -33.67 -21.97
C LYS C 637 -47.82 -34.49 -22.50
N GLN C 638 -48.00 -35.02 -23.70
CA GLN C 638 -46.95 -35.80 -24.33
C GLN C 638 -45.86 -34.87 -24.87
N ARG C 639 -44.61 -35.25 -24.65
CA ARG C 639 -43.50 -34.51 -25.23
C ARG C 639 -43.29 -34.96 -26.67
N SER C 640 -43.37 -34.01 -27.60
CA SER C 640 -43.28 -34.34 -29.02
C SER C 640 -41.84 -34.61 -29.44
N ALA C 641 -40.98 -33.61 -29.27
CA ALA C 641 -39.59 -33.70 -29.71
C ALA C 641 -38.68 -33.34 -28.56
N ALA C 642 -37.37 -33.47 -28.80
CA ALA C 642 -36.37 -33.14 -27.80
C ALA C 642 -36.06 -31.66 -27.72
N LYS C 643 -36.58 -30.87 -28.66
CA LYS C 643 -36.49 -29.42 -28.57
C LYS C 643 -37.89 -28.80 -28.62
N CYS C 644 -38.29 -28.23 -27.51
CA CYS C 644 -39.65 -27.70 -27.42
C CYS C 644 -39.70 -26.32 -28.08
N PRO C 645 -40.89 -25.88 -28.55
CA PRO C 645 -40.98 -24.55 -29.17
C PRO C 645 -40.80 -23.40 -28.19
N GLY C 738 36.71 -1.10 -30.84
CA GLY C 738 36.54 -1.73 -29.53
C GLY C 738 35.20 -2.43 -29.35
N PHE C 739 34.93 -3.41 -30.20
CA PHE C 739 33.66 -4.11 -30.18
C PHE C 739 33.83 -5.54 -29.67
N ILE C 740 32.71 -6.24 -29.56
CA ILE C 740 32.73 -7.66 -29.24
C ILE C 740 33.28 -8.42 -30.43
N ALA C 741 34.09 -9.43 -30.16
CA ALA C 741 34.44 -10.39 -31.20
C ALA C 741 33.22 -11.23 -31.55
N ASP C 742 32.96 -11.38 -32.85
CA ASP C 742 31.77 -12.07 -33.31
C ASP C 742 31.86 -13.60 -33.18
N SER C 743 32.92 -14.13 -32.58
CA SER C 743 32.97 -15.51 -32.15
C SER C 743 32.37 -15.70 -30.76
N ASP C 744 31.70 -14.69 -30.24
CA ASP C 744 31.07 -14.76 -28.93
C ASP C 744 29.58 -14.50 -28.93
N ILE C 745 29.06 -13.74 -29.91
CA ILE C 745 27.65 -13.39 -29.91
C ILE C 745 26.86 -14.53 -30.55
N ILE C 746 26.24 -15.35 -29.71
CA ILE C 746 25.37 -16.41 -30.19
C ILE C 746 24.08 -15.77 -30.69
N SER C 747 23.81 -15.92 -31.98
CA SER C 747 22.67 -15.28 -32.60
C SER C 747 21.38 -15.95 -32.17
N ARG C 748 20.34 -15.16 -31.99
CA ARG C 748 19.03 -15.71 -31.70
C ARG C 748 18.45 -16.33 -32.96
N SER C 749 18.08 -17.60 -32.89
CA SER C 749 17.63 -18.30 -34.08
C SER C 749 16.36 -19.11 -33.90
N ASP C 750 15.82 -19.22 -32.69
CA ASP C 750 14.65 -20.03 -32.42
C ASP C 750 13.44 -19.12 -32.29
N PHE C 751 12.69 -18.95 -33.37
CA PHE C 751 11.53 -18.09 -33.40
C PHE C 751 10.29 -18.91 -33.75
N PRO C 752 9.67 -19.58 -32.77
CA PRO C 752 8.42 -20.26 -33.04
C PRO C 752 7.24 -19.36 -32.74
N LYS C 753 6.08 -19.76 -33.26
CA LYS C 753 4.85 -19.04 -32.98
C LYS C 753 4.10 -19.63 -31.82
N SER C 754 4.18 -20.94 -31.64
CA SER C 754 3.64 -21.60 -30.47
C SER C 754 4.55 -22.75 -30.09
N TRP C 755 4.59 -23.04 -28.80
CA TRP C 755 5.41 -24.12 -28.26
C TRP C 755 4.76 -24.56 -26.96
N LEU C 756 5.51 -25.34 -26.16
CA LEU C 756 5.11 -25.81 -24.83
C LEU C 756 3.85 -26.65 -24.91
N TRP C 757 3.71 -27.41 -25.99
CA TRP C 757 2.56 -28.29 -26.16
C TRP C 757 2.80 -29.54 -25.32
N LEU C 758 2.56 -29.39 -24.02
CA LEU C 758 2.81 -30.43 -23.05
C LEU C 758 1.49 -31.01 -22.55
N THR C 759 1.60 -31.93 -21.61
CA THR C 759 0.44 -32.46 -20.91
C THR C 759 0.94 -32.89 -19.52
N LYS C 760 0.62 -32.08 -18.52
CA LYS C 760 1.00 -32.37 -17.15
C LYS C 760 -0.15 -33.06 -16.43
N ASP C 761 0.19 -33.95 -15.51
CA ASP C 761 -0.80 -34.66 -14.69
C ASP C 761 -0.50 -34.32 -13.24
N LEU C 762 -1.38 -33.55 -12.62
CA LEU C 762 -1.17 -33.09 -11.26
C LEU C 762 -1.34 -34.24 -10.26
N THR C 763 -0.23 -34.83 -9.85
CA THR C 763 -0.24 -35.92 -8.89
C THR C 763 0.38 -35.50 -7.56
N GLU C 764 0.63 -34.22 -7.38
CA GLU C 764 1.23 -33.72 -6.15
C GLU C 764 0.18 -33.70 -5.04
N GLU C 765 0.65 -33.60 -3.81
CA GLU C 765 -0.21 -33.79 -2.65
C GLU C 765 -1.11 -32.58 -2.43
N PRO C 766 -2.41 -32.77 -2.23
CA PRO C 766 -3.31 -31.64 -2.03
C PRO C 766 -3.06 -30.93 -0.72
N ASN C 767 -3.11 -29.61 -0.75
CA ASN C 767 -3.06 -28.82 0.47
C ASN C 767 -4.45 -28.83 1.13
N SER C 768 -4.55 -28.08 2.22
CA SER C 768 -5.74 -28.15 3.08
C SER C 768 -6.97 -27.59 2.39
N GLN C 769 -6.77 -26.59 1.53
CA GLN C 769 -7.88 -26.03 0.77
C GLN C 769 -8.25 -26.90 -0.43
N GLY C 770 -7.37 -27.80 -0.83
CA GLY C 770 -7.62 -28.75 -1.88
C GLY C 770 -6.97 -28.47 -3.22
N ILE C 771 -5.88 -27.70 -3.25
CA ILE C 771 -5.28 -27.21 -4.48
C ILE C 771 -3.90 -27.84 -4.62
N SER C 772 -3.81 -28.92 -5.39
CA SER C 772 -2.54 -29.60 -5.57
C SER C 772 -1.69 -28.89 -6.62
N SER C 773 -0.55 -28.34 -6.18
CA SER C 773 0.28 -27.45 -6.99
C SER C 773 1.48 -28.21 -7.54
N LYS C 774 1.89 -27.87 -8.76
CA LYS C 774 3.10 -28.41 -9.37
C LYS C 774 3.92 -27.27 -9.97
N THR C 775 5.20 -27.22 -9.63
CA THR C 775 6.14 -26.28 -10.23
C THR C 775 6.78 -26.92 -11.45
N MET C 776 6.65 -26.26 -12.60
CA MET C 776 7.19 -26.73 -13.86
C MET C 776 8.23 -25.75 -14.36
N SER C 777 9.32 -26.26 -14.94
CA SER C 777 10.40 -25.43 -15.43
C SER C 777 10.68 -25.71 -16.90
N PHE C 778 11.12 -24.67 -17.61
CA PHE C 778 11.33 -24.74 -19.05
C PHE C 778 12.25 -23.59 -19.46
N TYR C 779 12.60 -23.56 -20.74
CA TYR C 779 13.45 -22.54 -21.31
C TYR C 779 12.66 -21.64 -22.24
N LEU C 780 12.97 -20.35 -22.21
CA LEU C 780 12.32 -19.44 -23.14
C LEU C 780 12.90 -19.62 -24.54
N ARG C 781 12.10 -19.30 -25.54
CA ARG C 781 12.59 -19.27 -26.90
C ARG C 781 13.16 -17.89 -27.20
N ASP C 782 13.75 -17.73 -28.37
CA ASP C 782 14.58 -16.55 -28.65
C ASP C 782 13.80 -15.33 -29.08
N SER C 783 12.47 -15.39 -29.13
CA SER C 783 11.70 -14.26 -29.62
C SER C 783 11.55 -13.21 -28.53
N ILE C 784 11.69 -11.95 -28.93
CA ILE C 784 11.37 -10.84 -28.03
C ILE C 784 9.92 -10.46 -28.26
N THR C 785 9.01 -11.17 -27.60
CA THR C 785 7.58 -10.98 -27.74
C THR C 785 7.00 -11.09 -26.35
N THR C 786 5.68 -11.27 -26.27
CA THR C 786 5.00 -11.60 -25.03
C THR C 786 4.34 -12.94 -25.22
N TRP C 787 4.83 -13.96 -24.53
CA TRP C 787 4.22 -15.28 -24.64
C TRP C 787 3.00 -15.34 -23.76
N VAL C 788 2.01 -16.10 -24.18
CA VAL C 788 0.77 -16.27 -23.45
C VAL C 788 0.60 -17.77 -23.23
N VAL C 789 0.68 -18.21 -21.98
CA VAL C 789 0.52 -19.63 -21.69
C VAL C 789 -0.94 -19.88 -21.33
N LEU C 790 -1.39 -21.09 -21.58
CA LEU C 790 -2.82 -21.41 -21.56
C LEU C 790 -3.00 -22.83 -21.05
N ALA C 791 -3.42 -22.98 -19.81
CA ALA C 791 -3.65 -24.29 -19.22
C ALA C 791 -5.13 -24.61 -19.25
N VAL C 792 -5.46 -25.79 -19.75
CA VAL C 792 -6.81 -26.31 -19.77
C VAL C 792 -6.79 -27.68 -19.14
N SER C 793 -7.48 -27.84 -18.01
CA SER C 793 -7.47 -29.08 -17.26
C SER C 793 -8.62 -29.97 -17.66
N PHE C 794 -8.59 -31.21 -17.17
CA PHE C 794 -9.75 -32.11 -17.22
C PHE C 794 -9.62 -33.12 -16.09
N THR C 795 -10.42 -32.94 -15.06
CA THR C 795 -10.64 -33.87 -13.96
C THR C 795 -11.92 -34.64 -14.21
N PRO C 796 -11.97 -35.96 -13.95
CA PRO C 796 -13.16 -36.73 -14.34
C PRO C 796 -14.43 -36.41 -13.56
N THR C 797 -14.33 -35.73 -12.41
CA THR C 797 -15.51 -35.31 -11.68
C THR C 797 -15.64 -33.80 -11.57
N LYS C 798 -14.71 -33.04 -12.11
CA LYS C 798 -14.76 -31.59 -12.10
C LYS C 798 -14.82 -31.00 -13.51
N GLY C 799 -14.92 -31.87 -14.51
CA GLY C 799 -15.12 -31.40 -15.87
C GLY C 799 -13.90 -30.75 -16.45
N ILE C 800 -14.12 -29.67 -17.20
CA ILE C 800 -13.07 -28.92 -17.88
C ILE C 800 -12.98 -27.55 -17.24
N CYS C 801 -11.77 -27.08 -16.99
CA CYS C 801 -11.55 -25.73 -16.48
C CYS C 801 -10.48 -25.05 -17.32
N VAL C 802 -10.86 -23.98 -18.01
CA VAL C 802 -9.95 -23.21 -18.83
C VAL C 802 -9.40 -22.07 -17.97
N ALA C 803 -8.11 -22.14 -17.66
CA ALA C 803 -7.49 -21.12 -16.82
C ALA C 803 -7.31 -19.82 -17.59
N GLU C 804 -7.15 -18.75 -16.84
CA GLU C 804 -6.93 -17.44 -17.45
C GLU C 804 -5.55 -17.39 -18.08
N PRO C 805 -5.36 -16.58 -19.12
CA PRO C 805 -4.05 -16.51 -19.77
C PRO C 805 -3.03 -15.83 -18.88
N TYR C 806 -1.87 -16.48 -18.74
CA TYR C 806 -0.74 -15.92 -18.03
C TYR C 806 0.31 -15.49 -19.05
N GLU C 807 0.85 -14.29 -18.87
CA GLU C 807 1.70 -13.65 -19.87
C GLU C 807 3.13 -13.55 -19.38
N ILE C 808 4.07 -14.06 -20.19
CA ILE C 808 5.49 -13.92 -19.97
C ILE C 808 6.01 -12.90 -20.96
N ARG C 809 6.84 -11.97 -20.50
CA ARG C 809 7.20 -10.77 -21.25
C ARG C 809 8.70 -10.78 -21.49
N VAL C 810 9.12 -11.42 -22.58
CA VAL C 810 10.55 -11.51 -22.92
C VAL C 810 10.97 -10.21 -23.58
N MET C 811 12.09 -9.64 -23.11
CA MET C 811 12.48 -8.31 -23.53
C MET C 811 13.94 -8.05 -23.15
N LYS C 812 14.74 -7.58 -24.11
CA LYS C 812 16.07 -7.06 -23.83
C LYS C 812 16.14 -5.62 -24.31
N VAL C 813 17.27 -4.96 -24.02
CA VAL C 813 17.36 -3.52 -24.19
C VAL C 813 17.92 -3.08 -25.53
N PHE C 814 18.90 -3.79 -26.08
CA PHE C 814 19.45 -3.48 -27.38
C PHE C 814 19.31 -4.72 -28.23
N PHE C 815 18.51 -4.66 -29.27
CA PHE C 815 18.27 -5.84 -30.07
C PHE C 815 17.99 -5.45 -31.51
N ILE C 816 17.81 -6.46 -32.35
CA ILE C 816 17.63 -6.30 -33.77
C ILE C 816 16.25 -6.87 -34.12
N ASP C 817 15.39 -6.03 -34.68
CA ASP C 817 14.15 -6.53 -35.24
C ASP C 817 14.31 -6.65 -36.75
N LEU C 818 14.10 -7.86 -37.26
CA LEU C 818 14.31 -8.16 -38.67
C LEU C 818 12.96 -8.53 -39.27
N GLN C 819 12.20 -7.52 -39.69
CA GLN C 819 10.92 -7.76 -40.33
C GLN C 819 11.16 -8.26 -41.75
N MET C 820 10.73 -9.48 -42.02
CA MET C 820 11.04 -10.17 -43.25
C MET C 820 9.75 -10.43 -44.02
N PRO C 821 9.77 -10.40 -45.34
CA PRO C 821 8.59 -10.79 -46.11
C PRO C 821 8.29 -12.27 -45.94
N TYR C 822 7.06 -12.66 -46.30
CA TYR C 822 6.74 -14.08 -46.25
C TYR C 822 7.54 -14.85 -47.28
N SER C 823 7.67 -14.30 -48.49
CA SER C 823 8.41 -14.96 -49.55
C SER C 823 8.88 -13.92 -50.54
N VAL C 824 10.10 -14.13 -51.05
CA VAL C 824 10.72 -13.21 -52.00
C VAL C 824 11.12 -14.00 -53.24
N VAL C 825 11.12 -13.33 -54.39
CA VAL C 825 11.27 -14.03 -55.65
C VAL C 825 12.75 -14.30 -55.90
N LYS C 826 13.05 -15.48 -56.44
CA LYS C 826 14.42 -15.83 -56.80
C LYS C 826 14.91 -14.95 -57.94
N ASN C 827 16.18 -14.52 -57.84
CA ASN C 827 16.93 -13.65 -58.73
C ASN C 827 16.41 -12.22 -58.78
N GLU C 828 15.35 -11.88 -58.06
CA GLU C 828 14.84 -10.52 -58.02
C GLU C 828 15.37 -9.81 -56.79
N GLN C 829 15.92 -8.63 -57.01
CA GLN C 829 16.58 -7.91 -55.93
C GLN C 829 15.56 -7.25 -55.01
N VAL C 830 15.65 -7.57 -53.73
CA VAL C 830 14.74 -7.02 -52.72
C VAL C 830 15.54 -6.36 -51.61
N GLU C 831 14.94 -5.37 -50.96
CA GLU C 831 15.55 -4.71 -49.83
C GLU C 831 14.92 -5.21 -48.54
N ILE C 832 15.74 -5.65 -47.60
CA ILE C 832 15.29 -6.16 -46.32
C ILE C 832 15.76 -5.21 -45.25
N ARG C 833 14.83 -4.50 -44.63
CA ARG C 833 15.20 -3.60 -43.56
C ARG C 833 15.39 -4.38 -42.27
N ALA C 834 16.14 -3.79 -41.35
CA ALA C 834 16.40 -4.40 -40.05
C ALA C 834 16.45 -3.26 -39.04
N ILE C 835 15.39 -3.11 -38.26
CA ILE C 835 15.35 -2.05 -37.28
C ILE C 835 16.24 -2.42 -36.10
N LEU C 836 16.93 -1.42 -35.55
CA LEU C 836 17.73 -1.60 -34.35
C LEU C 836 17.15 -0.72 -33.26
N HIS C 837 16.61 -1.33 -32.23
CA HIS C 837 16.07 -0.59 -31.10
C HIS C 837 17.13 -0.49 -30.04
N ASN C 838 17.15 0.65 -29.36
CA ASN C 838 18.14 0.97 -28.34
C ASN C 838 17.37 1.54 -27.17
N TYR C 839 16.97 0.66 -26.24
CA TYR C 839 16.20 1.10 -25.09
C TYR C 839 17.10 1.40 -23.90
N VAL C 840 18.13 2.20 -24.16
CA VAL C 840 19.16 2.53 -23.18
C VAL C 840 19.29 4.04 -23.17
N ASN C 841 19.31 4.65 -21.99
CA ASN C 841 19.36 6.10 -21.87
C ASN C 841 20.69 6.71 -22.28
N GLU C 842 21.70 5.91 -22.58
CA GLU C 842 22.97 6.43 -23.06
C GLU C 842 22.91 6.58 -24.58
N ASP C 843 23.72 7.47 -25.12
CA ASP C 843 23.95 7.54 -26.56
C ASP C 843 24.99 6.49 -26.93
N ILE C 844 24.62 5.58 -27.81
CA ILE C 844 25.44 4.40 -28.06
C ILE C 844 26.09 4.49 -29.44
N TYR C 845 26.99 3.54 -29.72
CA TYR C 845 27.75 3.47 -30.95
C TYR C 845 27.82 2.00 -31.35
N VAL C 846 27.32 1.66 -32.52
CA VAL C 846 27.02 0.28 -32.87
C VAL C 846 27.61 -0.07 -34.23
N ARG C 847 28.13 -1.29 -34.36
CA ARG C 847 28.62 -1.80 -35.64
C ARG C 847 27.75 -2.98 -36.05
N VAL C 848 27.09 -2.86 -37.21
CA VAL C 848 26.13 -3.85 -37.69
C VAL C 848 26.73 -4.54 -38.89
N GLU C 849 26.76 -5.87 -38.86
CA GLU C 849 27.41 -6.66 -39.89
C GLU C 849 26.44 -7.65 -40.50
N LEU C 850 26.21 -7.52 -41.80
CA LEU C 850 25.45 -8.51 -42.54
C LEU C 850 26.39 -9.67 -42.86
N LEU C 851 26.13 -10.81 -42.23
CA LEU C 851 27.02 -11.96 -42.33
C LEU C 851 26.87 -12.61 -43.69
N TYR C 852 27.95 -13.23 -44.17
CA TYR C 852 28.00 -13.76 -45.53
C TYR C 852 27.13 -14.99 -45.67
N ASN C 853 26.51 -15.14 -46.84
CA ASN C 853 25.76 -16.35 -47.17
C ASN C 853 26.11 -16.77 -48.60
N PRO C 854 26.37 -18.06 -48.83
CA PRO C 854 26.78 -18.48 -50.17
C PRO C 854 25.64 -18.51 -51.16
N ALA C 855 24.42 -18.75 -50.71
CA ALA C 855 23.25 -18.79 -51.57
C ALA C 855 22.63 -17.41 -51.77
N PHE C 856 23.34 -16.34 -51.43
CA PHE C 856 22.87 -14.98 -51.62
C PHE C 856 23.78 -14.22 -52.56
N CYS C 857 23.40 -13.01 -52.90
CA CYS C 857 24.26 -12.11 -53.67
C CYS C 857 24.20 -10.78 -52.95
N SER C 858 24.46 -10.81 -51.65
CA SER C 858 24.38 -9.63 -50.80
C SER C 858 25.63 -8.78 -50.96
N ALA C 859 25.70 -7.71 -50.17
CA ALA C 859 26.83 -6.79 -50.19
C ALA C 859 28.03 -7.29 -49.40
N SER C 860 27.95 -8.48 -48.80
CA SER C 860 29.05 -9.04 -48.03
C SER C 860 29.84 -9.99 -48.90
N THR C 861 31.15 -9.78 -48.99
CA THR C 861 32.02 -10.70 -49.71
C THR C 861 32.39 -11.86 -48.80
N LYS C 862 33.13 -12.83 -49.34
CA LYS C 862 33.48 -14.01 -48.58
C LYS C 862 34.54 -13.72 -47.52
N GLY C 863 35.51 -12.88 -47.84
CA GLY C 863 36.56 -12.55 -46.89
C GLY C 863 36.26 -11.33 -46.07
N GLN C 864 35.34 -10.49 -46.55
CA GLN C 864 35.00 -9.25 -45.87
C GLN C 864 33.48 -9.13 -45.78
N ARG C 865 32.98 -8.91 -44.56
CA ARG C 865 31.57 -8.67 -44.38
C ARG C 865 31.24 -7.20 -44.58
N TYR C 866 29.95 -6.90 -44.64
CA TYR C 866 29.47 -5.56 -44.90
C TYR C 866 29.11 -4.94 -43.54
N ARG C 867 30.08 -4.26 -42.95
CA ARG C 867 29.87 -3.59 -41.67
C ARG C 867 29.61 -2.11 -41.89
N GLN C 868 28.86 -1.52 -40.97
CA GLN C 868 28.60 -0.09 -40.99
C GLN C 868 28.35 0.40 -39.58
N GLN C 869 29.03 1.48 -39.22
CA GLN C 869 29.01 2.00 -37.86
C GLN C 869 28.38 3.39 -37.85
N PHE C 870 27.59 3.65 -36.83
CA PHE C 870 26.81 4.88 -36.72
C PHE C 870 26.34 5.02 -35.28
N PRO C 871 26.01 6.23 -34.84
CA PRO C 871 25.42 6.37 -33.51
C PRO C 871 23.90 6.26 -33.53
N ILE C 872 23.35 5.79 -32.42
CA ILE C 872 21.92 5.82 -32.17
C ILE C 872 21.69 6.66 -30.93
N LYS C 873 20.67 7.53 -30.99
CA LYS C 873 20.29 8.35 -29.85
C LYS C 873 19.68 7.48 -28.76
N ALA C 874 19.54 8.07 -27.58
CA ALA C 874 18.92 7.38 -26.47
C ALA C 874 17.43 7.21 -26.72
N LEU C 875 16.97 5.97 -26.58
CA LEU C 875 15.57 5.57 -26.70
C LEU C 875 15.03 5.88 -28.10
N SER C 876 15.65 5.28 -29.11
CA SER C 876 15.27 5.53 -30.48
C SER C 876 15.60 4.30 -31.31
N SER C 877 15.21 4.36 -32.58
CA SER C 877 15.42 3.28 -33.54
C SER C 877 16.30 3.76 -34.68
N ARG C 878 16.75 2.82 -35.49
CA ARG C 878 17.55 3.17 -36.67
C ARG C 878 17.33 2.09 -37.71
N ALA C 879 16.62 2.41 -38.78
CA ALA C 879 16.37 1.44 -39.83
C ALA C 879 17.62 1.21 -40.66
N VAL C 880 18.06 -0.04 -40.71
CA VAL C 880 19.29 -0.41 -41.41
C VAL C 880 18.91 -1.28 -42.60
N PRO C 881 18.93 -0.75 -43.82
CA PRO C 881 18.42 -1.51 -44.97
C PRO C 881 19.51 -2.36 -45.61
N PHE C 882 19.16 -3.58 -46.00
CA PHE C 882 20.11 -4.56 -46.52
C PHE C 882 19.63 -5.03 -47.89
N VAL C 883 20.33 -4.62 -48.94
CA VAL C 883 19.97 -5.00 -50.30
C VAL C 883 20.47 -6.40 -50.59
N ILE C 884 19.56 -7.31 -50.93
CA ILE C 884 19.87 -8.72 -51.07
C ILE C 884 19.11 -9.27 -52.25
N VAL C 885 19.80 -9.88 -53.21
CA VAL C 885 19.14 -10.62 -54.27
C VAL C 885 19.46 -12.11 -54.08
N PRO C 886 18.46 -12.95 -53.89
CA PRO C 886 18.72 -14.38 -53.68
C PRO C 886 19.09 -15.05 -54.98
N LEU C 887 19.76 -16.20 -54.86
CA LEU C 887 20.21 -16.93 -56.02
C LEU C 887 19.62 -18.33 -56.10
N GLU C 888 19.63 -19.06 -54.98
CA GLU C 888 19.10 -20.42 -54.96
C GLU C 888 17.78 -20.46 -54.20
N GLN C 889 16.88 -21.31 -54.67
CA GLN C 889 15.56 -21.46 -54.07
C GLN C 889 15.65 -22.23 -52.76
N GLY C 890 14.56 -22.17 -51.99
CA GLY C 890 14.47 -22.94 -50.76
C GLY C 890 14.23 -22.12 -49.51
N LEU C 891 15.13 -22.24 -48.55
CA LEU C 891 15.04 -21.55 -47.25
C LEU C 891 16.46 -21.30 -46.77
N HIS C 892 16.87 -20.04 -46.73
CA HIS C 892 18.24 -19.69 -46.37
C HIS C 892 18.26 -18.66 -45.24
N ASP C 893 19.39 -18.61 -44.56
CA ASP C 893 19.55 -17.79 -43.36
C ASP C 893 19.97 -16.38 -43.72
N VAL C 894 19.40 -15.41 -43.01
CA VAL C 894 19.83 -14.03 -43.11
C VAL C 894 20.32 -13.58 -41.74
N GLU C 895 21.62 -13.69 -41.52
CA GLU C 895 22.14 -13.47 -40.17
C GLU C 895 22.78 -12.09 -40.05
N ILE C 896 22.38 -11.36 -39.01
CA ILE C 896 22.81 -9.99 -38.78
C ILE C 896 23.31 -9.89 -37.35
N LYS C 897 24.53 -9.41 -37.16
CA LYS C 897 25.14 -9.31 -35.84
C LYS C 897 25.53 -7.86 -35.56
N ALA C 898 25.20 -7.37 -34.38
CA ALA C 898 25.46 -5.98 -34.02
C ALA C 898 25.83 -5.88 -32.55
N SER C 899 26.82 -5.03 -32.26
CA SER C 899 27.38 -4.93 -30.92
C SER C 899 27.74 -3.49 -30.64
N VAL C 900 27.57 -3.07 -29.38
CA VAL C 900 27.81 -1.67 -29.01
C VAL C 900 29.28 -1.48 -28.66
N GLN C 901 29.85 -0.37 -29.11
CA GLN C 901 31.24 -0.04 -28.83
C GLN C 901 31.43 0.25 -27.34
N GLU C 902 32.38 -0.47 -26.74
CA GLU C 902 32.85 -0.25 -25.37
C GLU C 902 31.72 -0.38 -24.36
N ALA C 903 30.86 -1.35 -24.59
CA ALA C 903 29.74 -1.64 -23.70
C ALA C 903 29.51 -3.14 -23.72
N LEU C 904 28.36 -3.56 -23.19
CA LEU C 904 28.10 -4.97 -22.94
C LEU C 904 27.05 -5.53 -23.90
N TRP C 905 26.10 -4.71 -24.32
CA TRP C 905 24.95 -5.20 -25.08
C TRP C 905 25.36 -5.51 -26.51
N SER C 906 24.84 -6.63 -27.01
CA SER C 906 25.20 -7.14 -28.31
C SER C 906 24.20 -8.21 -28.77
N ASP C 907 23.49 -7.97 -29.86
CA ASP C 907 22.46 -8.88 -30.33
C ASP C 907 22.77 -9.34 -31.74
N GLY C 908 22.60 -10.63 -31.99
CA GLY C 908 22.65 -11.19 -33.34
C GLY C 908 21.37 -11.95 -33.60
N VAL C 909 20.89 -11.89 -34.85
CA VAL C 909 19.61 -12.49 -35.23
C VAL C 909 19.82 -13.30 -36.50
N ARG C 910 19.45 -14.58 -36.46
CA ARG C 910 19.41 -15.42 -37.65
C ARG C 910 17.96 -15.77 -37.92
N LYS C 911 17.45 -15.35 -39.07
CA LYS C 911 16.11 -15.67 -39.51
C LYS C 911 16.17 -16.31 -40.89
N LYS C 912 15.26 -17.26 -41.13
CA LYS C 912 15.21 -17.92 -42.42
C LYS C 912 14.39 -17.12 -43.40
N LEU C 913 14.74 -17.24 -44.68
CA LEU C 913 14.09 -16.50 -45.75
C LEU C 913 13.55 -17.46 -46.80
N LYS C 914 12.28 -17.26 -47.15
CA LYS C 914 11.58 -18.14 -48.10
C LYS C 914 11.79 -17.58 -49.49
N VAL C 915 12.51 -18.32 -50.32
CA VAL C 915 12.77 -17.93 -51.69
C VAL C 915 12.10 -18.96 -52.61
N VAL C 916 11.25 -18.48 -53.51
CA VAL C 916 10.48 -19.34 -54.41
C VAL C 916 10.77 -18.93 -55.84
N PRO C 917 10.68 -19.82 -56.82
CA PRO C 917 10.77 -19.43 -58.22
C PRO C 917 9.40 -19.23 -58.86
N GLU C 918 9.43 -18.60 -60.02
CA GLU C 918 8.24 -18.43 -60.84
C GLU C 918 8.59 -18.26 -62.31
N VAL C 1339 7.32 -6.46 -63.48
CA VAL C 1339 7.01 -5.88 -62.19
C VAL C 1339 6.75 -4.40 -62.43
N CYS C 1340 6.20 -3.72 -61.41
CA CYS C 1340 5.79 -2.32 -61.43
C CYS C 1340 4.77 -2.05 -62.54
N ASN C 1341 3.61 -2.67 -62.36
CA ASN C 1341 2.39 -2.12 -62.93
C ASN C 1341 1.83 -1.06 -61.99
N LYS C 1342 0.69 -0.50 -62.36
CA LYS C 1342 -0.15 0.41 -61.55
C LYS C 1342 0.53 1.73 -61.17
N PHE C 1343 1.79 1.95 -61.53
CA PHE C 1343 2.54 3.16 -61.23
C PHE C 1343 3.65 3.28 -62.24
N HIS C 1344 3.93 4.49 -62.70
CA HIS C 1344 5.14 4.79 -63.44
C HIS C 1344 6.08 5.48 -62.47
N LEU C 1345 7.16 4.79 -62.10
CA LEU C 1345 8.17 5.33 -61.21
C LEU C 1345 9.53 5.03 -61.80
N ASN C 1346 10.31 6.07 -62.03
CA ASN C 1346 11.73 5.92 -62.36
C ASN C 1346 12.50 6.94 -61.56
N VAL C 1347 13.53 6.47 -60.85
CA VAL C 1347 14.33 7.33 -59.99
C VAL C 1347 15.65 7.59 -60.68
N SER C 1348 16.10 8.84 -60.64
CA SER C 1348 17.43 9.18 -61.07
C SER C 1348 18.09 9.95 -59.95
N VAL C 1349 19.40 10.08 -60.02
CA VAL C 1349 20.15 10.87 -59.05
C VAL C 1349 21.30 11.54 -59.81
N GLU C 1350 21.41 12.86 -59.64
CA GLU C 1350 22.39 13.63 -60.38
C GLU C 1350 23.35 14.32 -59.42
N ASN C 1351 24.50 14.70 -59.94
CA ASN C 1351 25.55 15.28 -59.12
C ASN C 1351 25.26 16.76 -58.83
N ILE C 1352 26.09 17.35 -57.99
CA ILE C 1352 26.00 18.78 -57.69
C ILE C 1352 27.38 19.28 -57.31
N ALA C 1362 27.51 14.65 -51.54
CA ALA C 1362 26.24 15.35 -51.69
C ALA C 1362 25.84 15.41 -53.15
N LEU C 1363 24.63 14.96 -53.46
CA LEU C 1363 24.17 14.93 -54.84
C LEU C 1363 22.64 14.86 -54.84
N MET C 1364 22.01 15.58 -55.76
CA MET C 1364 20.57 15.81 -55.75
C MET C 1364 19.84 14.54 -56.16
N LEU C 1365 18.95 14.06 -55.28
CA LEU C 1365 18.13 12.89 -55.55
C LEU C 1365 16.75 13.35 -56.02
N LYS C 1366 16.30 12.81 -57.16
CA LYS C 1366 15.06 13.24 -57.78
C LYS C 1366 14.16 12.04 -58.02
N ILE C 1367 12.90 12.15 -57.60
CA ILE C 1367 11.91 11.09 -57.74
C ILE C 1367 10.73 11.64 -58.52
N CYS C 1368 10.26 10.89 -59.51
CA CYS C 1368 9.10 11.27 -60.30
C CYS C 1368 8.14 10.10 -60.37
N THR C 1369 6.84 10.40 -60.31
CA THR C 1369 5.84 9.35 -60.22
C THR C 1369 4.55 9.77 -60.92
N ARG C 1370 3.77 8.77 -61.33
CA ARG C 1370 2.51 8.98 -62.03
C ARG C 1370 1.66 7.72 -61.90
N TYR C 1371 0.38 7.91 -61.61
CA TYR C 1371 -0.52 6.79 -61.44
C TYR C 1371 -0.98 6.27 -62.79
N LEU C 1372 -1.16 4.94 -62.88
CA LEU C 1372 -1.56 4.30 -64.13
C LEU C 1372 -3.06 4.07 -64.24
N GLY C 1373 -3.86 4.96 -63.68
CA GLY C 1373 -5.31 4.82 -63.76
C GLY C 1373 -5.99 6.04 -64.36
N GLU C 1374 -7.27 6.20 -64.07
CA GLU C 1374 -8.05 7.32 -64.60
C GLU C 1374 -8.32 8.40 -63.56
N VAL C 1375 -8.31 8.05 -62.28
CA VAL C 1375 -8.57 8.98 -61.20
C VAL C 1375 -7.27 9.14 -60.42
N ASP C 1376 -7.05 10.35 -59.90
CA ASP C 1376 -5.96 10.62 -58.96
C ASP C 1376 -6.09 9.71 -57.76
N SER C 1377 -5.13 8.78 -57.60
CA SER C 1377 -5.21 7.82 -56.52
C SER C 1377 -4.99 8.49 -55.17
N THR C 1378 -5.71 8.01 -54.17
CA THR C 1378 -5.69 8.62 -52.86
C THR C 1378 -4.65 7.97 -51.96
N MET C 1379 -4.01 8.80 -51.14
CA MET C 1379 -3.10 8.39 -50.07
C MET C 1379 -1.92 7.57 -50.58
N THR C 1380 -1.06 8.22 -51.35
CA THR C 1380 0.14 7.59 -51.87
C THR C 1380 1.24 7.67 -50.82
N ILE C 1381 2.02 6.60 -50.72
CA ILE C 1381 3.13 6.52 -49.77
C ILE C 1381 4.41 6.37 -50.56
N ILE C 1382 5.35 7.28 -50.34
CA ILE C 1382 6.69 7.19 -50.92
C ILE C 1382 7.61 6.65 -49.84
N ASP C 1383 8.34 5.60 -50.16
CA ASP C 1383 9.17 4.87 -49.19
C ASP C 1383 10.60 4.88 -49.70
N ILE C 1384 11.40 5.82 -49.22
CA ILE C 1384 12.76 6.04 -49.72
C ILE C 1384 13.74 5.60 -48.66
N SER C 1385 14.69 4.74 -49.03
CA SER C 1385 15.76 4.32 -48.15
C SER C 1385 17.08 4.83 -48.69
N MET C 1386 17.91 5.38 -47.81
CA MET C 1386 19.12 6.06 -48.24
C MET C 1386 20.21 5.07 -48.63
N LEU C 1387 21.32 5.62 -49.11
CA LEU C 1387 22.53 4.86 -49.41
C LEU C 1387 23.30 4.65 -48.10
N THR C 1388 24.55 4.21 -48.18
CA THR C 1388 25.36 4.11 -46.98
C THR C 1388 25.87 5.49 -46.62
N GLY C 1389 25.51 5.96 -45.44
CA GLY C 1389 26.09 7.19 -44.92
C GLY C 1389 25.52 8.46 -45.47
N PHE C 1390 24.47 8.38 -46.28
CA PHE C 1390 23.81 9.55 -46.84
C PHE C 1390 22.61 9.93 -46.00
N LEU C 1391 22.46 11.21 -45.70
CA LEU C 1391 21.37 11.69 -44.89
C LEU C 1391 20.67 12.83 -45.62
N PRO C 1392 19.37 12.99 -45.43
CA PRO C 1392 18.65 14.06 -46.14
C PRO C 1392 19.00 15.43 -45.58
N ASP C 1393 18.96 16.43 -46.47
CA ASP C 1393 19.16 17.80 -46.04
C ASP C 1393 17.94 18.26 -45.26
N ALA C 1394 18.17 18.85 -44.10
CA ALA C 1394 17.07 19.24 -43.21
C ALA C 1394 16.34 20.49 -43.67
N GLU C 1395 16.91 21.25 -44.61
CA GLU C 1395 16.21 22.41 -45.14
C GLU C 1395 15.62 22.18 -46.53
N ASP C 1396 15.91 21.03 -47.15
CA ASP C 1396 15.23 20.65 -48.37
C ASP C 1396 14.02 19.77 -48.10
N LEU C 1397 14.13 18.88 -47.10
CA LEU C 1397 13.00 18.04 -46.73
C LEU C 1397 11.93 18.85 -46.02
N THR C 1398 12.32 19.90 -45.30
CA THR C 1398 11.37 20.85 -44.72
C THR C 1398 10.59 21.57 -45.80
N ARG C 1399 11.24 21.91 -46.90
CA ARG C 1399 10.57 22.50 -48.05
C ARG C 1399 9.60 21.53 -48.69
N LEU C 1400 9.90 20.22 -48.63
CA LEU C 1400 8.97 19.22 -49.13
C LEU C 1400 7.74 19.07 -48.26
N SER C 1401 7.87 19.29 -46.95
CA SER C 1401 6.76 19.10 -46.03
C SER C 1401 5.97 20.38 -45.76
N LYS C 1402 6.10 21.40 -46.60
CA LYS C 1402 5.29 22.59 -46.45
C LYS C 1402 3.86 22.30 -46.89
N GLY C 1403 2.93 22.35 -45.95
CA GLY C 1403 1.52 22.27 -46.26
C GLY C 1403 0.90 20.97 -45.80
N VAL C 1404 -0.32 20.73 -46.29
CA VAL C 1404 -1.03 19.47 -46.08
C VAL C 1404 -0.88 18.57 -47.29
N ASP C 1405 -0.37 19.11 -48.40
CA ASP C 1405 -0.19 18.32 -49.63
C ASP C 1405 0.85 17.22 -49.47
N ARG C 1406 1.87 17.43 -48.63
CA ARG C 1406 2.93 16.45 -48.40
C ARG C 1406 3.32 16.47 -46.93
N TYR C 1407 3.34 15.30 -46.30
CA TYR C 1407 3.50 15.18 -44.86
C TYR C 1407 4.59 14.16 -44.53
N ILE C 1408 5.61 14.61 -43.80
CA ILE C 1408 6.69 13.76 -43.29
C ILE C 1408 6.50 13.64 -41.79
N SER C 1409 6.95 12.53 -41.21
CA SER C 1409 6.84 12.30 -39.78
C SER C 1409 7.86 13.15 -39.02
N ARG C 1410 7.85 13.01 -37.71
CA ARG C 1410 8.81 13.72 -36.86
C ARG C 1410 10.21 13.17 -37.07
N TYR C 1411 11.14 14.05 -37.39
CA TYR C 1411 12.52 13.65 -37.60
C TYR C 1411 13.43 14.54 -36.78
N GLU C 1412 14.58 13.99 -36.39
CA GLU C 1412 15.56 14.74 -35.62
C GLU C 1412 16.56 15.42 -36.55
N VAL C 1413 17.07 16.56 -36.12
CA VAL C 1413 17.94 17.41 -36.92
C VAL C 1413 19.30 17.49 -36.25
N ASP C 1414 20.36 17.27 -37.03
CA ASP C 1414 21.72 17.45 -36.53
C ASP C 1414 22.64 17.70 -37.71
N ASN C 1415 23.43 18.78 -37.61
CA ASN C 1415 24.47 19.15 -38.58
C ASN C 1415 23.89 19.29 -39.99
N ASN C 1416 22.68 19.87 -40.05
CA ASN C 1416 21.89 20.06 -41.28
C ASN C 1416 21.60 18.74 -41.99
N MET C 1417 21.47 17.67 -41.21
CA MET C 1417 21.17 16.36 -41.77
C MET C 1417 19.99 15.77 -41.02
N ALA C 1418 19.04 15.20 -41.76
CA ALA C 1418 17.93 14.51 -41.14
C ALA C 1418 18.37 13.14 -40.66
N GLN C 1419 17.87 12.73 -39.49
CA GLN C 1419 18.32 11.49 -38.86
C GLN C 1419 17.46 10.30 -39.23
N LYS C 1420 16.90 10.30 -40.43
CA LYS C 1420 16.13 9.17 -40.95
C LYS C 1420 16.92 8.54 -42.08
N VAL C 1421 17.26 7.26 -41.93
CA VAL C 1421 17.85 6.52 -43.04
C VAL C 1421 16.77 6.13 -44.04
N ALA C 1422 15.69 5.54 -43.55
CA ALA C 1422 14.49 5.36 -44.34
C ALA C 1422 13.58 6.56 -44.09
N VAL C 1423 13.12 7.19 -45.15
CA VAL C 1423 12.28 8.38 -45.04
C VAL C 1423 10.98 8.12 -45.80
N ILE C 1424 9.86 8.52 -45.20
CA ILE C 1424 8.53 8.29 -45.74
C ILE C 1424 7.89 9.63 -46.08
N ILE C 1425 7.30 9.69 -47.27
CA ILE C 1425 6.58 10.87 -47.73
C ILE C 1425 5.13 10.46 -47.95
N TYR C 1426 4.24 10.99 -47.14
CA TYR C 1426 2.81 10.81 -47.34
C TYR C 1426 2.26 12.00 -48.12
N LEU C 1427 1.61 11.72 -49.23
CA LEU C 1427 0.94 12.74 -50.01
C LEU C 1427 -0.42 12.22 -50.41
N ASN C 1428 -1.41 13.12 -50.38
CA ASN C 1428 -2.81 12.73 -50.48
C ASN C 1428 -3.16 12.21 -51.87
N LYS C 1429 -2.64 12.84 -52.92
CA LYS C 1429 -3.01 12.42 -54.27
C LYS C 1429 -1.74 12.25 -55.10
N VAL C 1430 -1.88 11.46 -56.16
CA VAL C 1430 -0.87 11.36 -57.21
C VAL C 1430 -1.57 11.63 -58.54
N SER C 1431 -0.97 12.47 -59.37
CA SER C 1431 -1.60 12.79 -60.64
C SER C 1431 -1.42 11.63 -61.62
N HIS C 1432 -2.41 11.47 -62.49
CA HIS C 1432 -2.35 10.47 -63.54
C HIS C 1432 -2.14 11.07 -64.92
N SER C 1433 -2.20 12.40 -65.03
CA SER C 1433 -1.85 13.08 -66.27
C SER C 1433 -0.39 13.52 -66.27
N GLU C 1434 -0.01 14.34 -65.29
CA GLU C 1434 1.33 14.90 -65.22
C GLU C 1434 2.22 14.01 -64.37
N ASP C 1435 3.41 14.52 -64.02
CA ASP C 1435 4.35 13.84 -63.13
C ASP C 1435 4.55 14.70 -61.90
N GLU C 1436 4.06 14.23 -60.76
CA GLU C 1436 4.32 14.89 -59.48
C GLU C 1436 5.74 14.51 -59.06
N CYS C 1437 6.70 15.29 -59.53
CA CYS C 1437 8.07 15.05 -59.17
C CYS C 1437 8.42 15.73 -57.85
N LEU C 1438 9.53 15.31 -57.26
CA LEU C 1438 10.06 15.95 -56.07
C LEU C 1438 11.55 15.67 -56.04
N HIS C 1439 12.29 16.50 -55.29
CA HIS C 1439 13.73 16.40 -55.27
C HIS C 1439 14.28 16.98 -53.98
N PHE C 1440 15.32 16.34 -53.45
CA PHE C 1440 16.03 16.83 -52.28
C PHE C 1440 17.43 16.25 -52.28
N LYS C 1441 18.32 16.88 -51.52
CA LYS C 1441 19.73 16.54 -51.52
C LYS C 1441 20.05 15.57 -50.39
N ILE C 1442 20.99 14.67 -50.66
CA ILE C 1442 21.42 13.68 -49.68
C ILE C 1442 22.89 13.90 -49.31
N LEU C 1443 23.12 14.31 -48.07
CA LEU C 1443 24.44 14.74 -47.63
C LEU C 1443 25.26 13.62 -46.99
N LYS C 1444 26.19 13.03 -47.74
CA LYS C 1444 27.08 12.04 -47.14
C LYS C 1444 28.09 12.72 -46.23
N HIS C 1445 28.05 12.36 -44.94
CA HIS C 1445 29.06 12.87 -44.03
C HIS C 1445 30.18 11.85 -43.85
N PHE C 1446 29.88 10.63 -43.41
CA PHE C 1446 30.93 9.64 -43.22
C PHE C 1446 30.99 8.68 -44.40
N GLU C 1447 32.20 8.39 -44.85
CA GLU C 1447 32.45 7.63 -46.06
C GLU C 1447 32.88 6.22 -45.69
N VAL C 1448 32.20 5.23 -46.25
CA VAL C 1448 32.59 3.84 -46.12
C VAL C 1448 32.87 3.27 -47.49
N GLY C 1449 33.62 2.17 -47.53
CA GLY C 1449 33.84 1.47 -48.77
C GLY C 1449 32.61 0.68 -49.19
N PHE C 1450 32.46 0.50 -50.49
CA PHE C 1450 31.35 -0.23 -51.11
C PHE C 1450 29.98 0.30 -50.74
N ILE C 1451 29.63 1.46 -51.30
CA ILE C 1451 28.29 2.02 -51.28
C ILE C 1451 27.26 0.97 -51.68
N GLN C 1452 26.14 0.95 -50.96
CA GLN C 1452 25.03 0.04 -51.19
C GLN C 1452 23.87 0.81 -51.81
N PRO C 1453 23.16 0.22 -52.78
CA PRO C 1453 22.06 0.93 -53.44
C PRO C 1453 20.92 1.27 -52.50
N GLY C 1454 20.34 2.45 -52.70
CA GLY C 1454 19.12 2.83 -52.04
C GLY C 1454 17.92 2.24 -52.75
N SER C 1455 16.73 2.66 -52.32
CA SER C 1455 15.51 2.18 -52.93
C SER C 1455 14.42 3.22 -52.74
N VAL C 1456 13.47 3.23 -53.67
CA VAL C 1456 12.29 4.08 -53.60
C VAL C 1456 11.09 3.20 -53.92
N LYS C 1457 10.15 3.12 -52.99
CA LYS C 1457 8.95 2.33 -53.16
C LYS C 1457 7.73 3.24 -53.23
N VAL C 1458 6.75 2.84 -54.04
CA VAL C 1458 5.48 3.55 -54.13
C VAL C 1458 4.37 2.52 -53.93
N TYR C 1459 3.33 2.93 -53.20
CA TYR C 1459 2.10 2.16 -53.03
C TYR C 1459 1.06 3.09 -52.43
N SER C 1460 -0.20 2.75 -52.63
CA SER C 1460 -1.31 3.55 -52.12
C SER C 1460 -2.19 2.68 -51.23
N TYR C 1461 -3.30 3.25 -50.78
CA TYR C 1461 -4.11 2.59 -49.77
C TYR C 1461 -4.88 1.41 -50.34
N TYR C 1462 -5.50 1.58 -51.51
CA TYR C 1462 -6.30 0.51 -52.08
C TYR C 1462 -5.44 -0.56 -52.76
N ASN C 1463 -4.16 -0.30 -52.94
CA ASN C 1463 -3.22 -1.32 -53.42
C ASN C 1463 -1.99 -1.31 -52.50
N LEU C 1464 -2.10 -2.04 -51.38
CA LEU C 1464 -0.93 -2.34 -50.56
C LEU C 1464 -0.22 -3.59 -51.03
N ASP C 1465 -0.79 -4.30 -52.00
CA ASP C 1465 -0.12 -5.39 -52.70
C ASP C 1465 0.62 -4.90 -53.94
N GLU C 1466 1.06 -3.65 -53.92
CA GLU C 1466 1.82 -3.06 -55.01
C GLU C 1466 3.29 -3.11 -54.64
N LYS C 1467 4.12 -3.54 -55.60
CA LYS C 1467 5.54 -3.76 -55.38
C LYS C 1467 6.38 -3.06 -56.44
N CYS C 1468 6.10 -1.78 -56.72
CA CYS C 1468 6.95 -1.03 -57.63
C CYS C 1468 8.11 -0.44 -56.84
N THR C 1469 9.27 -1.07 -56.96
CA THR C 1469 10.49 -0.58 -56.35
C THR C 1469 11.53 -0.34 -57.44
N LYS C 1470 12.30 0.72 -57.29
CA LYS C 1470 13.37 1.04 -58.21
C LYS C 1470 14.57 1.52 -57.41
N PHE C 1471 15.68 0.82 -57.54
CA PHE C 1471 16.89 1.13 -56.80
C PHE C 1471 17.69 2.21 -57.51
N TYR C 1472 18.43 2.98 -56.75
CA TYR C 1472 19.22 4.05 -57.32
C TYR C 1472 20.64 4.00 -56.78
N HIS C 1473 21.62 4.16 -57.67
CA HIS C 1473 23.01 4.08 -57.33
C HIS C 1473 23.64 5.33 -57.93
N PRO C 1474 24.56 6.00 -57.22
CA PRO C 1474 25.16 7.21 -57.78
C PRO C 1474 26.12 6.95 -58.93
N ASP C 1475 26.56 5.71 -59.14
CA ASP C 1475 27.44 5.37 -60.24
C ASP C 1475 26.77 4.53 -61.32
N LYS C 1476 25.99 3.52 -60.94
CA LYS C 1476 25.29 2.70 -61.91
C LYS C 1476 23.94 3.34 -62.24
N GLY C 1477 23.46 3.07 -63.44
CA GLY C 1477 22.18 3.60 -63.86
C GLY C 1477 21.00 2.92 -63.20
N THR C 1478 20.87 1.61 -63.41
CA THR C 1478 19.67 0.91 -62.95
C THR C 1478 19.67 0.66 -61.44
N GLY C 1479 20.80 0.83 -60.77
CA GLY C 1479 20.86 0.67 -59.33
C GLY C 1479 20.99 -0.76 -58.85
N LEU C 1480 20.84 -1.74 -59.72
CA LEU C 1480 21.02 -3.14 -59.34
C LEU C 1480 22.48 -3.41 -59.11
N LEU C 1481 22.82 -4.12 -58.03
CA LEU C 1481 24.19 -4.52 -57.82
C LEU C 1481 24.58 -5.60 -58.81
N ASN C 1482 25.88 -5.70 -59.07
CA ASN C 1482 26.40 -6.42 -60.21
C ASN C 1482 26.24 -7.92 -60.05
N LYS C 1483 25.61 -8.54 -61.05
CA LYS C 1483 25.51 -9.99 -61.11
C LYS C 1483 25.59 -10.41 -62.57
N ILE C 1484 26.29 -11.52 -62.80
CA ILE C 1484 26.47 -12.08 -64.14
C ILE C 1484 25.51 -13.26 -64.28
N CYS C 1485 24.49 -13.10 -65.11
CA CYS C 1485 23.31 -13.93 -65.02
C CYS C 1485 22.99 -14.51 -66.38
N ILE C 1486 22.92 -15.84 -66.46
CA ILE C 1486 22.69 -16.54 -67.72
C ILE C 1486 21.35 -17.23 -67.62
N GLY C 1487 20.30 -16.55 -68.07
CA GLY C 1487 18.96 -17.12 -68.10
C GLY C 1487 18.36 -17.34 -66.73
N ASN C 1488 18.08 -18.61 -66.41
CA ASN C 1488 17.44 -18.97 -65.15
C ASN C 1488 18.41 -18.91 -63.96
N VAL C 1489 19.54 -19.61 -64.05
CA VAL C 1489 20.48 -19.67 -62.94
C VAL C 1489 21.33 -18.40 -62.97
N CYS C 1490 21.84 -18.01 -61.81
CA CYS C 1490 22.49 -16.73 -61.66
C CYS C 1490 23.61 -16.83 -60.64
N ARG C 1491 24.53 -15.86 -60.67
CA ARG C 1491 25.69 -15.85 -59.78
C ARG C 1491 26.07 -14.42 -59.46
N CYS C 1492 26.96 -14.28 -58.48
CA CYS C 1492 27.43 -12.98 -58.00
C CYS C 1492 28.65 -12.52 -58.78
N ALA C 1493 28.61 -11.26 -59.24
CA ALA C 1493 29.75 -10.71 -59.97
C ALA C 1493 30.78 -10.11 -59.02
N GLY C 1494 30.34 -9.26 -58.10
CA GLY C 1494 31.24 -8.60 -57.18
C GLY C 1494 31.39 -7.11 -57.49
#